data_2CH1
#
_entry.id   2CH1
#
_cell.length_a   87.434
_cell.length_b   84.167
_cell.length_c   118.793
_cell.angle_alpha   90.00
_cell.angle_beta   99.86
_cell.angle_gamma   90.00
#
_symmetry.space_group_name_H-M   'P 1 21 1'
#
loop_
_entity.id
_entity.type
_entity.pdbx_description
1 polymer '3-HYDROXYKYNURENINE TRANSAMINASE'
2 non-polymer "PYRIDOXAL-5'-PHOSPHATE"
3 non-polymer GLYCEROL
4 water water
#
_entity_poly.entity_id   1
_entity_poly.type   'polypeptide(L)'
_entity_poly.pdbx_seq_one_letter_code
;MKFTPPPASLRNPLIIPEKIMMGPGPSNCSKRVLTAMTNTVLSNFHAELFRTMDEVKDGLRYIFQTENRATMCVSGSAHA
GMEAMLSNLLEEGDRVLIAVNGIWAERAVEMSERYGADVRTIEGPPDRPFSLETLARAIELHQPKCLFLTHGDSSSGLLQ
PLEGVGQICHQHDCLLIVDAVASLCGVPFYMDKWEIDAVYTGAQKVLGAPPGITPISISPKALDVIRNRRTKSKVFYWDL
LLLGNYWGCYDEPKRYHHTVASNLIFALREALAQIAEEGLENQIKRRIECAQILYEGLGKMGLDIFVKDPRHRLPTVTGI
MIPKGVDWWKVSQYAMNNFSLEVQGGLGPTFGKAWRVGIMGECSTVQKIQFYLYGFKESLKATHPDYIFEESNGFH
;
_entity_poly.pdbx_strand_id   A,B,C,D
#
loop_
_chem_comp.id
_chem_comp.type
_chem_comp.name
_chem_comp.formula
GOL non-polymer GLYCEROL 'C3 H8 O3'
PLP non-polymer PYRIDOXAL-5'-PHOSPHATE 'C8 H10 N O6 P'
#
# COMPACT_ATOMS: atom_id res chain seq x y z
N LYS A 2 3.16 -26.70 -42.01
CA LYS A 2 4.31 -27.65 -41.81
C LYS A 2 5.59 -26.96 -41.32
N PHE A 3 6.36 -27.71 -40.54
CA PHE A 3 7.52 -27.17 -39.86
C PHE A 3 8.78 -27.90 -40.29
N THR A 4 9.88 -27.15 -40.44
CA THR A 4 11.18 -27.78 -40.61
C THR A 4 11.40 -28.77 -39.46
N PRO A 5 11.81 -30.01 -39.78
CA PRO A 5 11.77 -31.18 -38.85
C PRO A 5 12.57 -31.04 -37.55
N PRO A 6 12.16 -31.79 -36.50
CA PRO A 6 12.84 -31.83 -35.21
C PRO A 6 14.22 -32.44 -35.31
N PRO A 7 15.15 -32.02 -34.42
CA PRO A 7 16.53 -32.54 -34.45
C PRO A 7 16.63 -33.97 -33.89
N ALA A 8 17.48 -34.78 -34.49
CA ALA A 8 17.59 -36.19 -34.13
C ALA A 8 18.31 -36.36 -32.81
N SER A 9 19.19 -35.40 -32.51
CA SER A 9 19.89 -35.32 -31.23
C SER A 9 19.00 -35.37 -29.99
N LEU A 10 17.73 -35.01 -30.12
CA LEU A 10 16.77 -35.03 -29.01
C LEU A 10 16.05 -36.36 -28.85
N ARG A 11 16.36 -37.31 -29.73
CA ARG A 11 15.71 -38.62 -29.70
C ARG A 11 16.27 -39.59 -28.63
N ASN A 12 17.56 -39.45 -28.34
CA ASN A 12 18.24 -40.19 -27.30
C ASN A 12 17.91 -39.68 -25.88
N PRO A 13 17.81 -40.62 -24.91
CA PRO A 13 17.66 -40.21 -23.51
C PRO A 13 18.83 -39.38 -22.99
N LEU A 14 18.54 -38.53 -22.00
CA LEU A 14 19.52 -37.73 -21.31
C LEU A 14 20.26 -38.65 -20.34
N ILE A 15 21.58 -38.64 -20.42
CA ILE A 15 22.43 -39.45 -19.54
C ILE A 15 23.58 -38.61 -19.01
N ILE A 16 23.51 -38.33 -17.72
CA ILE A 16 24.52 -37.54 -17.07
C ILE A 16 25.20 -38.45 -16.05
N PRO A 17 26.53 -38.66 -16.22
CA PRO A 17 27.26 -39.52 -15.28
C PRO A 17 27.45 -38.91 -13.87
N GLU A 18 27.62 -39.75 -12.88
CA GLU A 18 28.08 -39.28 -11.57
C GLU A 18 29.54 -39.00 -11.63
N LYS A 19 29.94 -37.91 -11.00
CA LYS A 19 31.34 -37.49 -11.00
C LYS A 19 31.72 -37.07 -9.58
N ILE A 20 33.00 -37.21 -9.24
CA ILE A 20 33.46 -36.76 -7.91
C ILE A 20 34.01 -35.37 -8.09
N MET A 21 33.16 -34.41 -7.75
CA MET A 21 33.36 -33.01 -8.15
C MET A 21 34.27 -32.25 -7.19
N MET A 22 35.57 -32.44 -7.41
CA MET A 22 36.57 -31.89 -6.51
C MET A 22 37.48 -30.84 -7.14
N GLY A 23 36.91 -30.06 -8.07
CA GLY A 23 37.52 -28.82 -8.53
C GLY A 23 36.98 -27.71 -7.66
N PRO A 24 37.29 -26.46 -8.00
CA PRO A 24 36.89 -25.32 -7.19
C PRO A 24 35.49 -24.83 -7.50
N GLY A 25 34.62 -25.74 -7.99
CA GLY A 25 33.25 -25.40 -8.37
C GLY A 25 32.93 -25.88 -9.77
N PRO A 26 31.72 -26.41 -9.96
CA PRO A 26 30.69 -26.66 -8.92
C PRO A 26 31.02 -27.89 -8.04
N SER A 27 30.52 -27.88 -6.82
CA SER A 27 30.65 -29.02 -5.92
C SER A 27 29.51 -30.03 -6.12
N ASN A 28 29.70 -31.23 -5.57
CA ASN A 28 28.62 -32.18 -5.41
C ASN A 28 27.55 -31.69 -4.43
N CYS A 29 26.31 -31.58 -4.90
CA CYS A 29 25.15 -31.42 -4.04
C CYS A 29 24.74 -32.78 -3.48
N SER A 30 24.16 -32.77 -2.28
CA SER A 30 23.60 -33.95 -1.68
C SER A 30 22.34 -34.36 -2.42
N LYS A 31 22.01 -35.65 -2.26
CA LYS A 31 20.74 -36.18 -2.69
C LYS A 31 19.54 -35.32 -2.22
N ARG A 32 19.51 -34.96 -0.94
CA ARG A 32 18.46 -34.11 -0.41
C ARG A 32 18.28 -32.78 -1.21
N VAL A 33 19.40 -32.10 -1.45
CA VAL A 33 19.43 -30.85 -2.13
C VAL A 33 19.01 -30.99 -3.61
N LEU A 34 19.57 -31.99 -4.29
CA LEU A 34 19.16 -32.37 -5.64
C LEU A 34 17.67 -32.70 -5.79
N THR A 35 17.13 -33.51 -4.89
CA THR A 35 15.74 -33.91 -5.07
C THR A 35 14.74 -32.80 -4.72
N ALA A 36 15.16 -31.79 -3.94
CA ALA A 36 14.34 -30.63 -3.62
C ALA A 36 13.93 -29.86 -4.88
N MET A 37 14.78 -29.90 -5.91
CA MET A 37 14.47 -29.21 -7.17
C MET A 37 13.25 -29.82 -7.84
N THR A 38 12.95 -31.01 -7.41
CA THR A 38 11.93 -31.85 -7.96
C THR A 38 10.53 -31.40 -7.58
N ASN A 39 10.40 -30.45 -6.66
CA ASN A 39 9.11 -29.98 -6.19
C ASN A 39 8.38 -29.14 -7.22
N THR A 40 7.06 -29.00 -7.01
CA THR A 40 6.22 -28.15 -7.87
C THR A 40 6.77 -26.72 -8.04
N VAL A 41 6.88 -26.29 -9.29
CA VAL A 41 7.18 -24.90 -9.60
C VAL A 41 6.00 -24.07 -9.13
N LEU A 42 6.26 -23.19 -8.15
CA LEU A 42 5.20 -22.42 -7.52
C LEU A 42 5.03 -21.07 -8.20
N SER A 43 3.83 -20.53 -8.06
CA SER A 43 3.53 -19.22 -8.62
C SER A 43 4.15 -18.15 -7.72
N ASN A 44 4.34 -16.95 -8.27
CA ASN A 44 5.11 -15.93 -7.57
C ASN A 44 4.56 -15.48 -6.22
N PHE A 45 3.24 -15.57 -6.06
CA PHE A 45 2.61 -15.13 -4.83
C PHE A 45 2.05 -16.24 -3.99
N HIS A 46 2.42 -17.50 -4.31
CA HIS A 46 2.07 -18.62 -3.45
C HIS A 46 2.74 -18.50 -2.11
N ALA A 47 1.94 -18.72 -1.07
CA ALA A 47 2.39 -18.70 0.33
C ALA A 47 3.61 -19.57 0.65
N GLU A 48 3.68 -20.75 0.04
CA GLU A 48 4.76 -21.72 0.36
C GLU A 48 6.06 -21.26 -0.29
N LEU A 49 5.95 -20.52 -1.39
CA LEU A 49 7.14 -19.90 -1.97
C LEU A 49 7.72 -18.83 -1.00
N PHE A 50 6.89 -17.87 -0.61
CA PHE A 50 7.28 -16.86 0.37
C PHE A 50 7.83 -17.46 1.67
N ARG A 51 7.21 -18.52 2.15
CA ARG A 51 7.67 -19.21 3.38
C ARG A 51 9.11 -19.75 3.21
N THR A 52 9.37 -20.36 2.06
CA THR A 52 10.67 -20.92 1.71
C THR A 52 11.68 -19.79 1.50
N MET A 53 11.25 -18.73 0.83
CA MET A 53 12.06 -17.54 0.69
C MET A 53 12.48 -16.94 2.03
N ASP A 54 11.55 -16.89 2.98
CA ASP A 54 11.90 -16.40 4.31
C ASP A 54 12.92 -17.28 5.04
N GLU A 55 12.73 -18.59 4.96
CA GLU A 55 13.68 -19.56 5.52
C GLU A 55 15.07 -19.37 4.89
N VAL A 56 15.08 -19.12 3.59
CA VAL A 56 16.35 -18.80 2.89
C VAL A 56 17.06 -17.56 3.46
N LYS A 57 16.32 -16.45 3.58
CA LYS A 57 16.82 -15.24 4.23
C LYS A 57 17.42 -15.52 5.62
N ASP A 58 16.70 -16.28 6.45
CA ASP A 58 17.18 -16.63 7.78
C ASP A 58 18.48 -17.42 7.71
N GLY A 59 18.51 -18.41 6.79
CA GLY A 59 19.71 -19.22 6.56
C GLY A 59 20.87 -18.40 6.03
N LEU A 60 20.55 -17.43 5.17
CA LEU A 60 21.51 -16.45 4.66
C LEU A 60 22.11 -15.55 5.77
N ARG A 61 21.25 -14.97 6.61
CA ARG A 61 21.77 -14.18 7.75
C ARG A 61 22.66 -15.04 8.63
N TYR A 62 22.30 -16.30 8.80
CA TYR A 62 23.15 -17.23 9.56
C TYR A 62 24.52 -17.42 8.91
N ILE A 63 24.58 -17.79 7.64
CA ILE A 63 25.90 -18.03 7.02
C ILE A 63 26.72 -16.76 6.75
N PHE A 64 26.07 -15.66 6.45
CA PHE A 64 26.75 -14.35 6.34
C PHE A 64 27.15 -13.76 7.72
N GLN A 65 26.48 -14.25 8.79
CA GLN A 65 26.55 -13.68 10.15
C GLN A 65 26.20 -12.18 10.19
N THR A 66 24.98 -11.87 9.80
CA THR A 66 24.49 -10.50 9.66
C THR A 66 23.03 -10.43 10.15
N GLU A 67 22.52 -9.22 10.36
CA GLU A 67 21.16 -9.05 10.76
C GLU A 67 20.51 -8.21 9.72
N ASN A 68 21.20 -8.05 8.60
CA ASN A 68 20.70 -7.25 7.51
C ASN A 68 19.32 -7.73 7.05
N ARG A 69 18.39 -6.79 6.95
CA ARG A 69 17.07 -7.07 6.49
C ARG A 69 17.11 -7.23 4.99
N ALA A 70 17.95 -6.41 4.34
CA ALA A 70 18.20 -6.53 2.90
C ALA A 70 19.18 -7.70 2.61
N THR A 71 18.72 -8.91 2.95
CA THR A 71 19.38 -10.15 2.64
C THR A 71 18.40 -10.89 1.75
N MET A 72 18.88 -11.38 0.59
CA MET A 72 17.98 -11.85 -0.49
C MET A 72 18.79 -12.61 -1.56
N CYS A 73 18.17 -12.96 -2.68
CA CYS A 73 18.93 -13.59 -3.75
C CYS A 73 18.78 -12.83 -5.05
N VAL A 74 19.86 -12.74 -5.78
CA VAL A 74 19.80 -12.36 -7.19
C VAL A 74 19.55 -13.61 -8.03
N SER A 75 18.72 -13.45 -9.06
CA SER A 75 18.35 -14.54 -9.97
C SER A 75 19.34 -14.71 -11.14
N GLY A 76 20.51 -15.25 -10.81
CA GLY A 76 21.63 -15.35 -11.74
C GLY A 76 22.73 -16.10 -11.05
N SER A 77 23.79 -16.44 -11.76
CA SER A 77 24.93 -17.08 -11.13
C SER A 77 25.77 -15.99 -10.42
N ALA A 78 26.84 -16.37 -9.73
CA ALA A 78 27.58 -15.41 -8.89
C ALA A 78 27.96 -14.10 -9.57
N HIS A 79 28.32 -14.16 -10.86
CA HIS A 79 28.60 -12.96 -11.67
C HIS A 79 27.46 -11.95 -11.55
N ALA A 80 26.21 -12.42 -11.58
CA ALA A 80 25.04 -11.52 -11.43
C ALA A 80 24.99 -10.77 -10.06
N GLY A 81 25.49 -11.42 -9.01
CA GLY A 81 25.67 -10.80 -7.72
C GLY A 81 26.71 -9.69 -7.75
N MET A 82 27.81 -9.90 -8.45
CA MET A 82 28.80 -8.85 -8.68
C MET A 82 28.16 -7.73 -9.53
N GLU A 83 27.48 -8.10 -10.60
CA GLU A 83 26.76 -7.14 -11.43
C GLU A 83 25.81 -6.30 -10.58
N ALA A 84 25.06 -6.96 -9.70
CA ALA A 84 24.06 -6.25 -8.87
C ALA A 84 24.71 -5.20 -7.95
N MET A 85 25.74 -5.62 -7.21
CA MET A 85 26.43 -4.71 -6.32
C MET A 85 26.93 -3.49 -7.08
N LEU A 86 27.55 -3.71 -8.24
CA LEU A 86 28.13 -2.61 -9.01
C LEU A 86 27.10 -1.69 -9.65
N SER A 87 26.06 -2.24 -10.27
CA SER A 87 25.04 -1.40 -10.88
C SER A 87 24.19 -0.61 -9.85
N ASN A 88 24.03 -1.16 -8.65
CA ASN A 88 23.19 -0.52 -7.66
C ASN A 88 23.94 0.54 -6.86
N LEU A 89 25.20 0.24 -6.53
CA LEU A 89 25.99 1.10 -5.68
C LEU A 89 26.79 2.19 -6.40
N LEU A 90 26.91 2.10 -7.71
CA LEU A 90 27.65 3.09 -8.49
C LEU A 90 26.78 3.84 -9.48
N GLU A 91 26.96 5.16 -9.56
CA GLU A 91 26.37 5.95 -10.63
C GLU A 91 27.46 6.33 -11.58
N GLU A 92 27.07 6.79 -12.76
CA GLU A 92 28.02 7.25 -13.78
C GLU A 92 28.98 8.29 -13.18
N GLY A 93 30.29 8.03 -13.27
CA GLY A 93 31.27 8.98 -12.75
C GLY A 93 31.78 8.68 -11.37
N ASP A 94 31.10 7.81 -10.61
CA ASP A 94 31.50 7.45 -9.25
C ASP A 94 32.82 6.68 -9.24
N ARG A 95 33.64 6.93 -8.23
CA ARG A 95 34.93 6.28 -8.10
C ARG A 95 34.80 4.99 -7.31
N VAL A 96 35.27 3.90 -7.92
CA VAL A 96 35.31 2.62 -7.29
C VAL A 96 36.77 2.18 -7.23
N LEU A 97 37.18 1.76 -6.06
CA LEU A 97 38.51 1.18 -5.90
C LEU A 97 38.41 -0.32 -5.93
N ILE A 98 39.20 -0.93 -6.80
CA ILE A 98 39.30 -2.36 -6.87
C ILE A 98 40.74 -2.79 -6.68
N ALA A 99 40.97 -3.61 -5.65
CA ALA A 99 42.25 -4.26 -5.45
C ALA A 99 42.33 -5.51 -6.32
N VAL A 100 43.28 -5.51 -7.27
CA VAL A 100 43.32 -6.52 -8.31
C VAL A 100 44.51 -7.44 -8.15
N ASN A 101 44.26 -8.69 -7.77
CA ASN A 101 45.28 -9.75 -7.82
C ASN A 101 44.68 -11.14 -8.15
N GLY A 102 43.59 -11.15 -8.90
CA GLY A 102 42.97 -12.39 -9.36
C GLY A 102 41.93 -12.10 -10.41
N ILE A 103 41.34 -13.14 -10.98
CA ILE A 103 40.42 -12.94 -12.07
C ILE A 103 39.07 -12.24 -11.71
N TRP A 104 38.63 -12.37 -10.46
CA TRP A 104 37.31 -11.92 -10.10
C TRP A 104 37.31 -10.41 -10.02
N ALA A 105 38.41 -9.87 -9.52
CA ALA A 105 38.60 -8.43 -9.48
C ALA A 105 38.70 -7.85 -10.89
N GLU A 106 39.33 -8.57 -11.80
CA GLU A 106 39.37 -8.19 -13.19
C GLU A 106 37.98 -8.12 -13.80
N ARG A 107 37.13 -9.10 -13.49
CA ARG A 107 35.72 -9.05 -13.85
C ARG A 107 35.00 -7.81 -13.27
N ALA A 108 35.29 -7.47 -12.02
CA ALA A 108 34.69 -6.29 -11.38
C ALA A 108 35.14 -5.01 -12.06
N VAL A 109 36.41 -4.95 -12.48
CA VAL A 109 36.91 -3.85 -13.29
C VAL A 109 36.09 -3.72 -14.59
N GLU A 110 35.93 -4.83 -15.29
CA GLU A 110 35.21 -4.86 -16.55
C GLU A 110 33.76 -4.36 -16.38
N MET A 111 33.10 -4.82 -15.32
CA MET A 111 31.70 -4.45 -15.06
C MET A 111 31.58 -2.98 -14.68
N SER A 112 32.48 -2.50 -13.85
CA SER A 112 32.44 -1.14 -13.37
C SER A 112 32.63 -0.19 -14.54
N GLU A 113 33.52 -0.57 -15.45
CA GLU A 113 33.74 0.21 -16.66
C GLU A 113 32.46 0.30 -17.47
N ARG A 114 31.83 -0.84 -17.71
CA ARG A 114 30.60 -0.92 -18.50
C ARG A 114 29.47 -0.09 -17.88
N TYR A 115 29.42 -0.03 -16.56
CA TYR A 115 28.44 0.77 -15.85
C TYR A 115 28.85 2.26 -15.75
N GLY A 116 29.99 2.62 -16.33
CA GLY A 116 30.40 4.03 -16.42
C GLY A 116 30.98 4.61 -15.14
N ALA A 117 31.49 3.76 -14.27
CA ALA A 117 32.22 4.21 -13.10
C ALA A 117 33.62 4.73 -13.49
N ASP A 118 34.25 5.47 -12.57
CA ASP A 118 35.64 5.87 -12.68
C ASP A 118 36.50 4.86 -11.90
N VAL A 119 37.08 3.91 -12.65
CA VAL A 119 37.71 2.77 -12.02
C VAL A 119 39.14 3.06 -11.58
N ARG A 120 39.37 2.93 -10.28
CA ARG A 120 40.67 3.03 -9.69
C ARG A 120 41.09 1.61 -9.28
N THR A 121 42.31 1.22 -9.66
CA THR A 121 42.79 -0.10 -9.31
C THR A 121 44.10 0.00 -8.57
N ILE A 122 44.42 -1.05 -7.83
CA ILE A 122 45.69 -1.18 -7.15
C ILE A 122 46.06 -2.65 -7.35
N GLU A 123 47.22 -2.90 -7.92
CA GLU A 123 47.72 -4.24 -8.21
C GLU A 123 48.46 -4.90 -7.05
N GLY A 124 48.45 -6.23 -7.05
CA GLY A 124 49.17 -7.02 -6.08
C GLY A 124 49.57 -8.35 -6.68
N PRO A 125 50.51 -9.06 -6.02
CA PRO A 125 50.84 -10.39 -6.52
C PRO A 125 49.65 -11.32 -6.30
N PRO A 126 49.45 -12.30 -7.20
CA PRO A 126 48.31 -13.21 -7.07
C PRO A 126 48.38 -14.15 -5.86
N ASP A 127 49.56 -14.23 -5.22
CA ASP A 127 49.81 -15.21 -4.16
C ASP A 127 50.07 -14.57 -2.79
N ARG A 128 49.83 -13.28 -2.69
CA ARG A 128 49.96 -12.56 -1.42
C ARG A 128 48.78 -11.57 -1.27
N PRO A 129 48.20 -11.51 -0.09
CA PRO A 129 47.09 -10.59 0.12
C PRO A 129 47.54 -9.13 0.17
N PHE A 130 46.56 -8.23 0.21
CA PHE A 130 46.80 -6.83 0.37
C PHE A 130 46.84 -6.54 1.86
N SER A 131 47.79 -5.71 2.28
CA SER A 131 47.91 -5.33 3.69
C SER A 131 46.90 -4.23 3.97
N LEU A 132 46.61 -4.01 5.24
CA LEU A 132 45.76 -2.92 5.65
C LEU A 132 46.36 -1.57 5.24
N GLU A 133 47.69 -1.50 5.26
CA GLU A 133 48.43 -0.28 4.93
C GLU A 133 48.25 0.06 3.47
N THR A 134 48.49 -0.93 2.61
CA THR A 134 48.27 -0.79 1.17
C THR A 134 46.83 -0.34 0.85
N LEU A 135 45.83 -0.98 1.46
CA LEU A 135 44.44 -0.63 1.22
C LEU A 135 44.09 0.75 1.77
N ALA A 136 44.55 1.06 2.99
CA ALA A 136 44.27 2.36 3.62
C ALA A 136 44.83 3.49 2.78
N ARG A 137 46.05 3.27 2.29
CA ARG A 137 46.75 4.21 1.43
C ARG A 137 45.99 4.48 0.14
N ALA A 138 45.61 3.41 -0.54
CA ALA A 138 44.79 3.46 -1.76
C ALA A 138 43.42 4.17 -1.59
N ILE A 139 42.76 3.90 -0.47
CA ILE A 139 41.49 4.55 -0.10
C ILE A 139 41.68 6.06 0.09
N GLU A 140 42.66 6.41 0.91
CA GLU A 140 43.06 7.81 1.11
C GLU A 140 43.33 8.53 -0.20
N LEU A 141 44.16 7.92 -1.04
CA LEU A 141 44.50 8.49 -2.33
C LEU A 141 43.27 8.76 -3.16
N HIS A 142 42.53 7.69 -3.49
CA HIS A 142 41.42 7.75 -4.46
C HIS A 142 40.04 8.18 -3.96
N GLN A 143 39.86 8.29 -2.64
CA GLN A 143 38.55 8.68 -2.10
C GLN A 143 37.35 7.98 -2.81
N PRO A 144 37.33 6.62 -2.83
CA PRO A 144 36.30 5.94 -3.59
C PRO A 144 34.95 5.90 -2.88
N LYS A 145 33.88 5.81 -3.68
CA LYS A 145 32.54 5.51 -3.16
C LYS A 145 32.50 4.07 -2.63
N CYS A 146 33.15 3.15 -3.33
CA CYS A 146 33.20 1.72 -2.94
C CYS A 146 34.59 1.14 -3.07
N LEU A 147 34.92 0.22 -2.17
CA LEU A 147 36.07 -0.67 -2.34
C LEU A 147 35.55 -2.09 -2.59
N PHE A 148 36.05 -2.71 -3.67
CA PHE A 148 35.78 -4.12 -3.96
C PHE A 148 36.95 -5.02 -3.56
N LEU A 149 36.67 -6.02 -2.71
CA LEU A 149 37.65 -7.07 -2.41
C LEU A 149 37.12 -8.49 -2.67
N THR A 150 37.97 -9.32 -3.26
CA THR A 150 37.77 -10.77 -3.30
C THR A 150 38.19 -11.33 -1.94
N HIS A 151 37.30 -12.08 -1.27
CA HIS A 151 37.67 -12.71 -0.01
C HIS A 151 38.52 -13.96 -0.25
N GLY A 152 37.90 -15.04 -0.71
CA GLY A 152 38.63 -16.24 -1.13
C GLY A 152 38.76 -16.24 -2.66
N ASP A 153 39.98 -16.36 -3.18
CA ASP A 153 40.15 -16.39 -4.62
C ASP A 153 40.28 -17.80 -5.18
N SER A 154 39.29 -18.20 -5.97
CA SER A 154 39.29 -19.55 -6.51
C SER A 154 40.24 -19.75 -7.69
N SER A 155 40.71 -18.65 -8.27
CA SER A 155 41.70 -18.76 -9.36
C SER A 155 43.14 -18.98 -8.82
N SER A 156 43.36 -18.65 -7.53
CA SER A 156 44.68 -18.75 -6.90
C SER A 156 44.75 -19.68 -5.69
N GLY A 157 43.73 -19.65 -4.84
CA GLY A 157 43.77 -20.34 -3.57
C GLY A 157 44.20 -19.39 -2.46
N LEU A 158 44.08 -18.10 -2.74
CA LEU A 158 44.46 -17.04 -1.82
C LEU A 158 43.30 -16.56 -0.97
N LEU A 159 43.57 -16.36 0.32
CA LEU A 159 42.57 -15.82 1.26
C LEU A 159 42.95 -14.43 1.72
N GLN A 160 42.08 -13.46 1.51
CA GLN A 160 42.32 -12.07 1.90
C GLN A 160 41.80 -11.74 3.31
N PRO A 161 42.70 -11.38 4.24
CA PRO A 161 42.23 -10.89 5.55
C PRO A 161 41.35 -9.65 5.44
N LEU A 162 40.23 -9.66 6.14
CA LEU A 162 39.24 -8.59 6.04
C LEU A 162 39.07 -7.76 7.30
N GLU A 163 39.58 -8.25 8.43
CA GLU A 163 39.53 -7.52 9.69
C GLU A 163 40.17 -6.13 9.53
N GLY A 164 39.43 -5.09 9.90
CA GLY A 164 39.94 -3.73 9.91
C GLY A 164 39.64 -2.92 8.68
N VAL A 165 39.39 -3.60 7.56
CA VAL A 165 39.11 -2.95 6.25
C VAL A 165 37.82 -2.11 6.23
N GLY A 166 36.74 -2.65 6.78
CA GLY A 166 35.47 -1.93 6.81
C GLY A 166 35.57 -0.63 7.58
N GLN A 167 36.17 -0.71 8.77
CA GLN A 167 36.46 0.43 9.62
C GLN A 167 37.15 1.57 8.88
N ILE A 168 38.21 1.24 8.13
CA ILE A 168 38.91 2.23 7.30
C ILE A 168 38.00 2.79 6.22
N CYS A 169 37.29 1.92 5.51
CA CYS A 169 36.35 2.40 4.48
C CYS A 169 35.35 3.39 5.06
N HIS A 170 34.88 3.10 6.28
CA HIS A 170 33.83 3.91 6.89
C HIS A 170 34.36 5.25 7.36
N GLN A 171 35.61 5.27 7.82
CA GLN A 171 36.30 6.53 8.13
C GLN A 171 36.33 7.47 6.93
N HIS A 172 36.28 6.90 5.73
CA HIS A 172 36.38 7.69 4.48
C HIS A 172 35.14 7.75 3.62
N ASP A 173 33.96 7.48 4.20
CA ASP A 173 32.71 7.47 3.43
C ASP A 173 32.72 6.50 2.27
N CYS A 174 33.37 5.37 2.48
CA CYS A 174 33.48 4.35 1.45
C CYS A 174 32.72 3.08 1.88
N LEU A 175 31.99 2.49 0.93
CA LEU A 175 31.33 1.19 1.13
C LEU A 175 32.31 0.06 0.91
N LEU A 176 32.26 -0.95 1.78
CA LEU A 176 33.04 -2.18 1.54
C LEU A 176 32.18 -3.29 0.88
N ILE A 177 32.54 -3.66 -0.34
CA ILE A 177 31.88 -4.76 -1.03
C ILE A 177 32.86 -5.94 -1.20
N VAL A 178 32.40 -7.11 -0.78
CA VAL A 178 33.21 -8.33 -0.65
C VAL A 178 32.58 -9.51 -1.40
N ASP A 179 33.43 -10.18 -2.17
CA ASP A 179 33.08 -11.35 -2.91
C ASP A 179 33.45 -12.52 -2.00
N ALA A 180 32.44 -13.13 -1.38
CA ALA A 180 32.66 -14.31 -0.54
C ALA A 180 32.23 -15.63 -1.20
N VAL A 181 32.27 -15.67 -2.53
CA VAL A 181 31.78 -16.83 -3.29
C VAL A 181 32.52 -18.13 -2.95
N ALA A 182 33.84 -18.05 -2.83
CA ALA A 182 34.62 -19.28 -2.62
C ALA A 182 34.98 -19.51 -1.15
N SER A 183 34.74 -18.51 -0.32
CA SER A 183 35.18 -18.57 1.08
C SER A 183 34.09 -18.95 2.05
N LEU A 184 32.87 -18.45 1.81
CA LEU A 184 31.80 -18.62 2.79
C LEU A 184 31.58 -20.09 3.18
N CYS A 185 31.46 -20.35 4.49
CA CYS A 185 31.24 -21.71 5.06
C CYS A 185 32.49 -22.55 4.99
N GLY A 186 33.55 -21.97 4.44
CA GLY A 186 34.86 -22.61 4.43
C GLY A 186 35.84 -22.05 5.44
N VAL A 187 35.66 -20.79 5.78
CA VAL A 187 36.48 -20.09 6.77
C VAL A 187 35.52 -19.18 7.56
N PRO A 188 35.94 -18.72 8.77
CA PRO A 188 35.07 -17.80 9.49
C PRO A 188 34.78 -16.57 8.66
N PHE A 189 33.57 -16.03 8.81
CA PHE A 189 33.19 -14.83 8.13
C PHE A 189 32.17 -14.16 9.01
N TYR A 190 32.31 -12.86 9.19
CA TYR A 190 31.36 -12.10 10.03
C TYR A 190 31.03 -10.81 9.38
N MET A 191 29.95 -10.78 8.60
CA MET A 191 29.66 -9.59 7.83
C MET A 191 29.59 -8.33 8.72
N ASP A 192 28.84 -8.42 9.82
CA ASP A 192 28.53 -7.24 10.65
C ASP A 192 29.71 -6.79 11.49
N LYS A 193 30.30 -7.74 12.22
CA LYS A 193 31.52 -7.50 12.97
C LYS A 193 32.62 -6.85 12.12
N TRP A 194 32.73 -7.24 10.84
CA TRP A 194 33.81 -6.77 9.98
C TRP A 194 33.42 -5.52 9.20
N GLU A 195 32.28 -4.94 9.56
CA GLU A 195 31.79 -3.68 8.96
C GLU A 195 31.78 -3.75 7.41
N ILE A 196 31.26 -4.87 6.88
CA ILE A 196 31.06 -5.08 5.44
C ILE A 196 29.65 -4.63 5.03
N ASP A 197 29.54 -3.90 3.93
CA ASP A 197 28.26 -3.33 3.47
C ASP A 197 27.56 -4.13 2.36
N ALA A 198 28.30 -4.97 1.65
CA ALA A 198 27.73 -5.69 0.49
C ALA A 198 28.50 -6.95 0.30
N VAL A 199 27.80 -8.07 0.28
CA VAL A 199 28.44 -9.40 0.12
C VAL A 199 27.55 -10.31 -0.74
N TYR A 200 28.19 -11.26 -1.44
CA TYR A 200 27.47 -12.29 -2.16
C TYR A 200 28.29 -13.58 -2.07
N THR A 201 27.62 -14.74 -2.15
CA THR A 201 28.31 -16.01 -2.33
C THR A 201 27.79 -16.75 -3.56
N GLY A 202 28.38 -17.92 -3.80
CA GLY A 202 27.93 -18.85 -4.80
C GLY A 202 27.21 -20.04 -4.19
N ALA A 203 26.07 -20.35 -4.77
CA ALA A 203 25.35 -21.59 -4.48
C ALA A 203 26.22 -22.85 -4.68
N GLN A 204 26.91 -22.94 -5.82
CA GLN A 204 27.57 -24.19 -6.26
C GLN A 204 29.01 -24.35 -5.75
N LYS A 205 29.43 -23.47 -4.86
CA LYS A 205 30.74 -23.60 -4.25
C LYS A 205 30.60 -24.37 -2.92
N VAL A 206 31.04 -23.82 -1.79
CA VAL A 206 31.11 -24.57 -0.53
C VAL A 206 29.78 -25.16 -0.07
N LEU A 207 28.71 -24.38 -0.26
CA LEU A 207 27.31 -24.72 0.04
C LEU A 207 26.77 -26.04 -0.48
N GLY A 208 27.24 -26.50 -1.66
CA GLY A 208 26.67 -27.71 -2.30
C GLY A 208 25.21 -27.49 -2.69
N ALA A 209 24.93 -26.31 -3.25
CA ALA A 209 23.64 -26.05 -3.88
C ALA A 209 23.82 -25.92 -5.43
N PRO A 210 22.75 -26.14 -6.20
CA PRO A 210 22.88 -26.04 -7.66
C PRO A 210 23.04 -24.58 -8.10
N PRO A 211 23.84 -24.36 -9.17
CA PRO A 211 24.13 -22.99 -9.65
C PRO A 211 22.91 -22.27 -10.31
N GLY A 212 22.97 -20.95 -10.31
CA GLY A 212 21.98 -20.17 -11.00
C GLY A 212 21.27 -19.19 -10.11
N ILE A 213 21.50 -19.24 -8.81
CA ILE A 213 20.89 -18.29 -7.89
C ILE A 213 21.95 -17.83 -6.88
N THR A 214 21.96 -16.53 -6.59
CA THR A 214 23.08 -15.93 -5.84
C THR A 214 22.63 -15.22 -4.56
N PRO A 215 22.96 -15.81 -3.40
CA PRO A 215 22.70 -15.13 -2.12
C PRO A 215 23.48 -13.83 -1.96
N ILE A 216 22.79 -12.84 -1.41
CA ILE A 216 23.24 -11.47 -1.35
C ILE A 216 22.80 -10.82 -0.05
N SER A 217 23.61 -9.88 0.45
CA SER A 217 23.24 -9.06 1.62
C SER A 217 23.85 -7.66 1.50
N ILE A 218 23.04 -6.63 1.73
CA ILE A 218 23.57 -5.26 1.84
C ILE A 218 23.21 -4.62 3.19
N SER A 219 24.10 -3.78 3.70
CA SER A 219 23.93 -3.07 4.97
C SER A 219 22.92 -1.92 4.84
N PRO A 220 22.38 -1.44 5.99
CA PRO A 220 21.48 -0.25 5.94
C PRO A 220 22.17 0.95 5.29
N LYS A 221 23.48 1.09 5.51
CA LYS A 221 24.27 2.08 4.84
C LYS A 221 24.22 1.91 3.32
N ALA A 222 24.54 0.71 2.81
CA ALA A 222 24.52 0.46 1.37
C ALA A 222 23.13 0.64 0.82
N LEU A 223 22.12 0.22 1.58
CA LEU A 223 20.73 0.43 1.22
C LEU A 223 20.35 1.91 1.05
N ASP A 224 20.71 2.72 2.04
CA ASP A 224 20.45 4.15 2.02
C ASP A 224 21.17 4.83 0.85
N VAL A 225 22.42 4.43 0.57
CA VAL A 225 23.10 4.84 -0.67
C VAL A 225 22.27 4.59 -1.92
N ILE A 226 21.68 3.40 -2.03
CA ILE A 226 20.86 3.07 -3.19
C ILE A 226 19.58 3.92 -3.20
N ARG A 227 18.91 4.04 -2.06
CA ARG A 227 17.69 4.89 -2.01
C ARG A 227 17.96 6.34 -2.45
N ASN A 228 19.18 6.83 -2.21
CA ASN A 228 19.50 8.20 -2.51
C ASN A 228 20.17 8.49 -3.83
N ARG A 229 20.31 7.49 -4.72
CA ARG A 229 20.91 7.80 -6.01
C ARG A 229 20.12 8.80 -6.85
N ARG A 230 20.85 9.56 -7.66
CA ARG A 230 20.36 10.60 -8.57
C ARG A 230 19.59 10.03 -9.76
N THR A 231 20.03 8.86 -10.22
CA THR A 231 19.55 8.22 -11.45
C THR A 231 19.17 6.79 -11.14
N LYS A 232 18.28 6.23 -11.95
CA LYS A 232 17.92 4.83 -11.84
C LYS A 232 19.14 3.97 -12.15
N SER A 233 19.28 2.85 -11.42
CA SER A 233 20.29 1.86 -11.79
C SER A 233 19.98 1.26 -13.18
N LYS A 234 21.03 0.87 -13.88
CA LYS A 234 20.88 0.45 -15.27
C LYS A 234 20.05 -0.84 -15.53
N VAL A 235 20.02 -1.73 -14.54
CA VAL A 235 19.42 -3.05 -14.72
C VAL A 235 18.23 -3.29 -13.83
N PHE A 236 17.04 -3.24 -14.43
CA PHE A 236 15.79 -3.46 -13.73
C PHE A 236 15.79 -4.83 -13.02
N TYR A 237 16.27 -5.85 -13.75
CA TYR A 237 16.30 -7.24 -13.32
C TYR A 237 16.99 -7.47 -11.96
N TRP A 238 18.04 -6.72 -11.67
CA TRP A 238 18.60 -6.75 -10.33
C TRP A 238 18.65 -5.40 -9.58
N ASP A 239 17.74 -4.50 -9.93
CA ASP A 239 17.48 -3.35 -9.11
C ASP A 239 17.10 -3.84 -7.73
N LEU A 240 17.95 -3.55 -6.76
CA LEU A 240 17.79 -4.09 -5.41
C LEU A 240 16.64 -3.49 -4.56
N LEU A 241 16.11 -2.33 -4.96
CA LEU A 241 14.91 -1.79 -4.31
C LEU A 241 13.70 -2.60 -4.72
N LEU A 242 13.67 -2.97 -6.00
CA LEU A 242 12.59 -3.79 -6.54
C LEU A 242 12.73 -5.26 -6.09
N LEU A 243 13.95 -5.78 -6.15
CA LEU A 243 14.14 -7.18 -5.84
C LEU A 243 13.95 -7.45 -4.35
N GLY A 244 14.52 -6.57 -3.53
CA GLY A 244 14.32 -6.62 -2.09
C GLY A 244 12.86 -6.45 -1.67
N ASN A 245 12.08 -5.70 -2.45
CA ASN A 245 10.65 -5.58 -2.19
C ASN A 245 9.95 -6.94 -2.33
N TYR A 246 10.18 -7.63 -3.46
CA TYR A 246 9.58 -8.94 -3.67
C TYR A 246 10.08 -9.97 -2.63
N TRP A 247 11.33 -9.83 -2.20
CA TRP A 247 11.85 -10.69 -1.13
C TRP A 247 11.38 -10.28 0.27
N GLY A 248 10.54 -9.25 0.34
CA GLY A 248 10.02 -8.78 1.62
C GLY A 248 11.13 -8.33 2.54
N CYS A 249 12.02 -7.50 2.02
CA CYS A 249 13.10 -6.98 2.84
C CYS A 249 12.73 -5.62 3.47
N TYR A 250 11.71 -4.99 2.91
CA TYR A 250 11.38 -3.63 3.25
C TYR A 250 9.99 -3.56 3.90
N ASP A 251 9.64 -2.39 4.45
CA ASP A 251 8.26 -2.14 4.96
C ASP A 251 7.35 -1.73 3.82
N GLU A 252 7.17 -2.65 2.89
CA GLU A 252 6.38 -2.40 1.70
C GLU A 252 5.68 -3.70 1.35
N PRO A 253 4.51 -3.58 0.74
CA PRO A 253 3.85 -4.77 0.23
C PRO A 253 4.61 -5.28 -1.00
N LYS A 254 4.66 -6.60 -1.15
CA LYS A 254 5.42 -7.26 -2.23
C LYS A 254 4.78 -7.01 -3.56
N ARG A 255 5.56 -6.53 -4.53
CA ARG A 255 5.09 -6.43 -5.92
C ARG A 255 5.80 -7.45 -6.83
N TYR A 256 5.09 -7.90 -7.86
CA TYR A 256 5.72 -8.73 -8.87
C TYR A 256 6.91 -8.05 -9.51
N HIS A 257 8.06 -8.71 -9.44
CA HIS A 257 9.26 -8.22 -10.08
C HIS A 257 9.67 -9.07 -11.29
N HIS A 258 9.94 -10.36 -11.05
CA HIS A 258 10.29 -11.32 -12.11
C HIS A 258 10.05 -12.69 -11.49
N THR A 259 9.90 -13.71 -12.32
CA THR A 259 9.68 -15.05 -11.82
C THR A 259 10.99 -15.63 -11.29
N VAL A 260 11.00 -15.97 -10.01
CA VAL A 260 12.20 -16.51 -9.39
C VAL A 260 12.26 -18.02 -9.68
N ALA A 261 13.45 -18.60 -9.54
CA ALA A 261 13.63 -20.00 -9.84
C ALA A 261 13.29 -20.81 -8.59
N SER A 262 12.00 -21.12 -8.47
CA SER A 262 11.43 -21.95 -7.36
C SER A 262 12.31 -23.14 -7.01
N ASN A 263 12.62 -23.91 -8.04
CA ASN A 263 13.37 -25.15 -7.90
C ASN A 263 14.75 -24.92 -7.34
N LEU A 264 15.40 -23.86 -7.79
CA LEU A 264 16.72 -23.46 -7.24
C LEU A 264 16.62 -22.96 -5.82
N ILE A 265 15.52 -22.26 -5.52
CA ILE A 265 15.21 -21.83 -4.14
C ILE A 265 15.01 -22.98 -3.18
N PHE A 266 14.23 -23.99 -3.59
CA PHE A 266 13.99 -25.18 -2.75
C PHE A 266 15.32 -25.84 -2.41
N ALA A 267 16.20 -25.88 -3.39
CA ALA A 267 17.49 -26.54 -3.26
C ALA A 267 18.43 -25.76 -2.31
N LEU A 268 18.52 -24.45 -2.52
CA LEU A 268 19.26 -23.56 -1.66
C LEU A 268 18.80 -23.66 -0.19
N ARG A 269 17.49 -23.62 0.00
CA ARG A 269 16.89 -23.79 1.32
C ARG A 269 17.42 -25.03 2.02
N GLU A 270 17.39 -26.15 1.30
CA GLU A 270 17.88 -27.43 1.81
C GLU A 270 19.40 -27.46 2.07
N ALA A 271 20.17 -26.75 1.24
CA ALA A 271 21.61 -26.60 1.46
C ALA A 271 21.84 -25.75 2.72
N LEU A 272 21.02 -24.73 2.90
CA LEU A 272 21.13 -23.91 4.11
C LEU A 272 20.75 -24.72 5.36
N ALA A 273 19.67 -25.49 5.29
CA ALA A 273 19.26 -26.38 6.40
C ALA A 273 20.36 -27.34 6.79
N GLN A 274 21.05 -27.91 5.80
CA GLN A 274 22.17 -28.83 6.07
C GLN A 274 23.29 -28.22 6.90
N ILE A 275 23.66 -26.98 6.56
CA ILE A 275 24.72 -26.31 7.28
C ILE A 275 24.25 -25.78 8.64
N ALA A 276 22.99 -25.32 8.70
CA ALA A 276 22.34 -25.00 9.97
C ALA A 276 22.34 -26.21 10.94
N GLU A 277 21.99 -27.40 10.45
CA GLU A 277 21.98 -28.63 11.27
C GLU A 277 23.34 -29.07 11.79
N GLU A 278 24.38 -28.88 10.99
CA GLU A 278 25.71 -29.25 11.42
C GLU A 278 26.34 -28.12 12.23
N GLY A 279 26.01 -26.89 11.85
CA GLY A 279 26.58 -25.69 12.40
C GLY A 279 27.81 -25.18 11.65
N LEU A 280 27.85 -23.85 11.46
CA LEU A 280 29.00 -23.18 10.86
C LEU A 280 30.37 -23.62 11.36
N GLU A 281 30.62 -23.44 12.67
CA GLU A 281 31.92 -23.77 13.29
C GLU A 281 32.43 -25.15 12.92
N ASN A 282 31.55 -26.16 13.04
CA ASN A 282 31.90 -27.53 12.70
C ASN A 282 32.23 -27.76 11.22
N GLN A 283 31.54 -27.05 10.34
CA GLN A 283 31.78 -27.19 8.91
C GLN A 283 33.13 -26.59 8.52
N ILE A 284 33.36 -25.37 9.00
CA ILE A 284 34.64 -24.68 8.87
C ILE A 284 35.80 -25.52 9.42
N LYS A 285 35.65 -26.11 10.62
CA LYS A 285 36.70 -26.99 11.17
C LYS A 285 36.91 -28.24 10.33
N ARG A 286 35.85 -28.80 9.77
CA ARG A 286 35.99 -29.98 8.93
C ARG A 286 36.77 -29.64 7.65
N ARG A 287 36.50 -28.48 7.10
CA ARG A 287 37.17 -28.06 5.88
C ARG A 287 38.63 -27.70 6.11
N ILE A 288 38.91 -27.06 7.24
CA ILE A 288 40.28 -26.79 7.65
C ILE A 288 41.09 -28.08 7.87
N GLU A 289 40.52 -29.12 8.51
CA GLU A 289 41.24 -30.40 8.67
C GLU A 289 41.54 -31.01 7.32
N CYS A 290 40.51 -31.04 6.46
CA CYS A 290 40.63 -31.60 5.11
C CYS A 290 41.74 -30.98 4.31
N ALA A 291 41.84 -29.65 4.38
CA ALA A 291 42.95 -28.93 3.77
C ALA A 291 44.31 -29.41 4.29
N GLN A 292 44.48 -29.46 5.62
CA GLN A 292 45.69 -30.06 6.23
C GLN A 292 46.03 -31.43 5.66
N ILE A 293 45.07 -32.35 5.64
CA ILE A 293 45.30 -33.68 5.05
C ILE A 293 45.79 -33.54 3.60
N LEU A 294 45.17 -32.63 2.84
CA LEU A 294 45.54 -32.35 1.46
C LEU A 294 46.98 -31.85 1.34
N TYR A 295 47.31 -30.83 2.15
CA TYR A 295 48.67 -30.26 2.18
C TYR A 295 49.74 -31.32 2.47
N GLU A 296 49.49 -32.16 3.48
CA GLU A 296 50.40 -33.23 3.87
C GLU A 296 50.63 -34.18 2.73
N GLY A 297 49.54 -34.65 2.13
CA GLY A 297 49.59 -35.60 1.02
C GLY A 297 50.31 -35.07 -0.20
N LEU A 298 50.13 -33.78 -0.48
CA LEU A 298 50.77 -33.13 -1.62
C LEU A 298 52.25 -32.97 -1.37
N GLY A 299 52.61 -32.62 -0.13
CA GLY A 299 54.00 -32.62 0.37
C GLY A 299 54.71 -33.93 0.11
N LYS A 300 54.09 -35.04 0.53
CA LYS A 300 54.67 -36.37 0.35
C LYS A 300 54.90 -36.73 -1.11
N MET A 301 54.18 -36.07 -2.02
CA MET A 301 54.31 -36.39 -3.43
C MET A 301 55.38 -35.52 -4.07
N GLY A 302 55.83 -34.52 -3.33
CA GLY A 302 56.83 -33.59 -3.80
C GLY A 302 56.24 -32.43 -4.59
N LEU A 303 54.97 -32.14 -4.33
CA LEU A 303 54.22 -31.17 -5.13
C LEU A 303 54.08 -29.84 -4.42
N ASP A 304 54.23 -28.77 -5.20
CA ASP A 304 54.17 -27.42 -4.67
C ASP A 304 52.78 -26.80 -4.78
N ILE A 305 52.51 -25.86 -3.89
CA ILE A 305 51.23 -25.23 -3.75
C ILE A 305 51.40 -23.79 -4.19
N PHE A 306 50.51 -23.30 -5.06
CA PHE A 306 50.61 -21.98 -5.66
C PHE A 306 50.75 -20.87 -4.61
N VAL A 307 49.87 -20.88 -3.60
CA VAL A 307 50.05 -20.01 -2.44
C VAL A 307 50.96 -20.72 -1.44
N LYS A 308 52.19 -20.21 -1.32
CA LYS A 308 53.28 -20.88 -0.63
C LYS A 308 53.15 -20.79 0.88
N ASP A 309 52.87 -19.61 1.39
CA ASP A 309 52.70 -19.40 2.81
C ASP A 309 51.33 -19.93 3.23
N PRO A 310 51.31 -20.95 4.11
CA PRO A 310 50.09 -21.53 4.65
C PRO A 310 49.20 -20.52 5.35
N ARG A 311 49.79 -19.46 5.88
CA ARG A 311 49.05 -18.39 6.53
C ARG A 311 48.05 -17.71 5.57
N HIS A 312 48.33 -17.78 4.27
CA HIS A 312 47.58 -17.02 3.27
C HIS A 312 46.56 -17.83 2.45
N ARG A 313 46.49 -19.12 2.74
CA ARG A 313 45.75 -20.05 1.93
C ARG A 313 44.26 -20.07 2.22
N LEU A 314 43.46 -20.13 1.17
CA LEU A 314 42.03 -20.47 1.26
C LEU A 314 41.88 -21.99 1.30
N PRO A 315 41.35 -22.53 2.40
CA PRO A 315 41.24 -23.98 2.57
C PRO A 315 40.44 -24.69 1.45
N THR A 316 39.44 -24.00 0.91
CA THR A 316 38.50 -24.60 -0.03
C THR A 316 39.03 -24.73 -1.48
N VAL A 317 40.05 -23.97 -1.84
CA VAL A 317 40.69 -24.07 -3.16
C VAL A 317 42.20 -24.06 -3.02
N THR A 318 42.86 -25.06 -3.60
CA THR A 318 44.31 -25.17 -3.54
C THR A 318 44.85 -25.31 -4.96
N GLY A 319 45.83 -24.48 -5.30
CA GLY A 319 46.57 -24.67 -6.55
C GLY A 319 47.75 -25.63 -6.39
N ILE A 320 47.68 -26.72 -7.16
CA ILE A 320 48.78 -27.68 -7.28
C ILE A 320 49.63 -27.37 -8.51
N MET A 321 50.85 -26.87 -8.30
CA MET A 321 51.77 -26.54 -9.39
C MET A 321 52.10 -27.77 -10.23
N ILE A 322 51.99 -27.62 -11.55
CA ILE A 322 52.38 -28.66 -12.48
C ILE A 322 53.88 -28.77 -12.42
N PRO A 323 54.41 -30.00 -12.22
CA PRO A 323 55.87 -30.19 -12.33
C PRO A 323 56.36 -30.05 -13.77
N LYS A 324 57.64 -29.74 -13.93
CA LYS A 324 58.23 -29.44 -15.23
C LYS A 324 57.82 -30.33 -16.38
N GLY A 325 58.13 -31.62 -16.31
CA GLY A 325 57.89 -32.46 -17.48
C GLY A 325 56.42 -32.73 -17.82
N VAL A 326 55.49 -32.14 -17.07
CA VAL A 326 54.14 -32.72 -16.92
C VAL A 326 53.04 -32.06 -17.77
N ASP A 327 52.25 -32.91 -18.39
CA ASP A 327 51.08 -32.49 -19.17
C ASP A 327 49.88 -32.58 -18.25
N TRP A 328 49.43 -31.42 -17.75
CA TRP A 328 48.35 -31.34 -16.76
C TRP A 328 47.05 -32.01 -17.24
N TRP A 329 46.74 -31.83 -18.51
CA TRP A 329 45.52 -32.37 -19.05
C TRP A 329 45.49 -33.89 -19.22
N LYS A 330 46.65 -34.48 -19.49
CA LYS A 330 46.75 -35.91 -19.59
C LYS A 330 46.46 -36.54 -18.22
N VAL A 331 46.99 -35.93 -17.16
CA VAL A 331 46.70 -36.34 -15.80
C VAL A 331 45.19 -36.22 -15.54
N SER A 332 44.61 -35.02 -15.78
CA SER A 332 43.18 -34.78 -15.52
C SER A 332 42.25 -35.77 -16.21
N GLN A 333 42.50 -36.04 -17.50
CA GLN A 333 41.61 -36.90 -18.25
C GLN A 333 41.66 -38.33 -17.73
N TYR A 334 42.86 -38.80 -17.44
CA TYR A 334 43.06 -40.09 -16.82
C TYR A 334 42.27 -40.19 -15.51
N ALA A 335 42.35 -39.14 -14.69
CA ALA A 335 41.61 -39.07 -13.41
C ALA A 335 40.13 -39.25 -13.60
N MET A 336 39.55 -38.61 -14.63
CA MET A 336 38.12 -38.70 -14.90
C MET A 336 37.79 -40.07 -15.47
N ASN A 337 38.56 -40.51 -16.47
CA ASN A 337 38.28 -41.78 -17.17
C ASN A 337 38.42 -43.00 -16.25
N ASN A 338 39.28 -42.88 -15.25
CA ASN A 338 39.58 -44.01 -14.38
C ASN A 338 39.00 -43.91 -12.97
N PHE A 339 38.78 -42.68 -12.49
CA PHE A 339 38.27 -42.54 -11.14
C PHE A 339 37.00 -41.73 -11.02
N SER A 340 36.50 -41.23 -12.16
CA SER A 340 35.39 -40.26 -12.20
C SER A 340 35.74 -39.08 -11.32
N LEU A 341 37.02 -38.80 -11.27
CA LEU A 341 37.53 -37.76 -10.44
C LEU A 341 37.80 -36.49 -11.23
N GLU A 342 37.24 -35.40 -10.74
CA GLU A 342 37.40 -34.09 -11.34
C GLU A 342 38.67 -33.45 -10.85
N VAL A 343 39.69 -33.41 -11.71
CA VAL A 343 40.92 -32.68 -11.41
C VAL A 343 40.99 -31.45 -12.30
N GLN A 344 40.61 -30.31 -11.75
CA GLN A 344 40.42 -29.10 -12.53
C GLN A 344 41.76 -28.45 -12.85
N GLY A 345 41.86 -27.81 -14.01
CA GLY A 345 43.01 -26.98 -14.38
C GLY A 345 42.98 -25.61 -13.76
N GLY A 346 43.85 -24.72 -14.27
CA GLY A 346 44.06 -23.38 -13.71
C GLY A 346 43.15 -22.34 -14.31
N LEU A 347 43.17 -21.15 -13.73
CA LEU A 347 42.35 -20.03 -14.13
C LEU A 347 43.11 -18.77 -13.72
N GLY A 348 43.08 -17.75 -14.56
CA GLY A 348 43.74 -16.49 -14.26
C GLY A 348 45.17 -16.76 -13.86
N PRO A 349 45.57 -16.33 -12.65
CA PRO A 349 46.93 -16.49 -12.15
C PRO A 349 47.49 -17.91 -12.28
N THR A 350 46.62 -18.93 -12.28
CA THR A 350 47.07 -20.32 -12.29
C THR A 350 46.89 -21.00 -13.63
N PHE A 351 46.44 -20.24 -14.62
CA PHE A 351 46.29 -20.76 -15.96
C PHE A 351 47.59 -21.31 -16.54
N GLY A 352 47.59 -22.61 -16.87
CA GLY A 352 48.77 -23.31 -17.33
C GLY A 352 49.85 -23.60 -16.30
N LYS A 353 49.66 -23.13 -15.06
CA LYS A 353 50.64 -23.28 -14.00
C LYS A 353 50.29 -24.35 -12.96
N ALA A 354 48.99 -24.53 -12.68
CA ALA A 354 48.51 -25.38 -11.60
C ALA A 354 47.18 -26.07 -11.91
N TRP A 355 46.94 -27.22 -11.30
CA TRP A 355 45.58 -27.73 -11.12
C TRP A 355 44.92 -27.00 -9.93
N ARG A 356 43.59 -27.09 -9.82
CA ARG A 356 42.88 -26.52 -8.69
C ARG A 356 42.00 -27.57 -8.01
N VAL A 357 42.22 -27.79 -6.71
CA VAL A 357 41.40 -28.72 -5.91
C VAL A 357 40.49 -27.93 -5.03
N GLY A 358 39.21 -28.29 -5.08
CA GLY A 358 38.22 -27.69 -4.20
C GLY A 358 37.88 -28.63 -3.06
N ILE A 359 37.61 -28.06 -1.89
CA ILE A 359 37.05 -28.79 -0.76
C ILE A 359 35.73 -28.10 -0.46
N MET A 360 34.68 -28.61 -1.08
CA MET A 360 33.39 -27.93 -1.14
C MET A 360 32.28 -28.96 -1.22
N GLY A 361 31.07 -28.56 -0.79
CA GLY A 361 29.87 -29.37 -0.91
C GLY A 361 30.07 -30.72 -0.26
N GLU A 362 29.68 -31.78 -0.96
CA GLU A 362 29.66 -33.16 -0.43
C GLU A 362 31.01 -33.89 -0.40
N CYS A 363 32.05 -33.27 -0.92
CA CYS A 363 33.40 -33.84 -0.88
C CYS A 363 34.32 -33.21 0.20
N SER A 364 33.70 -32.56 1.18
CA SER A 364 34.44 -31.98 2.30
C SER A 364 34.63 -33.00 3.45
N THR A 365 35.07 -34.20 3.10
CA THR A 365 35.31 -35.22 4.09
C THR A 365 36.72 -35.76 3.92
N VAL A 366 37.25 -36.31 5.02
CA VAL A 366 38.58 -36.88 5.07
C VAL A 366 38.73 -37.97 4.03
N GLN A 367 37.70 -38.80 3.91
CA GLN A 367 37.71 -39.93 2.98
C GLN A 367 37.76 -39.48 1.52
N LYS A 368 37.05 -38.39 1.22
CA LYS A 368 37.05 -37.79 -0.09
C LYS A 368 38.43 -37.20 -0.45
N ILE A 369 38.97 -36.39 0.45
CA ILE A 369 40.35 -35.94 0.33
C ILE A 369 41.36 -37.08 0.13
N GLN A 370 41.23 -38.16 0.88
CA GLN A 370 42.14 -39.30 0.75
C GLN A 370 42.00 -39.95 -0.62
N PHE A 371 40.77 -40.11 -1.08
CA PHE A 371 40.53 -40.66 -2.39
C PHE A 371 41.12 -39.72 -3.47
N TYR A 372 40.96 -38.41 -3.29
CA TYR A 372 41.47 -37.47 -4.24
C TYR A 372 42.98 -37.68 -4.37
N LEU A 373 43.67 -37.69 -3.25
CA LEU A 373 45.11 -37.90 -3.20
C LEU A 373 45.51 -39.19 -3.90
N TYR A 374 44.81 -40.26 -3.58
CA TYR A 374 45.02 -41.55 -4.24
C TYR A 374 44.83 -41.47 -5.78
N GLY A 375 43.66 -41.00 -6.21
CA GLY A 375 43.32 -40.89 -7.63
C GLY A 375 44.25 -39.94 -8.34
N PHE A 376 44.57 -38.83 -7.71
CA PHE A 376 45.52 -37.92 -8.31
C PHE A 376 46.86 -38.60 -8.56
N LYS A 377 47.43 -39.18 -7.50
CA LYS A 377 48.71 -39.86 -7.58
C LYS A 377 48.74 -40.94 -8.66
N GLU A 378 47.77 -41.85 -8.63
CA GLU A 378 47.67 -42.91 -9.62
C GLU A 378 47.60 -42.35 -11.03
N SER A 379 46.95 -41.20 -11.17
CA SER A 379 46.80 -40.58 -12.46
C SER A 379 48.11 -39.94 -12.96
N LEU A 380 48.79 -39.19 -12.11
CA LEU A 380 50.13 -38.70 -12.41
C LEU A 380 51.07 -39.85 -12.76
N LYS A 381 50.98 -40.92 -11.98
CA LYS A 381 51.86 -42.07 -12.11
C LYS A 381 51.68 -42.78 -13.42
N ALA A 382 50.43 -43.14 -13.74
CA ALA A 382 50.17 -43.92 -14.95
C ALA A 382 50.44 -43.12 -16.21
N THR A 383 50.54 -41.81 -16.05
CA THR A 383 50.45 -40.90 -17.16
C THR A 383 51.84 -40.34 -17.45
N HIS A 384 52.65 -40.29 -16.40
CA HIS A 384 54.00 -39.79 -16.45
C HIS A 384 54.88 -40.71 -15.62
N PRO A 385 55.25 -41.88 -16.19
CA PRO A 385 55.99 -42.91 -15.46
C PRO A 385 57.36 -42.48 -14.91
N ASP A 386 57.91 -41.39 -15.44
CA ASP A 386 59.22 -40.93 -14.99
C ASP A 386 59.13 -39.92 -13.86
N TYR A 387 57.92 -39.51 -13.49
CA TYR A 387 57.80 -38.60 -12.36
C TYR A 387 58.29 -39.30 -11.08
N ILE A 388 59.01 -38.58 -10.23
CA ILE A 388 59.54 -39.13 -8.99
C ILE A 388 58.81 -38.57 -7.77
N PHE A 389 58.27 -39.46 -6.93
CA PHE A 389 57.57 -39.06 -5.71
C PHE A 389 58.47 -38.98 -4.45
N LYS B 2 2.11 -3.89 -3.17
CA LYS B 2 0.78 -4.59 -3.05
C LYS B 2 0.07 -4.39 -1.69
N PHE B 3 -1.25 -4.41 -1.73
CA PHE B 3 -2.04 -4.08 -0.56
C PHE B 3 -2.93 -5.26 -0.17
N THR B 4 -3.07 -5.50 1.15
CA THR B 4 -4.09 -6.43 1.64
C THR B 4 -5.46 -6.01 1.04
N PRO B 5 -6.17 -6.98 0.39
CA PRO B 5 -7.30 -6.75 -0.54
C PRO B 5 -8.49 -5.93 0.01
N PRO B 6 -9.24 -5.25 -0.88
CA PRO B 6 -10.43 -4.49 -0.51
C PRO B 6 -11.54 -5.38 -0.03
N PRO B 7 -12.44 -4.83 0.84
CA PRO B 7 -13.52 -5.64 1.41
C PRO B 7 -14.68 -5.85 0.41
N ALA B 8 -15.21 -7.07 0.43
CA ALA B 8 -16.30 -7.46 -0.47
C ALA B 8 -17.59 -6.69 -0.16
N SER B 9 -17.75 -6.35 1.13
CA SER B 9 -18.94 -5.63 1.64
C SER B 9 -19.20 -4.29 0.96
N LEU B 10 -18.16 -3.72 0.34
CA LEU B 10 -18.28 -2.46 -0.43
C LEU B 10 -18.63 -2.65 -1.90
N ARG B 11 -18.83 -3.91 -2.29
CA ARG B 11 -19.06 -4.21 -3.71
C ARG B 11 -20.51 -3.95 -4.10
N ASN B 12 -21.40 -4.16 -3.14
CA ASN B 12 -22.85 -3.94 -3.31
C ASN B 12 -23.17 -2.43 -3.32
N PRO B 13 -24.20 -2.02 -4.10
CA PRO B 13 -24.76 -0.67 -3.96
C PRO B 13 -25.33 -0.35 -2.57
N LEU B 14 -25.29 0.92 -2.21
CA LEU B 14 -25.86 1.39 -0.95
C LEU B 14 -27.38 1.47 -1.10
N ILE B 15 -28.13 0.79 -0.23
CA ILE B 15 -29.59 0.84 -0.28
C ILE B 15 -30.13 1.17 1.10
N ILE B 16 -30.74 2.35 1.22
CA ILE B 16 -31.30 2.78 2.49
C ILE B 16 -32.79 2.93 2.19
N PRO B 17 -33.65 2.18 2.94
CA PRO B 17 -35.09 2.27 2.75
C PRO B 17 -35.68 3.60 3.27
N GLU B 18 -36.85 3.95 2.75
CA GLU B 18 -37.63 5.03 3.35
C GLU B 18 -38.32 4.49 4.59
N LYS B 19 -38.44 5.36 5.59
CA LYS B 19 -39.03 4.99 6.85
C LYS B 19 -39.90 6.13 7.35
N ILE B 20 -40.96 5.81 8.10
CA ILE B 20 -41.73 6.83 8.73
C ILE B 20 -41.17 7.08 10.14
N MET B 21 -40.37 8.14 10.25
CA MET B 21 -39.55 8.38 11.39
C MET B 21 -40.26 9.18 12.45
N MET B 22 -41.08 8.45 13.20
CA MET B 22 -41.90 9.04 14.25
C MET B 22 -41.50 8.65 15.67
N GLY B 23 -40.20 8.40 15.88
CA GLY B 23 -39.61 8.37 17.21
C GLY B 23 -39.20 9.79 17.58
N PRO B 24 -38.56 9.95 18.74
CA PRO B 24 -38.18 11.26 19.24
C PRO B 24 -36.88 11.78 18.62
N GLY B 25 -36.52 11.31 17.44
CA GLY B 25 -35.30 11.76 16.77
C GLY B 25 -34.55 10.55 16.27
N PRO B 26 -33.99 10.62 15.05
CA PRO B 26 -34.10 11.74 14.13
C PRO B 26 -35.45 11.77 13.41
N SER B 27 -35.85 12.95 12.98
CA SER B 27 -37.08 13.15 12.22
C SER B 27 -36.84 13.01 10.72
N ASN B 28 -37.92 12.87 9.96
CA ASN B 28 -37.86 12.92 8.48
C ASN B 28 -37.56 14.32 7.99
N CYS B 29 -36.50 14.45 7.20
CA CYS B 29 -36.20 15.71 6.50
C CYS B 29 -37.03 15.78 5.22
N SER B 30 -37.42 16.99 4.83
CA SER B 30 -38.04 17.18 3.55
C SER B 30 -37.06 16.93 2.41
N LYS B 31 -37.64 16.66 1.26
CA LYS B 31 -36.90 16.55 0.03
C LYS B 31 -35.99 17.77 -0.21
N ARG B 32 -36.52 18.97 0.01
CA ARG B 32 -35.78 20.22 -0.14
C ARG B 32 -34.50 20.31 0.73
N VAL B 33 -34.64 19.90 1.99
CA VAL B 33 -33.53 19.85 2.96
C VAL B 33 -32.50 18.78 2.60
N LEU B 34 -32.98 17.60 2.20
CA LEU B 34 -32.14 16.50 1.81
C LEU B 34 -31.35 16.82 0.56
N THR B 35 -32.00 17.39 -0.45
CA THR B 35 -31.27 17.64 -1.68
C THR B 35 -30.27 18.80 -1.56
N ALA B 36 -30.47 19.66 -0.56
CA ALA B 36 -29.55 20.77 -0.29
C ALA B 36 -28.15 20.28 0.05
N MET B 37 -28.02 19.07 0.62
CA MET B 37 -26.72 18.49 0.99
C MET B 37 -25.91 18.16 -0.23
N THR B 38 -26.61 18.11 -1.34
CA THR B 38 -26.10 17.71 -2.62
C THR B 38 -25.30 18.81 -3.34
N ASN B 39 -25.28 20.01 -2.79
CA ASN B 39 -24.52 21.11 -3.36
C ASN B 39 -23.01 20.94 -3.15
N THR B 40 -22.21 21.63 -3.97
CA THR B 40 -20.73 21.66 -3.88
C THR B 40 -20.28 21.96 -2.46
N VAL B 41 -19.37 21.13 -1.95
CA VAL B 41 -18.62 21.40 -0.76
C VAL B 41 -17.75 22.63 -1.04
N LEU B 42 -17.93 23.68 -0.24
CA LEU B 42 -17.26 24.95 -0.45
C LEU B 42 -16.09 25.05 0.46
N SER B 43 -15.11 25.82 0.00
CA SER B 43 -13.92 26.15 0.76
C SER B 43 -14.27 27.13 1.86
N ASN B 44 -13.45 27.14 2.91
CA ASN B 44 -13.77 27.86 4.14
C ASN B 44 -13.99 29.35 4.00
N PHE B 45 -13.32 29.97 3.04
CA PHE B 45 -13.47 31.39 2.86
C PHE B 45 -14.22 31.79 1.62
N HIS B 46 -14.92 30.83 1.02
CA HIS B 46 -15.81 31.14 -0.11
C HIS B 46 -16.99 32.00 0.37
N ALA B 47 -17.28 33.01 -0.45
CA ALA B 47 -18.29 34.02 -0.20
C ALA B 47 -19.69 33.44 -0.01
N GLU B 48 -20.02 32.44 -0.81
CA GLU B 48 -21.31 31.75 -0.75
C GLU B 48 -21.46 30.93 0.52
N LEU B 49 -20.36 30.42 1.06
CA LEU B 49 -20.40 29.72 2.35
C LEU B 49 -20.70 30.71 3.50
N PHE B 50 -19.92 31.79 3.60
CA PHE B 50 -20.25 32.90 4.52
C PHE B 50 -21.70 33.45 4.39
N ARG B 51 -22.19 33.59 3.16
CA ARG B 51 -23.55 34.07 2.93
C ARG B 51 -24.63 33.15 3.54
N THR B 52 -24.48 31.84 3.33
CA THR B 52 -25.31 30.80 3.89
C THR B 52 -25.21 30.74 5.43
N MET B 53 -24.00 30.86 5.94
CA MET B 53 -23.77 30.90 7.37
C MET B 53 -24.50 32.07 8.04
N ASP B 54 -24.50 33.25 7.40
CA ASP B 54 -25.20 34.43 7.89
C ASP B 54 -26.70 34.24 7.87
N GLU B 55 -27.22 33.62 6.81
CA GLU B 55 -28.65 33.27 6.73
C GLU B 55 -29.03 32.30 7.88
N VAL B 56 -28.13 31.37 8.18
CA VAL B 56 -28.30 30.41 9.26
C VAL B 56 -28.37 31.14 10.61
N LYS B 57 -27.42 32.04 10.85
CA LYS B 57 -27.45 32.89 12.05
C LYS B 57 -28.77 33.65 12.21
N ASP B 58 -29.25 34.24 11.11
CA ASP B 58 -30.53 34.96 11.11
C ASP B 58 -31.67 34.01 11.44
N GLY B 59 -31.67 32.86 10.78
CA GLY B 59 -32.67 31.82 11.06
C GLY B 59 -32.63 31.33 12.50
N LEU B 60 -31.42 31.21 13.03
CA LEU B 60 -31.20 30.84 14.42
C LEU B 60 -31.70 31.87 15.43
N ARG B 61 -31.43 33.16 15.20
CA ARG B 61 -32.01 34.23 16.01
C ARG B 61 -33.51 34.21 16.00
N TYR B 62 -34.08 33.87 14.84
CA TYR B 62 -35.50 33.75 14.72
C TYR B 62 -36.10 32.61 15.56
N ILE B 63 -35.55 31.40 15.44
CA ILE B 63 -36.09 30.25 16.19
C ILE B 63 -35.74 30.26 17.70
N PHE B 64 -34.59 30.81 18.06
CA PHE B 64 -34.25 30.99 19.46
C PHE B 64 -34.96 32.20 20.07
N GLN B 65 -35.46 33.10 19.21
CA GLN B 65 -35.99 34.42 19.62
C GLN B 65 -34.98 35.23 20.45
N THR B 66 -33.86 35.53 19.82
CA THR B 66 -32.77 36.25 20.46
C THR B 66 -32.17 37.27 19.49
N GLU B 67 -31.47 38.27 20.03
CA GLU B 67 -30.68 39.18 19.18
C GLU B 67 -29.19 38.92 19.39
N ASN B 68 -28.86 37.84 20.08
CA ASN B 68 -27.47 37.52 20.34
C ASN B 68 -26.64 37.47 19.07
N ARG B 69 -25.50 38.13 19.14
CA ARG B 69 -24.57 38.20 18.02
C ARG B 69 -23.78 36.92 17.99
N ALA B 70 -23.49 36.39 19.18
CA ALA B 70 -22.83 35.11 19.34
C ALA B 70 -23.85 33.98 19.19
N THR B 71 -24.42 33.90 18.00
CA THR B 71 -25.31 32.85 17.57
C THR B 71 -24.58 32.14 16.45
N MET B 72 -24.41 30.84 16.54
CA MET B 72 -23.55 30.14 15.60
C MET B 72 -23.87 28.62 15.64
N CYS B 73 -23.00 27.81 15.05
CA CYS B 73 -23.15 26.37 15.19
C CYS B 73 -21.84 25.74 15.66
N VAL B 74 -22.01 24.72 16.49
CA VAL B 74 -20.96 23.76 16.82
C VAL B 74 -20.98 22.63 15.75
N SER B 75 -19.79 22.25 15.30
CA SER B 75 -19.63 21.18 14.32
C SER B 75 -19.62 19.80 14.99
N GLY B 76 -20.78 19.36 15.44
CA GLY B 76 -20.96 18.09 16.12
C GLY B 76 -22.46 17.90 16.32
N SER B 77 -22.85 16.73 16.83
CA SER B 77 -24.27 16.48 17.15
C SER B 77 -24.60 17.21 18.45
N ALA B 78 -25.82 17.12 18.93
CA ALA B 78 -26.28 17.93 20.07
C ALA B 78 -25.45 17.80 21.34
N HIS B 79 -24.89 16.60 21.58
CA HIS B 79 -23.91 16.39 22.68
C HIS B 79 -22.78 17.37 22.62
N ALA B 80 -22.29 17.67 21.42
CA ALA B 80 -21.20 18.63 21.24
C ALA B 80 -21.57 20.07 21.69
N GLY B 81 -22.86 20.42 21.51
CA GLY B 81 -23.40 21.67 22.01
C GLY B 81 -23.38 21.73 23.52
N MET B 82 -23.83 20.64 24.14
CA MET B 82 -23.70 20.49 25.59
C MET B 82 -22.24 20.60 26.02
N GLU B 83 -21.35 19.82 25.39
CA GLU B 83 -19.90 19.89 25.62
C GLU B 83 -19.37 21.33 25.53
N ALA B 84 -19.77 22.06 24.49
CA ALA B 84 -19.29 23.42 24.26
C ALA B 84 -19.67 24.38 25.39
N MET B 85 -20.93 24.37 25.81
CA MET B 85 -21.40 25.19 26.92
C MET B 85 -20.57 24.93 28.18
N LEU B 86 -20.41 23.66 28.52
CA LEU B 86 -19.74 23.28 29.76
C LEU B 86 -18.22 23.55 29.74
N SER B 87 -17.55 23.26 28.63
CA SER B 87 -16.13 23.53 28.57
C SER B 87 -15.78 25.01 28.49
N ASN B 88 -16.67 25.82 27.92
CA ASN B 88 -16.40 27.25 27.77
C ASN B 88 -16.76 28.05 29.01
N LEU B 89 -17.88 27.68 29.63
CA LEU B 89 -18.44 28.47 30.72
C LEU B 89 -17.93 28.10 32.09
N LEU B 90 -17.25 26.95 32.19
CA LEU B 90 -16.73 26.47 33.47
C LEU B 90 -15.21 26.33 33.46
N GLU B 91 -14.59 26.82 34.54
CA GLU B 91 -13.17 26.52 34.80
C GLU B 91 -13.06 25.42 35.86
N GLU B 92 -11.87 24.88 36.03
CA GLU B 92 -11.62 23.88 37.05
C GLU B 92 -11.99 24.43 38.44
N GLY B 93 -12.89 23.74 39.14
CA GLY B 93 -13.32 24.16 40.45
C GLY B 93 -14.60 24.96 40.52
N ASP B 94 -15.07 25.47 39.37
CA ASP B 94 -16.33 26.22 39.31
C ASP B 94 -17.53 25.34 39.65
N ARG B 95 -18.48 25.94 40.37
CA ARG B 95 -19.68 25.24 40.78
C ARG B 95 -20.73 25.36 39.68
N VAL B 96 -21.24 24.20 39.28
CA VAL B 96 -22.32 24.12 38.33
C VAL B 96 -23.47 23.40 39.00
N LEU B 97 -24.66 23.99 38.93
CA LEU B 97 -25.87 23.36 39.42
C LEU B 97 -26.64 22.72 38.28
N ILE B 98 -26.89 21.43 38.41
CA ILE B 98 -27.65 20.70 37.43
C ILE B 98 -28.88 20.09 38.08
N ALA B 99 -30.04 20.41 37.53
CA ALA B 99 -31.29 19.83 37.96
C ALA B 99 -31.48 18.54 37.18
N VAL B 100 -31.54 17.40 37.89
CA VAL B 100 -31.45 16.10 37.26
C VAL B 100 -32.74 15.35 37.42
N ASN B 101 -33.46 15.15 36.31
CA ASN B 101 -34.62 14.28 36.27
C ASN B 101 -34.81 13.63 34.91
N GLY B 102 -33.72 13.47 34.17
CA GLY B 102 -33.76 12.78 32.89
C GLY B 102 -32.36 12.51 32.43
N ILE B 103 -32.20 11.86 31.27
CA ILE B 103 -30.89 11.40 30.86
C ILE B 103 -29.90 12.49 30.43
N TRP B 104 -30.41 13.58 29.91
CA TRP B 104 -29.57 14.65 29.34
C TRP B 104 -28.87 15.39 30.42
N ALA B 105 -29.55 15.62 31.54
CA ALA B 105 -28.94 16.21 32.73
C ALA B 105 -27.86 15.29 33.32
N GLU B 106 -28.07 13.98 33.27
CA GLU B 106 -27.03 13.01 33.66
C GLU B 106 -25.80 13.11 32.78
N ARG B 107 -26.00 13.24 31.45
CA ARG B 107 -24.92 13.53 30.52
C ARG B 107 -24.18 14.80 30.86
N ALA B 108 -24.92 15.83 31.28
CA ALA B 108 -24.32 17.11 31.70
C ALA B 108 -23.45 16.97 32.97
N VAL B 109 -23.89 16.12 33.91
CA VAL B 109 -23.13 15.80 35.11
C VAL B 109 -21.82 15.12 34.72
N GLU B 110 -21.93 14.08 33.90
CA GLU B 110 -20.74 13.40 33.34
C GLU B 110 -19.73 14.33 32.69
N MET B 111 -20.21 15.28 31.88
CA MET B 111 -19.34 16.17 31.16
C MET B 111 -18.71 17.18 32.10
N SER B 112 -19.49 17.72 33.03
CA SER B 112 -18.96 18.74 33.94
C SER B 112 -17.87 18.13 34.82
N GLU B 113 -18.09 16.90 35.27
CA GLU B 113 -17.07 16.18 36.05
C GLU B 113 -15.77 16.05 35.26
N ARG B 114 -15.85 15.54 34.04
CA ARG B 114 -14.67 15.43 33.18
C ARG B 114 -13.96 16.74 32.96
N TYR B 115 -14.71 17.84 32.88
CA TYR B 115 -14.10 19.17 32.75
C TYR B 115 -13.61 19.76 34.08
N GLY B 116 -13.80 19.03 35.16
CA GLY B 116 -13.23 19.40 36.46
C GLY B 116 -14.01 20.44 37.21
N ALA B 117 -15.32 20.50 36.96
CA ALA B 117 -16.20 21.40 37.69
C ALA B 117 -16.59 20.75 39.03
N ASP B 118 -17.03 21.56 39.97
CA ASP B 118 -17.59 21.11 41.22
C ASP B 118 -19.11 20.95 41.04
N VAL B 119 -19.54 19.71 40.80
CA VAL B 119 -20.90 19.45 40.37
C VAL B 119 -21.92 19.37 41.49
N ARG B 120 -22.90 20.26 41.47
CA ARG B 120 -23.96 20.26 42.45
C ARG B 120 -25.23 19.82 41.74
N THR B 121 -25.93 18.84 42.29
CA THR B 121 -27.12 18.35 41.65
C THR B 121 -28.33 18.49 42.57
N ILE B 122 -29.49 18.50 41.96
CA ILE B 122 -30.74 18.47 42.67
C ILE B 122 -31.62 17.53 41.88
N GLU B 123 -32.10 16.47 42.53
CA GLU B 123 -32.93 15.44 41.91
C GLU B 123 -34.39 15.81 41.93
N GLY B 124 -35.13 15.23 40.99
CA GLY B 124 -36.57 15.37 40.91
C GLY B 124 -37.17 14.18 40.22
N PRO B 125 -38.49 14.02 40.31
CA PRO B 125 -39.11 12.91 39.58
C PRO B 125 -39.03 13.12 38.06
N PRO B 126 -38.88 12.01 37.30
CA PRO B 126 -38.75 12.17 35.86
C PRO B 126 -40.03 12.71 35.20
N ASP B 127 -41.14 12.69 35.92
CA ASP B 127 -42.44 13.00 35.32
C ASP B 127 -43.07 14.30 35.84
N ARG B 128 -42.32 15.04 36.62
CA ARG B 128 -42.75 16.32 37.16
C ARG B 128 -41.59 17.33 37.07
N PRO B 129 -41.90 18.57 36.65
CA PRO B 129 -40.89 19.60 36.54
C PRO B 129 -40.40 20.13 37.88
N PHE B 130 -39.34 20.91 37.84
CA PHE B 130 -38.85 21.56 39.01
C PHE B 130 -39.59 22.88 39.15
N SER B 131 -40.02 23.18 40.38
CA SER B 131 -40.69 24.43 40.69
C SER B 131 -39.68 25.56 40.76
N LEU B 132 -40.14 26.80 40.63
CA LEU B 132 -39.28 27.94 40.83
C LEU B 132 -38.67 27.95 42.23
N GLU B 133 -39.45 27.52 43.22
CA GLU B 133 -39.05 27.46 44.62
C GLU B 133 -37.89 26.50 44.81
N THR B 134 -38.07 25.29 44.30
CA THR B 134 -37.02 24.28 44.29
C THR B 134 -35.73 24.83 43.69
N LEU B 135 -35.83 25.47 42.52
CA LEU B 135 -34.64 25.96 41.83
C LEU B 135 -34.01 27.12 42.57
N ALA B 136 -34.82 28.07 43.01
CA ALA B 136 -34.33 29.25 43.74
C ALA B 136 -33.58 28.83 45.00
N ARG B 137 -34.16 27.87 45.71
CA ARG B 137 -33.60 27.31 46.93
C ARG B 137 -32.21 26.73 46.64
N ALA B 138 -32.16 25.85 45.64
CA ALA B 138 -30.93 25.23 45.18
C ALA B 138 -29.83 26.23 44.72
N ILE B 139 -30.24 27.29 44.04
CA ILE B 139 -29.33 28.35 43.59
C ILE B 139 -28.73 29.12 44.77
N GLU B 140 -29.62 29.56 45.66
CA GLU B 140 -29.24 30.16 46.94
C GLU B 140 -28.24 29.31 47.71
N LEU B 141 -28.58 28.04 47.92
CA LEU B 141 -27.71 27.12 48.65
C LEU B 141 -26.34 27.04 48.01
N HIS B 142 -26.27 26.58 46.76
CA HIS B 142 -25.00 26.26 46.08
C HIS B 142 -24.23 27.40 45.44
N GLN B 143 -24.85 28.57 45.27
CA GLN B 143 -24.19 29.73 44.64
C GLN B 143 -23.41 29.35 43.37
N PRO B 144 -24.09 28.71 42.38
CA PRO B 144 -23.36 28.17 41.22
C PRO B 144 -23.00 29.25 40.21
N LYS B 145 -21.95 29.00 39.44
CA LYS B 145 -21.59 29.83 38.29
C LYS B 145 -22.63 29.67 37.18
N CYS B 146 -23.12 28.44 37.01
CA CYS B 146 -24.10 28.08 35.97
C CYS B 146 -25.14 27.16 36.51
N LEU B 147 -26.38 27.35 36.04
CA LEU B 147 -27.46 26.38 36.17
C LEU B 147 -27.77 25.73 34.82
N PHE B 148 -27.87 24.40 34.80
CA PHE B 148 -28.24 23.67 33.60
C PHE B 148 -29.66 23.09 33.74
N LEU B 149 -30.53 23.43 32.78
CA LEU B 149 -31.86 22.86 32.70
C LEU B 149 -32.11 22.25 31.33
N THR B 150 -32.73 21.07 31.32
CA THR B 150 -33.33 20.48 30.13
C THR B 150 -34.72 21.11 29.96
N HIS B 151 -34.98 21.72 28.80
CA HIS B 151 -36.27 22.30 28.50
C HIS B 151 -37.28 21.19 28.21
N GLY B 152 -37.26 20.63 27.01
CA GLY B 152 -38.05 19.45 26.67
C GLY B 152 -37.21 18.18 26.81
N ASP B 153 -37.69 17.20 27.57
CA ASP B 153 -36.96 15.95 27.81
C ASP B 153 -37.45 14.84 26.92
N SER B 154 -36.64 14.46 25.96
CA SER B 154 -37.02 13.42 25.03
C SER B 154 -36.96 11.99 25.60
N SER B 155 -36.34 11.83 26.77
CA SER B 155 -36.34 10.51 27.45
C SER B 155 -37.64 10.28 28.23
N SER B 156 -38.33 11.36 28.62
CA SER B 156 -39.61 11.27 29.36
C SER B 156 -40.88 11.81 28.67
N GLY B 157 -40.72 12.91 27.91
CA GLY B 157 -41.85 13.64 27.35
C GLY B 157 -42.27 14.74 28.30
N LEU B 158 -41.34 15.13 29.15
CA LEU B 158 -41.55 16.20 30.13
C LEU B 158 -41.10 17.58 29.60
N LEU B 159 -41.93 18.59 29.84
CA LEU B 159 -41.60 19.99 29.55
C LEU B 159 -41.40 20.82 30.80
N GLN B 160 -40.23 21.45 30.90
CA GLN B 160 -39.86 22.28 32.02
C GLN B 160 -40.19 23.77 31.82
N PRO B 161 -41.12 24.32 32.63
CA PRO B 161 -41.35 25.78 32.63
C PRO B 161 -40.08 26.58 32.91
N LEU B 162 -39.85 27.61 32.11
CA LEU B 162 -38.61 28.36 32.17
C LEU B 162 -38.81 29.82 32.60
N GLU B 163 -40.03 30.32 32.51
CA GLU B 163 -40.33 31.69 32.97
C GLU B 163 -39.89 31.93 34.43
N GLY B 164 -39.09 32.98 34.65
CA GLY B 164 -38.67 33.34 35.97
C GLY B 164 -37.30 32.83 36.37
N VAL B 165 -36.86 31.72 35.75
CA VAL B 165 -35.61 31.06 36.13
C VAL B 165 -34.37 31.93 35.94
N GLY B 166 -34.30 32.58 34.78
CA GLY B 166 -33.16 33.41 34.44
C GLY B 166 -33.03 34.57 35.37
N GLN B 167 -34.15 35.22 35.68
CA GLN B 167 -34.18 36.33 36.63
C GLN B 167 -33.57 35.94 38.00
N ILE B 168 -33.92 34.75 38.49
CA ILE B 168 -33.36 34.24 39.73
C ILE B 168 -31.87 33.98 39.58
N CYS B 169 -31.47 33.34 38.47
CA CYS B 169 -30.05 33.10 38.22
C CYS B 169 -29.26 34.41 38.23
N HIS B 170 -29.82 35.45 37.61
CA HIS B 170 -29.12 36.73 37.47
C HIS B 170 -29.00 37.53 38.77
N GLN B 171 -30.01 37.42 39.63
CA GLN B 171 -29.96 37.89 41.02
C GLN B 171 -28.78 37.30 41.80
N HIS B 172 -28.33 36.11 41.41
CA HIS B 172 -27.24 35.42 42.11
C HIS B 172 -25.94 35.23 41.32
N ASP B 173 -25.70 36.07 40.31
CA ASP B 173 -24.50 35.96 39.47
C ASP B 173 -24.32 34.60 38.79
N CYS B 174 -25.44 34.00 38.41
CA CYS B 174 -25.44 32.69 37.80
C CYS B 174 -25.91 32.78 36.33
N LEU B 175 -25.22 32.07 35.45
CA LEU B 175 -25.66 31.88 34.07
C LEU B 175 -26.75 30.81 33.97
N LEU B 176 -27.78 31.06 33.17
CA LEU B 176 -28.75 30.03 32.82
C LEU B 176 -28.44 29.36 31.48
N ILE B 177 -28.08 28.08 31.53
CA ILE B 177 -27.87 27.31 30.31
C ILE B 177 -28.99 26.30 30.10
N VAL B 178 -29.57 26.30 28.89
CA VAL B 178 -30.76 25.55 28.57
C VAL B 178 -30.58 24.60 27.36
N ASP B 179 -30.99 23.35 27.54
CA ASP B 179 -31.01 22.37 26.48
C ASP B 179 -32.40 22.45 25.86
N ALA B 180 -32.50 23.01 24.65
CA ALA B 180 -33.77 23.07 23.91
C ALA B 180 -33.78 22.18 22.69
N VAL B 181 -33.03 21.08 22.76
CA VAL B 181 -32.92 20.14 21.65
C VAL B 181 -34.25 19.57 21.20
N ALA B 182 -35.09 19.14 22.15
CA ALA B 182 -36.34 18.48 21.80
C ALA B 182 -37.55 19.42 21.81
N SER B 183 -37.37 20.63 22.32
CA SER B 183 -38.50 21.54 22.49
C SER B 183 -38.60 22.61 21.41
N LEU B 184 -37.45 23.14 20.98
CA LEU B 184 -37.46 24.25 20.03
C LEU B 184 -38.30 24.01 18.79
N CYS B 185 -39.13 24.99 18.44
CA CYS B 185 -40.06 24.95 17.30
C CYS B 185 -41.27 24.05 17.52
N GLY B 186 -41.34 23.43 18.68
CA GLY B 186 -42.51 22.64 19.05
C GLY B 186 -43.39 23.31 20.09
N VAL B 187 -42.82 24.22 20.90
CA VAL B 187 -43.53 24.96 21.91
C VAL B 187 -42.93 26.36 21.87
N PRO B 188 -43.63 27.38 22.39
CA PRO B 188 -43.02 28.73 22.51
C PRO B 188 -41.68 28.75 23.24
N PHE B 189 -40.76 29.57 22.75
CA PHE B 189 -39.46 29.68 23.38
C PHE B 189 -38.96 31.10 23.12
N TYR B 190 -38.46 31.76 24.15
CA TYR B 190 -38.00 33.13 24.03
C TYR B 190 -36.73 33.32 24.79
N MET B 191 -35.61 33.19 24.10
CA MET B 191 -34.34 33.19 24.78
C MET B 191 -34.12 34.47 25.60
N ASP B 192 -34.29 35.60 24.94
CA ASP B 192 -34.03 36.90 25.56
C ASP B 192 -35.06 37.30 26.63
N LYS B 193 -36.35 37.20 26.30
CA LYS B 193 -37.40 37.44 27.27
C LYS B 193 -37.23 36.59 28.54
N TRP B 194 -36.77 35.33 28.39
CA TRP B 194 -36.63 34.44 29.53
C TRP B 194 -35.28 34.52 30.23
N GLU B 195 -34.43 35.42 29.74
CA GLU B 195 -33.17 35.74 30.40
C GLU B 195 -32.20 34.53 30.41
N ILE B 196 -32.25 33.78 29.31
CA ILE B 196 -31.40 32.63 29.10
C ILE B 196 -30.05 33.06 28.50
N ASP B 197 -28.96 32.56 29.09
CA ASP B 197 -27.60 32.92 28.68
C ASP B 197 -26.92 32.02 27.64
N ALA B 198 -27.41 30.78 27.51
CA ALA B 198 -26.80 29.78 26.66
C ALA B 198 -27.82 28.72 26.33
N VAL B 199 -28.03 28.50 25.04
CA VAL B 199 -28.97 27.51 24.56
C VAL B 199 -28.38 26.73 23.35
N TYR B 200 -28.88 25.53 23.11
CA TYR B 200 -28.56 24.80 21.88
C TYR B 200 -29.79 23.95 21.49
N THR B 201 -29.98 23.67 20.21
CA THR B 201 -30.97 22.67 19.78
C THR B 201 -30.32 21.58 18.94
N GLY B 202 -31.16 20.66 18.51
CA GLY B 202 -30.73 19.62 17.59
C GLY B 202 -31.27 19.81 16.21
N ALA B 203 -30.42 19.60 15.22
CA ALA B 203 -30.80 19.61 13.83
C ALA B 203 -31.90 18.58 13.50
N GLN B 204 -31.74 17.35 13.99
CA GLN B 204 -32.55 16.22 13.56
C GLN B 204 -33.80 16.00 14.40
N LYS B 205 -34.06 16.92 15.32
CA LYS B 205 -35.27 16.85 16.12
C LYS B 205 -36.42 17.56 15.43
N VAL B 206 -37.08 18.55 16.04
CA VAL B 206 -38.25 19.25 15.45
C VAL B 206 -38.00 19.88 14.07
N LEU B 207 -36.83 20.51 13.90
CA LEU B 207 -36.37 21.13 12.64
C LEU B 207 -36.45 20.31 11.35
N GLY B 208 -36.28 18.99 11.43
CA GLY B 208 -36.23 18.15 10.23
C GLY B 208 -35.01 18.42 9.37
N ALA B 209 -33.84 18.61 10.01
CA ALA B 209 -32.54 18.81 9.36
C ALA B 209 -31.67 17.61 9.69
N PRO B 210 -30.67 17.27 8.84
CA PRO B 210 -29.81 16.11 9.10
C PRO B 210 -28.87 16.34 10.28
N PRO B 211 -28.64 15.28 11.08
CA PRO B 211 -27.84 15.40 12.30
C PRO B 211 -26.38 15.74 12.00
N GLY B 212 -25.70 16.33 12.96
CA GLY B 212 -24.25 16.48 12.87
C GLY B 212 -23.75 17.90 13.04
N ILE B 213 -24.69 18.82 13.16
CA ILE B 213 -24.37 20.22 13.35
C ILE B 213 -25.34 20.82 14.38
N THR B 214 -24.85 21.64 15.28
CA THR B 214 -25.65 22.02 16.44
C THR B 214 -25.74 23.51 16.61
N PRO B 215 -26.95 24.07 16.33
CA PRO B 215 -27.21 25.49 16.53
C PRO B 215 -27.08 25.86 17.98
N ILE B 216 -26.44 27.01 18.21
CA ILE B 216 -26.06 27.50 19.52
C ILE B 216 -26.24 29.01 19.63
N SER B 217 -26.49 29.51 20.84
CA SER B 217 -26.52 30.95 21.11
C SER B 217 -26.14 31.24 22.57
N ILE B 218 -25.22 32.19 22.77
CA ILE B 218 -24.84 32.67 24.09
C ILE B 218 -25.06 34.20 24.19
N SER B 219 -25.42 34.64 25.38
CA SER B 219 -25.71 36.04 25.67
C SER B 219 -24.42 36.86 25.84
N PRO B 220 -24.52 38.20 25.75
CA PRO B 220 -23.33 39.02 26.04
C PRO B 220 -22.73 38.72 27.42
N LYS B 221 -23.59 38.34 28.36
CA LYS B 221 -23.13 38.01 29.71
C LYS B 221 -22.29 36.73 29.70
N ALA B 222 -22.82 35.69 29.06
CA ALA B 222 -22.08 34.44 28.88
C ALA B 222 -20.79 34.67 28.07
N LEU B 223 -20.87 35.48 27.03
CA LEU B 223 -19.70 35.83 26.23
C LEU B 223 -18.60 36.48 27.10
N ASP B 224 -18.99 37.46 27.91
CA ASP B 224 -18.05 38.19 28.75
C ASP B 224 -17.41 37.25 29.78
N VAL B 225 -18.20 36.33 30.33
CA VAL B 225 -17.67 35.29 31.20
C VAL B 225 -16.57 34.46 30.52
N ILE B 226 -16.77 34.06 29.26
CA ILE B 226 -15.74 33.33 28.53
C ILE B 226 -14.52 34.23 28.29
N ARG B 227 -14.72 35.46 27.82
CA ARG B 227 -13.62 36.43 27.60
C ARG B 227 -12.76 36.61 28.86
N ASN B 228 -13.38 36.47 30.03
CA ASN B 228 -12.70 36.69 31.31
C ASN B 228 -12.19 35.48 32.07
N ARG B 229 -12.20 34.31 31.46
CA ARG B 229 -11.60 33.16 32.14
C ARG B 229 -10.07 33.24 32.38
N ARG B 230 -9.64 32.58 33.44
CA ARG B 230 -8.26 32.59 33.91
C ARG B 230 -7.39 31.68 33.04
N THR B 231 -8.00 30.61 32.57
CA THR B 231 -7.34 29.56 31.79
C THR B 231 -8.07 29.28 30.48
N LYS B 232 -7.33 28.85 29.46
CA LYS B 232 -7.95 28.44 28.19
C LYS B 232 -8.90 27.28 28.41
N SER B 233 -10.00 27.28 27.67
CA SER B 233 -10.94 26.18 27.74
C SER B 233 -10.24 24.95 27.18
N LYS B 234 -10.70 23.78 27.61
CA LYS B 234 -10.01 22.53 27.30
C LYS B 234 -10.03 22.09 25.85
N VAL B 235 -11.06 22.46 25.09
CA VAL B 235 -11.23 21.95 23.73
C VAL B 235 -11.17 23.08 22.68
N PHE B 236 -10.08 23.09 21.91
CA PHE B 236 -9.89 24.05 20.85
C PHE B 236 -11.07 24.04 19.86
N TYR B 237 -11.48 22.83 19.49
CA TYR B 237 -12.45 22.56 18.43
C TYR B 237 -13.81 23.27 18.62
N TRP B 238 -14.18 23.52 19.87
CA TRP B 238 -15.39 24.30 20.15
C TRP B 238 -15.15 25.41 21.16
N ASP B 239 -13.93 25.91 21.18
CA ASP B 239 -13.61 27.16 21.84
C ASP B 239 -14.47 28.24 21.16
N LEU B 240 -15.38 28.86 21.92
CA LEU B 240 -16.41 29.72 21.33
C LEU B 240 -15.90 31.08 20.91
N LEU B 241 -14.74 31.47 21.43
CA LEU B 241 -14.06 32.68 20.96
C LEU B 241 -13.53 32.47 19.55
N LEU B 242 -12.97 31.31 19.32
CA LEU B 242 -12.38 30.98 18.03
C LEU B 242 -13.45 30.61 17.03
N LEU B 243 -14.43 29.81 17.47
CA LEU B 243 -15.55 29.41 16.63
C LEU B 243 -16.43 30.60 16.21
N GLY B 244 -16.82 31.42 17.17
CA GLY B 244 -17.59 32.63 16.90
C GLY B 244 -16.83 33.59 16.02
N ASN B 245 -15.51 33.64 16.15
CA ASN B 245 -14.72 34.43 15.20
C ASN B 245 -14.92 34.03 13.74
N TYR B 246 -14.80 32.71 13.47
CA TYR B 246 -15.00 32.21 12.11
C TYR B 246 -16.44 32.39 11.63
N TRP B 247 -17.41 32.29 12.54
CA TRP B 247 -18.83 32.55 12.23
C TRP B 247 -19.17 34.05 12.14
N GLY B 248 -18.17 34.90 12.37
CA GLY B 248 -18.32 36.35 12.25
C GLY B 248 -19.30 36.89 13.27
N CYS B 249 -19.08 36.50 14.51
CA CYS B 249 -19.96 36.92 15.60
C CYS B 249 -19.40 38.13 16.31
N TYR B 250 -18.13 38.40 16.04
CA TYR B 250 -17.40 39.42 16.76
C TYR B 250 -16.86 40.50 15.83
N ASP B 251 -16.41 41.61 16.41
CA ASP B 251 -15.73 42.67 15.65
C ASP B 251 -14.25 42.29 15.39
N GLU B 252 -14.08 41.24 14.59
CA GLU B 252 -12.80 40.68 14.30
C GLU B 252 -12.83 40.13 12.88
N PRO B 253 -11.66 40.14 12.20
CA PRO B 253 -11.58 39.45 10.93
C PRO B 253 -11.66 37.90 11.12
N LYS B 254 -12.30 37.22 10.19
CA LYS B 254 -12.51 35.77 10.28
C LYS B 254 -11.19 35.03 10.08
N ARG B 255 -10.86 34.13 11.01
CA ARG B 255 -9.67 33.27 10.90
C ARG B 255 -10.08 31.81 10.74
N TYR B 256 -9.34 31.06 9.93
CA TYR B 256 -9.55 29.63 9.81
C TYR B 256 -9.52 28.97 11.18
N HIS B 257 -10.57 28.24 11.49
CA HIS B 257 -10.63 27.51 12.72
C HIS B 257 -10.61 26.01 12.43
N HIS B 258 -11.64 25.53 11.73
CA HIS B 258 -11.75 24.12 11.30
C HIS B 258 -12.66 24.10 10.08
N THR B 259 -12.68 23.03 9.33
CA THR B 259 -13.54 22.99 8.16
C THR B 259 -14.93 22.63 8.61
N VAL B 260 -15.89 23.47 8.29
CA VAL B 260 -17.27 23.27 8.70
C VAL B 260 -17.94 22.34 7.67
N ALA B 261 -19.01 21.68 8.10
CA ALA B 261 -19.74 20.77 7.23
C ALA B 261 -20.71 21.54 6.33
N SER B 262 -20.14 22.04 5.22
CA SER B 262 -20.85 22.77 4.15
C SER B 262 -22.23 22.20 3.92
N ASN B 263 -22.27 20.91 3.64
CA ASN B 263 -23.47 20.26 3.19
C ASN B 263 -24.53 20.23 4.28
N LEU B 264 -24.10 20.01 5.51
CA LEU B 264 -24.98 20.08 6.67
C LEU B 264 -25.52 21.52 6.89
N ILE B 265 -24.69 22.52 6.60
CA ILE B 265 -25.07 23.91 6.71
C ILE B 265 -26.12 24.30 5.66
N PHE B 266 -25.99 23.77 4.44
CA PHE B 266 -26.97 24.06 3.38
C PHE B 266 -28.30 23.48 3.80
N ALA B 267 -28.25 22.28 4.36
CA ALA B 267 -29.48 21.62 4.80
C ALA B 267 -30.13 22.36 5.96
N LEU B 268 -29.35 22.68 6.99
CA LEU B 268 -29.84 23.49 8.10
C LEU B 268 -30.51 24.78 7.62
N ARG B 269 -29.81 25.53 6.78
CA ARG B 269 -30.33 26.77 6.18
C ARG B 269 -31.73 26.55 5.58
N GLU B 270 -31.89 25.51 4.78
CA GLU B 270 -33.15 25.18 4.14
C GLU B 270 -34.25 24.80 5.15
N ALA B 271 -33.87 24.12 6.22
CA ALA B 271 -34.81 23.76 7.30
C ALA B 271 -35.25 25.02 8.06
N LEU B 272 -34.32 25.94 8.23
CA LEU B 272 -34.66 27.24 8.82
C LEU B 272 -35.57 28.04 7.89
N ALA B 273 -35.30 28.01 6.59
CA ALA B 273 -36.16 28.72 5.64
C ALA B 273 -37.60 28.20 5.70
N GLN B 274 -37.74 26.88 5.85
CA GLN B 274 -39.05 26.22 5.87
C GLN B 274 -39.85 26.67 7.06
N ILE B 275 -39.21 26.78 8.21
CA ILE B 275 -39.91 27.29 9.38
C ILE B 275 -40.17 28.80 9.37
N ALA B 276 -39.25 29.57 8.78
CA ALA B 276 -39.46 31.00 8.53
C ALA B 276 -40.64 31.23 7.62
N GLU B 277 -40.78 30.44 6.55
CA GLU B 277 -41.90 30.56 5.61
C GLU B 277 -43.26 30.30 6.24
N GLU B 278 -43.35 29.26 7.06
CA GLU B 278 -44.59 28.91 7.71
C GLU B 278 -44.84 29.79 8.94
N GLY B 279 -43.78 30.14 9.64
CA GLY B 279 -43.87 30.94 10.85
C GLY B 279 -43.87 30.07 12.09
N LEU B 280 -43.10 30.47 13.09
CA LEU B 280 -43.03 29.79 14.40
C LEU B 280 -44.40 29.46 15.04
N GLU B 281 -45.21 30.49 15.27
CA GLU B 281 -46.54 30.33 15.83
C GLU B 281 -47.37 29.24 15.16
N ASN B 282 -47.45 29.25 13.85
CA ASN B 282 -48.15 28.20 13.12
C ASN B 282 -47.61 26.79 13.27
N GLN B 283 -46.29 26.64 13.38
CA GLN B 283 -45.67 25.32 13.50
C GLN B 283 -45.94 24.77 14.91
N ILE B 284 -45.69 25.61 15.91
CA ILE B 284 -46.06 25.32 17.28
C ILE B 284 -47.55 24.91 17.44
N LYS B 285 -48.46 25.69 16.87
CA LYS B 285 -49.89 25.33 16.87
C LYS B 285 -50.22 24.03 16.15
N ARG B 286 -49.53 23.73 15.05
CA ARG B 286 -49.72 22.47 14.36
C ARG B 286 -49.27 21.28 15.23
N ARG B 287 -48.19 21.45 15.97
CA ARG B 287 -47.61 20.38 16.73
C ARG B 287 -48.43 20.14 17.97
N ILE B 288 -48.94 21.22 18.56
CA ILE B 288 -49.88 21.15 19.67
C ILE B 288 -51.17 20.43 19.30
N GLU B 289 -51.74 20.71 18.12
CA GLU B 289 -52.92 19.97 17.64
C GLU B 289 -52.63 18.49 17.44
N CYS B 290 -51.52 18.19 16.79
CA CYS B 290 -51.10 16.81 16.56
C CYS B 290 -50.98 16.02 17.87
N ALA B 291 -50.37 16.60 18.90
CA ALA B 291 -50.28 16.01 20.21
C ALA B 291 -51.68 15.64 20.75
N GLN B 292 -52.63 16.57 20.64
CA GLN B 292 -54.00 16.35 21.09
C GLN B 292 -54.62 15.17 20.40
N ILE B 293 -54.53 15.11 19.08
CA ILE B 293 -55.03 13.95 18.33
C ILE B 293 -54.37 12.66 18.82
N LEU B 294 -53.07 12.74 19.10
CA LEU B 294 -52.31 11.60 19.61
C LEU B 294 -52.85 11.16 20.99
N TYR B 295 -52.95 12.10 21.92
CA TYR B 295 -53.51 11.84 23.26
C TYR B 295 -54.88 11.17 23.19
N GLU B 296 -55.78 11.71 22.36
CA GLU B 296 -57.14 11.18 22.20
C GLU B 296 -57.11 9.75 21.70
N GLY B 297 -56.29 9.50 20.70
CA GLY B 297 -56.20 8.16 20.11
C GLY B 297 -55.58 7.12 21.02
N LEU B 298 -54.60 7.53 21.82
CA LEU B 298 -54.01 6.68 22.87
C LEU B 298 -55.04 6.38 23.96
N GLY B 299 -55.76 7.41 24.41
CA GLY B 299 -56.88 7.22 25.32
C GLY B 299 -57.86 6.14 24.87
N LYS B 300 -58.31 6.22 23.63
CA LYS B 300 -59.29 5.27 23.09
C LYS B 300 -58.77 3.85 23.07
N MET B 301 -57.46 3.69 23.05
CA MET B 301 -56.85 2.36 23.03
C MET B 301 -56.62 1.85 24.46
N GLY B 302 -56.83 2.73 25.43
CA GLY B 302 -56.68 2.42 26.83
C GLY B 302 -55.24 2.48 27.26
N LEU B 303 -54.45 3.27 26.54
CA LEU B 303 -53.02 3.36 26.81
C LEU B 303 -52.66 4.58 27.66
N ASP B 304 -51.69 4.40 28.56
CA ASP B 304 -51.27 5.45 29.47
C ASP B 304 -50.05 6.19 28.95
N ILE B 305 -49.93 7.44 29.41
CA ILE B 305 -48.86 8.32 29.03
C ILE B 305 -47.95 8.57 30.22
N PHE B 306 -46.64 8.40 30.02
CA PHE B 306 -45.65 8.49 31.07
C PHE B 306 -45.81 9.77 31.90
N VAL B 307 -45.92 10.90 31.24
CA VAL B 307 -46.16 12.17 31.93
C VAL B 307 -47.67 12.32 31.99
N LYS B 308 -48.20 12.12 33.18
CA LYS B 308 -49.63 11.92 33.39
C LYS B 308 -50.41 13.22 33.29
N ASP B 309 -49.91 14.27 33.92
CA ASP B 309 -50.58 15.56 33.91
C ASP B 309 -50.29 16.25 32.57
N PRO B 310 -51.35 16.52 31.78
CA PRO B 310 -51.23 17.19 30.47
C PRO B 310 -50.53 18.54 30.53
N ARG B 311 -50.61 19.19 31.68
CA ARG B 311 -49.97 20.48 31.91
C ARG B 311 -48.46 20.43 31.75
N HIS B 312 -47.88 19.25 31.91
CA HIS B 312 -46.42 19.09 32.01
C HIS B 312 -45.77 18.49 30.79
N ARG B 313 -46.60 18.13 29.80
CA ARG B 313 -46.17 17.36 28.63
C ARG B 313 -45.48 18.17 27.54
N LEU B 314 -44.40 17.61 27.01
CA LEU B 314 -43.77 18.09 25.81
C LEU B 314 -44.52 17.53 24.62
N PRO B 315 -45.14 18.40 23.81
CA PRO B 315 -45.91 17.96 22.65
C PRO B 315 -45.11 17.09 21.68
N THR B 316 -43.82 17.33 21.53
CA THR B 316 -43.02 16.68 20.49
C THR B 316 -42.57 15.26 20.83
N VAL B 317 -42.52 14.92 22.12
CA VAL B 317 -42.20 13.56 22.59
C VAL B 317 -43.21 13.04 23.63
N THR B 318 -43.82 11.91 23.34
CA THR B 318 -44.78 11.29 24.25
C THR B 318 -44.34 9.88 24.63
N GLY B 319 -44.38 9.57 25.93
CA GLY B 319 -44.12 8.23 26.42
C GLY B 319 -45.41 7.45 26.46
N ILE B 320 -45.45 6.35 25.68
CA ILE B 320 -46.56 5.39 25.74
C ILE B 320 -46.20 4.20 26.64
N MET B 321 -46.84 4.13 27.81
CA MET B 321 -46.57 3.03 28.76
C MET B 321 -46.90 1.65 28.15
N ILE B 322 -45.93 0.73 28.20
CA ILE B 322 -46.18 -0.68 27.84
C ILE B 322 -47.23 -1.24 28.80
N PRO B 323 -48.31 -1.82 28.26
CA PRO B 323 -49.22 -2.56 29.16
C PRO B 323 -48.54 -3.85 29.67
N LYS B 324 -49.03 -4.37 30.79
CA LYS B 324 -48.44 -5.53 31.48
C LYS B 324 -48.00 -6.68 30.60
N GLY B 325 -48.90 -7.30 29.86
CA GLY B 325 -48.53 -8.53 29.14
C GLY B 325 -47.63 -8.33 27.94
N VAL B 326 -47.23 -7.08 27.68
CA VAL B 326 -46.79 -6.68 26.34
C VAL B 326 -45.28 -6.67 26.13
N ASP B 327 -44.85 -7.26 25.02
CA ASP B 327 -43.46 -7.22 24.60
C ASP B 327 -43.31 -6.03 23.64
N TRP B 328 -42.66 -4.97 24.13
CA TRP B 328 -42.58 -3.70 23.40
C TRP B 328 -41.88 -3.84 22.06
N TRP B 329 -40.81 -4.62 22.03
CA TRP B 329 -40.00 -4.83 20.82
C TRP B 329 -40.70 -5.67 19.75
N LYS B 330 -41.62 -6.52 20.19
CA LYS B 330 -42.44 -7.27 19.24
C LYS B 330 -43.33 -6.32 18.44
N VAL B 331 -44.01 -5.43 19.16
CA VAL B 331 -44.90 -4.45 18.56
C VAL B 331 -44.10 -3.61 17.54
N SER B 332 -42.98 -3.13 18.03
CA SER B 332 -42.19 -2.18 17.33
C SER B 332 -41.49 -2.73 16.05
N GLN B 333 -41.12 -4.01 16.05
CA GLN B 333 -40.61 -4.65 14.81
C GLN B 333 -41.70 -4.93 13.82
N TYR B 334 -42.85 -5.35 14.32
CA TYR B 334 -44.02 -5.50 13.44
C TYR B 334 -44.34 -4.18 12.71
N ALA B 335 -44.37 -3.09 13.49
CA ALA B 335 -44.60 -1.75 12.96
C ALA B 335 -43.64 -1.41 11.79
N MET B 336 -42.35 -1.69 12.00
CA MET B 336 -41.36 -1.42 10.98
C MET B 336 -41.49 -2.35 9.78
N ASN B 337 -41.70 -3.64 10.04
CA ASN B 337 -41.75 -4.63 8.98
C ASN B 337 -42.98 -4.50 8.10
N ASN B 338 -44.07 -4.02 8.69
CA ASN B 338 -45.35 -3.94 8.01
C ASN B 338 -45.77 -2.55 7.58
N PHE B 339 -45.26 -1.51 8.24
CA PHE B 339 -45.72 -0.15 7.94
C PHE B 339 -44.55 0.82 7.67
N SER B 340 -43.31 0.28 7.77
CA SER B 340 -42.07 1.05 7.76
C SER B 340 -42.16 2.14 8.80
N LEU B 341 -42.89 1.83 9.87
CA LEU B 341 -43.16 2.79 10.90
C LEU B 341 -42.17 2.63 12.03
N GLU B 342 -41.58 3.77 12.42
CA GLU B 342 -40.65 3.81 13.52
C GLU B 342 -41.42 4.00 14.82
N VAL B 343 -41.45 2.94 15.62
CA VAL B 343 -42.01 2.97 16.97
C VAL B 343 -40.86 2.79 17.94
N GLN B 344 -40.34 3.90 18.47
CA GLN B 344 -39.13 3.87 19.25
C GLN B 344 -39.41 3.37 20.68
N GLY B 345 -38.42 2.70 21.29
CA GLY B 345 -38.52 2.26 22.69
C GLY B 345 -38.18 3.39 23.65
N GLY B 346 -37.95 3.06 24.92
CA GLY B 346 -37.69 4.03 25.99
C GLY B 346 -36.22 4.34 26.16
N LEU B 347 -35.94 5.34 27.00
CA LEU B 347 -34.58 5.82 27.25
C LEU B 347 -34.61 6.42 28.63
N GLY B 348 -33.55 6.21 29.41
CA GLY B 348 -33.45 6.80 30.73
C GLY B 348 -34.72 6.41 31.47
N PRO B 349 -35.43 7.40 32.03
CA PRO B 349 -36.62 7.20 32.82
C PRO B 349 -37.60 6.20 32.21
N THR B 350 -37.67 6.15 30.87
CA THR B 350 -38.69 5.34 30.18
C THR B 350 -38.14 4.02 29.67
N PHE B 351 -36.85 3.74 29.96
CA PHE B 351 -36.26 2.47 29.55
C PHE B 351 -37.04 1.25 30.07
N GLY B 352 -37.49 0.40 29.14
CA GLY B 352 -38.32 -0.77 29.46
C GLY B 352 -39.72 -0.49 29.99
N LYS B 353 -40.08 0.79 30.12
CA LYS B 353 -41.42 1.17 30.62
C LYS B 353 -42.37 1.72 29.55
N ALA B 354 -41.81 2.35 28.53
CA ALA B 354 -42.61 3.08 27.50
C ALA B 354 -41.97 3.03 26.11
N TRP B 355 -42.81 3.06 25.07
CA TRP B 355 -42.36 3.55 23.77
C TRP B 355 -42.31 5.11 23.76
N ARG B 356 -41.66 5.67 22.75
CA ARG B 356 -41.59 7.13 22.62
C ARG B 356 -41.97 7.61 21.20
N VAL B 357 -43.03 8.41 21.12
CA VAL B 357 -43.51 8.98 19.86
C VAL B 357 -43.03 10.41 19.73
N GLY B 358 -42.39 10.69 18.60
CA GLY B 358 -41.99 12.05 18.26
C GLY B 358 -42.95 12.70 17.27
N ILE B 359 -43.26 13.98 17.50
CA ILE B 359 -43.96 14.80 16.50
C ILE B 359 -42.97 15.88 16.01
N MET B 360 -42.25 15.52 14.95
CA MET B 360 -41.09 16.29 14.57
C MET B 360 -40.89 16.21 13.06
N GLY B 361 -40.22 17.23 12.51
CA GLY B 361 -39.86 17.29 11.09
C GLY B 361 -41.09 17.08 10.22
N GLU B 362 -40.95 16.20 9.23
CA GLU B 362 -41.99 16.00 8.23
C GLU B 362 -43.23 15.21 8.67
N CYS B 363 -43.19 14.61 9.84
CA CYS B 363 -44.35 13.87 10.35
C CYS B 363 -45.17 14.64 11.39
N SER B 364 -45.10 15.97 11.38
CA SER B 364 -45.88 16.82 12.25
C SER B 364 -47.15 17.25 11.56
N THR B 365 -47.87 16.27 11.01
CA THR B 365 -49.17 16.50 10.38
C THR B 365 -50.20 15.56 10.97
N VAL B 366 -51.45 16.03 10.93
CA VAL B 366 -52.62 15.28 11.37
C VAL B 366 -52.67 13.89 10.73
N GLN B 367 -52.41 13.82 9.43
CA GLN B 367 -52.41 12.56 8.68
C GLN B 367 -51.32 11.59 9.13
N LYS B 368 -50.16 12.12 9.47
CA LYS B 368 -49.09 11.31 9.94
C LYS B 368 -49.38 10.73 11.33
N ILE B 369 -49.93 11.56 12.23
CA ILE B 369 -50.37 11.12 13.53
C ILE B 369 -51.47 10.05 13.41
N GLN B 370 -52.41 10.25 12.49
CA GLN B 370 -53.48 9.28 12.29
C GLN B 370 -52.92 7.97 11.82
N PHE B 371 -51.93 8.05 10.93
CA PHE B 371 -51.30 6.85 10.45
C PHE B 371 -50.53 6.15 11.56
N TYR B 372 -49.80 6.92 12.35
CA TYR B 372 -49.11 6.35 13.50
C TYR B 372 -50.07 5.57 14.42
N LEU B 373 -51.18 6.20 14.81
CA LEU B 373 -52.21 5.56 15.64
C LEU B 373 -52.69 4.25 15.03
N TYR B 374 -53.01 4.30 13.75
CA TYR B 374 -53.39 3.12 13.00
C TYR B 374 -52.30 2.01 13.01
N GLY B 375 -51.09 2.36 12.59
CA GLY B 375 -50.02 1.40 12.46
C GLY B 375 -49.60 0.87 13.81
N PHE B 376 -49.58 1.74 14.82
CA PHE B 376 -49.36 1.27 16.20
C PHE B 376 -50.41 0.22 16.63
N LYS B 377 -51.69 0.54 16.44
CA LYS B 377 -52.78 -0.30 16.94
C LYS B 377 -52.71 -1.62 16.25
N GLU B 378 -52.63 -1.60 14.92
CA GLU B 378 -52.54 -2.81 14.14
C GLU B 378 -51.38 -3.65 14.59
N SER B 379 -50.31 -2.99 15.04
CA SER B 379 -49.09 -3.72 15.43
C SER B 379 -49.20 -4.35 16.79
N LEU B 380 -49.82 -3.64 17.73
CA LEU B 380 -50.17 -4.18 19.04
C LEU B 380 -51.16 -5.34 18.88
N LYS B 381 -52.16 -5.15 18.03
CA LYS B 381 -53.22 -6.13 17.78
C LYS B 381 -52.69 -7.44 17.20
N ALA B 382 -51.92 -7.36 16.11
CA ALA B 382 -51.44 -8.55 15.43
C ALA B 382 -50.41 -9.29 16.28
N THR B 383 -49.93 -8.63 17.31
CA THR B 383 -48.72 -9.09 17.96
C THR B 383 -49.06 -9.62 19.34
N HIS B 384 -50.16 -9.11 19.88
CA HIS B 384 -50.70 -9.45 21.19
C HIS B 384 -52.23 -9.53 21.05
N PRO B 385 -52.73 -10.64 20.47
CA PRO B 385 -54.16 -10.78 20.18
C PRO B 385 -55.08 -10.72 21.41
N ASP B 386 -54.52 -10.87 22.60
CA ASP B 386 -55.35 -10.84 23.79
C ASP B 386 -55.40 -9.46 24.43
N TYR B 387 -54.68 -8.50 23.87
CA TYR B 387 -54.79 -7.13 24.35
C TYR B 387 -56.21 -6.61 24.08
N ILE B 388 -56.76 -5.88 25.03
CA ILE B 388 -58.13 -5.38 24.99
C ILE B 388 -58.14 -3.86 24.82
N PHE B 389 -58.80 -3.38 23.77
CA PHE B 389 -58.90 -1.93 23.48
C PHE B 389 -60.15 -1.22 24.08
N LYS C 2 -46.97 36.21 20.16
CA LYS C 2 -46.29 36.78 18.94
C LYS C 2 -44.74 36.79 19.01
N PHE C 3 -44.14 36.65 17.84
CA PHE C 3 -42.70 36.46 17.75
C PHE C 3 -42.07 37.58 16.93
N THR C 4 -40.87 38.00 17.33
CA THR C 4 -40.10 38.90 16.51
C THR C 4 -39.91 38.25 15.14
N PRO C 5 -40.21 38.99 14.04
CA PRO C 5 -40.40 38.48 12.68
C PRO C 5 -39.21 37.70 12.09
N PRO C 6 -39.50 36.77 11.16
CA PRO C 6 -38.49 36.00 10.44
C PRO C 6 -37.57 36.87 9.56
N PRO C 7 -36.31 36.43 9.37
CA PRO C 7 -35.39 37.18 8.50
C PRO C 7 -35.72 37.09 7.01
N ALA C 8 -35.57 38.21 6.30
CA ALA C 8 -35.87 38.30 4.86
C ALA C 8 -34.87 37.51 4.02
N SER C 9 -33.63 37.42 4.53
CA SER C 9 -32.56 36.63 3.92
C SER C 9 -32.89 35.17 3.61
N LEU C 10 -33.84 34.60 4.35
CA LEU C 10 -34.29 33.22 4.13
C LEU C 10 -35.38 33.07 3.05
N ARG C 11 -35.84 34.18 2.49
CA ARG C 11 -36.92 34.16 1.50
C ARG C 11 -36.43 33.78 0.08
N ASN C 12 -35.16 34.06 -0.18
CA ASN C 12 -34.53 33.64 -1.41
C ASN C 12 -34.13 32.18 -1.43
N PRO C 13 -34.22 31.53 -2.62
CA PRO C 13 -33.71 30.16 -2.78
C PRO C 13 -32.19 30.03 -2.54
N LEU C 14 -31.80 28.88 -2.02
CA LEU C 14 -30.39 28.53 -1.88
C LEU C 14 -29.79 28.29 -3.27
N ILE C 15 -28.72 29.03 -3.58
CA ILE C 15 -28.01 28.81 -4.83
C ILE C 15 -26.52 28.66 -4.58
N ILE C 16 -26.01 27.48 -4.84
CA ILE C 16 -24.58 27.20 -4.66
C ILE C 16 -24.00 26.81 -6.02
N PRO C 17 -23.07 27.65 -6.55
CA PRO C 17 -22.47 27.37 -7.86
C PRO C 17 -21.62 26.14 -7.88
N GLU C 18 -21.44 25.57 -9.07
CA GLU C 18 -20.40 24.52 -9.26
C GLU C 18 -19.06 25.16 -9.37
N LYS C 19 -18.05 24.51 -8.81
CA LYS C 19 -16.71 25.08 -8.76
C LYS C 19 -15.71 23.97 -9.04
N ILE C 20 -14.58 24.32 -9.63
CA ILE C 20 -13.55 23.29 -9.85
C ILE C 20 -12.58 23.37 -8.68
N MET C 21 -12.74 22.44 -7.76
CA MET C 21 -12.18 22.56 -6.43
C MET C 21 -10.80 21.97 -6.35
N MET C 22 -9.83 22.75 -6.82
CA MET C 22 -8.45 22.27 -6.89
C MET C 22 -7.49 23.03 -5.99
N GLY C 23 -7.98 23.38 -4.79
CA GLY C 23 -7.14 23.82 -3.70
C GLY C 23 -6.79 22.56 -2.92
N PRO C 24 -6.11 22.72 -1.78
CA PRO C 24 -5.74 21.58 -0.93
C PRO C 24 -6.87 21.09 0.01
N GLY C 25 -8.13 21.33 -0.35
CA GLY C 25 -9.27 20.93 0.48
C GLY C 25 -10.25 22.11 0.65
N PRO C 26 -11.57 21.83 0.55
CA PRO C 26 -12.18 20.51 0.22
C PRO C 26 -12.11 20.21 -1.28
N SER C 27 -12.09 18.92 -1.62
CA SER C 27 -12.12 18.47 -3.00
C SER C 27 -13.56 18.33 -3.52
N ASN C 28 -13.70 18.25 -4.85
CA ASN C 28 -14.95 17.88 -5.48
C ASN C 28 -15.34 16.42 -5.16
N CYS C 29 -16.54 16.22 -4.64
CA CYS C 29 -17.11 14.89 -4.45
C CYS C 29 -17.81 14.52 -5.76
N SER C 30 -17.82 13.24 -6.08
CA SER C 30 -18.61 12.72 -7.22
C SER C 30 -20.10 12.90 -6.97
N LYS C 31 -20.85 12.90 -8.06
CA LYS C 31 -22.30 12.85 -8.01
C LYS C 31 -22.79 11.72 -7.10
N ARG C 32 -22.18 10.54 -7.23
CA ARG C 32 -22.58 9.36 -6.45
C ARG C 32 -22.49 9.62 -4.96
N VAL C 33 -21.36 10.18 -4.54
CA VAL C 33 -21.08 10.54 -3.15
C VAL C 33 -22.05 11.62 -2.61
N LEU C 34 -22.26 12.66 -3.39
CA LEU C 34 -23.14 13.74 -3.02
C LEU C 34 -24.57 13.23 -2.90
N THR C 35 -25.05 12.41 -3.84
CA THR C 35 -26.45 12.00 -3.77
C THR C 35 -26.71 10.95 -2.70
N ALA C 36 -25.66 10.27 -2.22
CA ALA C 36 -25.77 9.38 -1.07
C ALA C 36 -26.26 10.09 0.20
N MET C 37 -26.02 11.39 0.32
CA MET C 37 -26.40 12.15 1.55
C MET C 37 -27.92 12.30 1.61
N THR C 38 -28.51 12.10 0.45
CA THR C 38 -29.90 12.27 0.19
C THR C 38 -30.76 11.12 0.80
N ASN C 39 -30.12 10.07 1.28
CA ASN C 39 -30.84 8.97 1.87
C ASN C 39 -31.43 9.34 3.24
N THR C 40 -32.42 8.53 3.68
CA THR C 40 -33.12 8.71 4.95
C THR C 40 -32.13 8.79 6.11
N VAL C 41 -32.32 9.79 6.96
CA VAL C 41 -31.60 9.83 8.21
C VAL C 41 -32.10 8.66 9.05
N LEU C 42 -31.16 7.79 9.45
CA LEU C 42 -31.57 6.59 10.20
C LEU C 42 -31.41 6.78 11.68
N SER C 43 -32.23 6.04 12.42
CA SER C 43 -32.13 5.96 13.86
C SER C 43 -30.87 5.21 14.30
N ASN C 44 -30.40 5.52 15.51
CA ASN C 44 -29.09 5.03 15.96
C ASN C 44 -28.91 3.52 15.96
N PHE C 45 -30.00 2.79 16.21
CA PHE C 45 -29.94 1.34 16.24
C PHE C 45 -30.57 0.65 15.04
N HIS C 46 -30.85 1.41 13.99
CA HIS C 46 -31.32 0.79 12.75
C HIS C 46 -30.25 -0.12 12.17
N ALA C 47 -30.69 -1.31 11.77
CA ALA C 47 -29.80 -2.32 11.18
C ALA C 47 -29.04 -1.79 9.97
N GLU C 48 -29.71 -1.02 9.11
CA GLU C 48 -29.05 -0.53 7.87
C GLU C 48 -27.93 0.50 8.17
N LEU C 49 -28.06 1.20 9.30
CA LEU C 49 -27.02 2.10 9.74
C LEU C 49 -25.77 1.30 10.20
N PHE C 50 -25.98 0.34 11.09
CA PHE C 50 -24.90 -0.56 11.51
C PHE C 50 -24.21 -1.25 10.33
N ARG C 51 -24.99 -1.65 9.33
CA ARG C 51 -24.45 -2.35 8.16
C ARG C 51 -23.51 -1.44 7.39
N THR C 52 -23.99 -0.24 7.05
CA THR C 52 -23.18 0.83 6.41
C THR C 52 -21.93 1.16 7.25
N MET C 53 -22.12 1.32 8.58
CA MET C 53 -21.00 1.60 9.46
C MET C 53 -19.91 0.49 9.30
N ASP C 54 -20.32 -0.79 9.29
CA ASP C 54 -19.38 -1.90 9.12
C ASP C 54 -18.65 -1.87 7.77
N GLU C 55 -19.38 -1.61 6.70
CA GLU C 55 -18.76 -1.39 5.40
C GLU C 55 -17.71 -0.27 5.45
N VAL C 56 -18.02 0.79 6.20
CA VAL C 56 -17.10 1.94 6.34
C VAL C 56 -15.82 1.50 7.04
N LYS C 57 -15.96 0.78 8.16
CA LYS C 57 -14.83 0.23 8.88
C LYS C 57 -13.94 -0.65 7.99
N ASP C 58 -14.56 -1.53 7.19
CA ASP C 58 -13.81 -2.33 6.22
C ASP C 58 -13.09 -1.43 5.23
N GLY C 59 -13.81 -0.51 4.61
CA GLY C 59 -13.20 0.47 3.69
C GLY C 59 -12.04 1.22 4.36
N LEU C 60 -12.22 1.55 5.64
CA LEU C 60 -11.19 2.25 6.42
C LEU C 60 -9.93 1.38 6.61
N ARG C 61 -10.09 0.16 7.11
CA ARG C 61 -8.96 -0.81 7.19
C ARG C 61 -8.23 -0.92 5.83
N TYR C 62 -8.99 -0.93 4.75
CA TYR C 62 -8.39 -0.98 3.44
C TYR C 62 -7.50 0.22 3.14
N ILE C 63 -8.03 1.44 3.31
CA ILE C 63 -7.27 2.62 2.97
C ILE C 63 -6.16 3.00 3.96
N PHE C 64 -6.32 2.60 5.22
CA PHE C 64 -5.29 2.81 6.22
C PHE C 64 -4.24 1.68 6.16
N GLN C 65 -4.65 0.57 5.55
CA GLN C 65 -3.87 -0.69 5.49
C GLN C 65 -3.56 -1.18 6.91
N THR C 66 -4.61 -1.55 7.62
CA THR C 66 -4.50 -2.03 8.99
C THR C 66 -5.51 -3.15 9.22
N GLU C 67 -5.38 -3.85 10.34
CA GLU C 67 -6.35 -4.85 10.74
C GLU C 67 -6.93 -4.47 12.06
N ASN C 68 -6.63 -3.24 12.48
CA ASN C 68 -7.16 -2.72 13.71
C ASN C 68 -8.68 -2.85 13.80
N ARG C 69 -9.12 -3.36 14.95
CA ARG C 69 -10.52 -3.53 15.17
C ARG C 69 -11.09 -2.18 15.53
N ALA C 70 -10.36 -1.43 16.37
CA ALA C 70 -10.75 -0.07 16.76
C ALA C 70 -10.43 0.87 15.60
N THR C 71 -11.15 0.65 14.51
CA THR C 71 -11.16 1.52 13.34
C THR C 71 -12.58 2.02 13.27
N MET C 72 -12.77 3.36 13.24
CA MET C 72 -14.09 4.00 13.40
C MET C 72 -14.06 5.43 12.86
N CYS C 73 -15.13 6.20 13.11
CA CYS C 73 -15.14 7.63 12.80
C CYS C 73 -15.43 8.48 14.03
N VAL C 74 -14.73 9.59 14.12
CA VAL C 74 -15.10 10.67 15.03
C VAL C 74 -16.11 11.59 14.31
N SER C 75 -17.12 12.04 15.05
CA SER C 75 -18.18 12.91 14.51
C SER C 75 -17.78 14.39 14.60
N GLY C 76 -16.88 14.80 13.70
CA GLY C 76 -16.28 16.11 13.70
C GLY C 76 -15.41 16.19 12.46
N SER C 77 -14.92 17.38 12.11
CA SER C 77 -13.99 17.51 10.99
C SER C 77 -12.64 17.04 11.49
N ALA C 78 -11.61 17.11 10.63
CA ALA C 78 -10.32 16.44 10.94
C ALA C 78 -9.69 16.87 12.26
N HIS C 79 -9.85 18.14 12.61
CA HIS C 79 -9.46 18.67 13.91
C HIS C 79 -9.94 17.84 15.05
N ALA C 80 -11.17 17.37 14.98
CA ALA C 80 -11.75 16.54 16.04
C ALA C 80 -11.02 15.18 16.17
N GLY C 81 -10.53 14.65 15.06
CA GLY C 81 -9.66 13.48 15.08
C GLY C 81 -8.38 13.75 15.88
N MET C 82 -7.71 14.86 15.56
CA MET C 82 -6.58 15.29 16.35
C MET C 82 -6.95 15.44 17.81
N GLU C 83 -8.05 16.16 18.10
CA GLU C 83 -8.53 16.32 19.47
C GLU C 83 -8.70 14.95 20.14
N ALA C 84 -9.30 14.01 19.41
CA ALA C 84 -9.59 12.69 19.99
C ALA C 84 -8.31 11.94 20.40
N MET C 85 -7.31 11.92 19.51
CA MET C 85 -6.08 11.19 19.80
C MET C 85 -5.45 11.81 21.05
N LEU C 86 -5.43 13.14 21.13
CA LEU C 86 -4.71 13.80 22.22
C LEU C 86 -5.43 13.62 23.55
N SER C 87 -6.75 13.73 23.54
CA SER C 87 -7.48 13.71 24.80
C SER C 87 -7.58 12.29 25.32
N ASN C 88 -7.57 11.30 24.44
CA ASN C 88 -7.63 9.91 24.87
C ASN C 88 -6.28 9.36 25.32
N LEU C 89 -5.24 9.64 24.55
CA LEU C 89 -3.90 9.07 24.76
C LEU C 89 -3.02 9.79 25.79
N LEU C 90 -3.38 11.00 26.19
CA LEU C 90 -2.60 11.75 27.16
C LEU C 90 -3.38 12.06 28.44
N GLU C 91 -2.72 11.93 29.58
CA GLU C 91 -3.31 12.37 30.85
C GLU C 91 -2.57 13.60 31.28
N GLU C 92 -3.07 14.26 32.32
CA GLU C 92 -2.44 15.48 32.80
C GLU C 92 -1.00 15.20 33.20
N GLY C 93 -0.06 15.96 32.66
CA GLY C 93 1.36 15.76 32.97
C GLY C 93 2.14 14.83 32.05
N ASP C 94 1.45 14.00 31.27
CA ASP C 94 2.11 13.14 30.27
C ASP C 94 2.90 13.94 29.21
N ARG C 95 4.08 13.43 28.87
CA ARG C 95 4.94 14.07 27.91
C ARG C 95 4.53 13.68 26.49
N VAL C 96 4.39 14.69 25.66
CA VAL C 96 4.08 14.45 24.26
C VAL C 96 5.14 15.15 23.44
N LEU C 97 5.74 14.39 22.53
CA LEU C 97 6.69 14.96 21.60
C LEU C 97 6.04 15.28 20.27
N ILE C 98 6.20 16.53 19.84
CA ILE C 98 5.62 16.95 18.60
C ILE C 98 6.73 17.55 17.75
N ALA C 99 6.90 16.99 16.55
CA ALA C 99 7.79 17.56 15.57
C ALA C 99 7.04 18.66 14.81
N VAL C 100 7.53 19.89 14.92
CA VAL C 100 6.79 21.04 14.41
C VAL C 100 7.49 21.66 13.22
N ASN C 101 6.88 21.56 12.04
CA ASN C 101 7.36 22.32 10.88
C ASN C 101 6.23 22.66 9.91
N GLY C 102 5.02 22.76 10.46
CA GLY C 102 3.83 23.19 9.71
C GLY C 102 2.72 23.52 10.65
N ILE C 103 1.59 23.94 10.11
CA ILE C 103 0.51 24.43 10.96
C ILE C 103 -0.25 23.39 11.78
N TRP C 104 -0.31 22.16 11.29
CA TRP C 104 -1.12 21.13 11.95
C TRP C 104 -0.45 20.71 13.25
N ALA C 105 0.87 20.60 13.24
CA ALA C 105 1.64 20.29 14.44
C ALA C 105 1.53 21.42 15.47
N GLU C 106 1.44 22.67 15.01
CA GLU C 106 1.14 23.82 15.88
C GLU C 106 -0.21 23.67 16.58
N ARG C 107 -1.23 23.25 15.80
CA ARG C 107 -2.54 22.90 16.32
C ARG C 107 -2.43 21.81 17.38
N ALA C 108 -1.58 20.80 17.14
CA ALA C 108 -1.42 19.70 18.09
C ALA C 108 -0.77 20.17 19.42
N VAL C 109 0.20 21.08 19.31
CA VAL C 109 0.77 21.79 20.47
C VAL C 109 -0.34 22.50 21.26
N GLU C 110 -1.12 23.33 20.57
CA GLU C 110 -2.22 24.06 21.19
C GLU C 110 -3.22 23.14 21.92
N MET C 111 -3.56 22.01 21.32
CA MET C 111 -4.51 21.09 21.93
C MET C 111 -3.91 20.35 23.11
N SER C 112 -2.64 19.95 22.99
CA SER C 112 -1.99 19.18 24.03
C SER C 112 -1.83 20.03 25.30
N GLU C 113 -1.51 21.30 25.10
CA GLU C 113 -1.44 22.26 26.18
C GLU C 113 -2.79 22.38 26.89
N ARG C 114 -3.84 22.63 26.11
CA ARG C 114 -5.22 22.65 26.67
C ARG C 114 -5.61 21.42 27.48
N TYR C 115 -5.19 20.24 27.01
CA TYR C 115 -5.44 18.99 27.75
C TYR C 115 -4.44 18.76 28.89
N GLY C 116 -3.55 19.73 29.11
CA GLY C 116 -2.64 19.67 30.27
C GLY C 116 -1.46 18.71 30.16
N ALA C 117 -1.05 18.42 28.92
CA ALA C 117 0.11 17.61 28.67
C ALA C 117 1.36 18.47 28.82
N ASP C 118 2.50 17.79 29.01
CA ASP C 118 3.80 18.42 29.08
C ASP C 118 4.37 18.37 27.67
N VAL C 119 4.29 19.48 26.97
CA VAL C 119 4.57 19.50 25.55
C VAL C 119 6.07 19.70 25.22
N ARG C 120 6.64 18.70 24.55
CA ARG C 120 8.00 18.77 24.09
C ARG C 120 8.01 18.93 22.59
N THR C 121 8.65 19.99 22.11
CA THR C 121 8.68 20.22 20.68
C THR C 121 10.07 20.13 20.07
N ILE C 122 10.10 19.86 18.78
CA ILE C 122 11.32 19.91 18.03
C ILE C 122 11.00 20.61 16.72
N GLU C 123 11.69 21.71 16.46
CA GLU C 123 11.49 22.49 15.25
C GLU C 123 12.28 21.97 14.05
N GLY C 124 11.75 22.24 12.87
CA GLY C 124 12.38 21.93 11.62
C GLY C 124 11.97 22.95 10.57
N PRO C 125 12.71 23.01 9.46
CA PRO C 125 12.27 23.87 8.36
C PRO C 125 10.94 23.37 7.73
N PRO C 126 10.11 24.31 7.25
CA PRO C 126 8.81 23.89 6.71
C PRO C 126 8.94 23.13 5.37
N ASP C 127 10.12 23.15 4.79
CA ASP C 127 10.30 22.60 3.46
C ASP C 127 11.22 21.36 3.42
N ARG C 128 11.55 20.83 4.58
CA ARG C 128 12.39 19.65 4.65
C ARG C 128 11.88 18.77 5.78
N PRO C 129 11.83 17.46 5.56
CA PRO C 129 11.33 16.55 6.59
C PRO C 129 12.31 16.37 7.74
N PHE C 130 11.84 15.72 8.79
CA PHE C 130 12.68 15.34 9.90
C PHE C 130 13.32 14.00 9.54
N SER C 131 14.61 13.88 9.83
CA SER C 131 15.35 12.65 9.63
C SER C 131 15.02 11.69 10.74
N LEU C 132 15.27 10.40 10.51
CA LEU C 132 15.13 9.40 11.55
C LEU C 132 16.02 9.71 12.77
N GLU C 133 17.21 10.23 12.49
CA GLU C 133 18.21 10.58 13.50
C GLU C 133 17.61 11.63 14.40
N THR C 134 17.19 12.75 13.80
CA THR C 134 16.58 13.84 14.53
C THR C 134 15.49 13.31 15.46
N LEU C 135 14.58 12.50 14.91
CA LEU C 135 13.44 12.00 15.68
C LEU C 135 13.85 11.02 16.78
N ALA C 136 14.76 10.12 16.45
CA ALA C 136 15.28 9.15 17.42
C ALA C 136 15.92 9.86 18.60
N ARG C 137 16.69 10.92 18.29
CA ARG C 137 17.38 11.71 19.31
C ARG C 137 16.36 12.34 20.23
N ALA C 138 15.40 13.04 19.62
CA ALA C 138 14.31 13.74 20.35
C ALA C 138 13.48 12.81 21.25
N ILE C 139 13.25 11.60 20.76
CA ILE C 139 12.54 10.56 21.52
C ILE C 139 13.33 10.05 22.75
N GLU C 140 14.61 9.74 22.51
CA GLU C 140 15.56 9.43 23.57
C GLU C 140 15.60 10.50 24.63
N LEU C 141 15.88 11.74 24.23
CA LEU C 141 15.94 12.87 25.15
C LEU C 141 14.65 12.90 26.00
N HIS C 142 13.50 13.16 25.35
CA HIS C 142 12.26 13.51 26.05
C HIS C 142 11.43 12.34 26.61
N GLN C 143 11.76 11.11 26.22
CA GLN C 143 11.02 9.92 26.70
C GLN C 143 9.49 10.11 26.69
N PRO C 144 8.92 10.52 25.54
CA PRO C 144 7.50 10.90 25.50
C PRO C 144 6.56 9.71 25.52
N LYS C 145 5.36 9.91 26.06
CA LYS C 145 4.28 8.94 25.95
C LYS C 145 3.78 8.79 24.50
N CYS C 146 3.77 9.92 23.76
CA CYS C 146 3.37 9.91 22.35
C CYS C 146 4.27 10.78 21.52
N LEU C 147 4.47 10.37 20.27
CA LEU C 147 5.04 11.21 19.24
C LEU C 147 3.96 11.53 18.22
N PHE C 148 3.82 12.82 17.88
CA PHE C 148 2.88 13.24 16.84
C PHE C 148 3.66 13.69 15.63
N LEU C 149 3.32 13.10 14.48
CA LEU C 149 3.85 13.51 13.19
C LEU C 149 2.76 13.87 12.17
N THR C 150 3.00 14.93 11.42
CA THR C 150 2.21 15.23 10.21
C THR C 150 2.79 14.39 9.06
N HIS C 151 1.95 13.63 8.36
CA HIS C 151 2.44 12.83 7.26
C HIS C 151 2.60 13.72 6.03
N GLY C 152 1.48 14.09 5.40
CA GLY C 152 1.51 15.07 4.34
C GLY C 152 1.03 16.41 4.91
N ASP C 153 1.79 17.48 4.64
CA ASP C 153 1.45 18.80 5.15
C ASP C 153 0.82 19.66 4.08
N SER C 154 -0.46 19.95 4.25
CA SER C 154 -1.19 20.75 3.28
C SER C 154 -0.89 22.25 3.33
N SER C 155 -0.19 22.69 4.37
CA SER C 155 0.23 24.10 4.44
C SER C 155 1.52 24.34 3.68
N SER C 156 2.28 23.26 3.42
CA SER C 156 3.56 23.36 2.73
C SER C 156 3.69 22.57 1.41
N GLY C 157 3.13 21.36 1.40
CA GLY C 157 3.27 20.45 0.28
C GLY C 157 4.39 19.49 0.57
N LEU C 158 4.66 19.30 1.86
CA LEU C 158 5.79 18.52 2.32
C LEU C 158 5.30 17.16 2.74
N LEU C 159 6.06 16.13 2.35
CA LEU C 159 5.76 14.76 2.75
C LEU C 159 6.84 14.24 3.69
N GLN C 160 6.43 13.72 4.84
CA GLN C 160 7.34 13.20 5.85
C GLN C 160 7.44 11.68 5.77
N PRO C 161 8.65 11.16 5.49
CA PRO C 161 8.93 9.72 5.56
C PRO C 161 8.65 9.17 6.95
N LEU C 162 7.97 8.03 6.99
CA LEU C 162 7.50 7.41 8.22
C LEU C 162 8.14 6.05 8.55
N GLU C 163 8.73 5.42 7.53
CA GLU C 163 9.49 4.16 7.70
C GLU C 163 10.52 4.27 8.83
N GLY C 164 10.40 3.35 9.79
CA GLY C 164 11.35 3.23 10.89
C GLY C 164 10.95 3.94 12.16
N VAL C 165 10.16 5.00 12.02
CA VAL C 165 9.76 5.84 13.16
C VAL C 165 9.01 5.06 14.24
N GLY C 166 8.05 4.21 13.84
CA GLY C 166 7.25 3.47 14.81
C GLY C 166 8.10 2.55 15.68
N GLN C 167 9.00 1.81 14.99
CA GLN C 167 9.99 0.92 15.60
C GLN C 167 10.76 1.65 16.70
N ILE C 168 11.30 2.82 16.38
CA ILE C 168 12.01 3.61 17.38
C ILE C 168 11.08 3.97 18.54
N CYS C 169 9.85 4.43 18.22
CA CYS C 169 8.88 4.79 19.28
C CYS C 169 8.63 3.61 20.22
N HIS C 170 8.48 2.44 19.63
CA HIS C 170 8.16 1.24 20.39
C HIS C 170 9.33 0.72 21.22
N GLN C 171 10.56 0.96 20.74
CA GLN C 171 11.75 0.70 21.55
C GLN C 171 11.72 1.48 22.88
N HIS C 172 11.08 2.65 22.87
CA HIS C 172 11.08 3.55 24.03
C HIS C 172 9.72 3.73 24.75
N ASP C 173 8.80 2.78 24.55
CA ASP C 173 7.46 2.83 25.15
C ASP C 173 6.63 4.03 24.71
N CYS C 174 6.82 4.43 23.46
CA CYS C 174 6.15 5.61 22.93
C CYS C 174 5.14 5.19 21.86
N LEU C 175 3.98 5.84 21.86
CA LEU C 175 2.98 5.66 20.82
C LEU C 175 3.25 6.59 19.68
N LEU C 176 3.16 6.08 18.45
CA LEU C 176 3.27 6.92 17.25
C LEU C 176 1.88 7.34 16.73
N ILE C 177 1.60 8.64 16.77
CA ILE C 177 0.35 9.15 16.22
C ILE C 177 0.60 10.01 14.96
N VAL C 178 -0.15 9.72 13.90
CA VAL C 178 0.12 10.29 12.58
C VAL C 178 -1.13 10.97 11.98
N ASP C 179 -0.90 12.16 11.42
CA ASP C 179 -1.89 12.92 10.78
C ASP C 179 -1.76 12.56 9.33
N ALA C 180 -2.68 11.74 8.83
CA ALA C 180 -2.66 11.37 7.40
C ALA C 180 -3.76 12.05 6.59
N VAL C 181 -4.23 13.19 7.05
CA VAL C 181 -5.36 13.89 6.43
C VAL C 181 -5.14 14.28 4.96
N ALA C 182 -3.93 14.74 4.64
CA ALA C 182 -3.68 15.20 3.26
C ALA C 182 -2.96 14.16 2.38
N SER C 183 -2.52 13.07 3.02
CA SER C 183 -1.67 12.12 2.34
C SER C 183 -2.42 10.88 1.89
N LEU C 184 -3.32 10.37 2.74
CA LEU C 184 -3.96 9.09 2.48
C LEU C 184 -4.58 9.02 1.12
N CYS C 185 -4.36 7.88 0.43
CA CYS C 185 -4.90 7.60 -0.93
C CYS C 185 -4.26 8.45 -1.98
N GLY C 186 -3.23 9.19 -1.57
CA GLY C 186 -2.45 10.02 -2.48
C GLY C 186 -1.02 9.49 -2.62
N VAL C 187 -0.57 8.76 -1.60
CA VAL C 187 0.77 8.19 -1.57
C VAL C 187 0.65 6.89 -0.77
N PRO C 188 1.59 5.94 -0.94
CA PRO C 188 1.48 4.72 -0.16
C PRO C 188 1.44 5.00 1.33
N PHE C 189 0.64 4.21 2.04
CA PHE C 189 0.54 4.33 3.47
C PHE C 189 0.23 2.96 4.02
N TYR C 190 0.92 2.56 5.08
CA TYR C 190 0.75 1.23 5.66
C TYR C 190 0.79 1.35 7.15
N MET C 191 -0.37 1.45 7.78
CA MET C 191 -0.37 1.74 9.19
C MET C 191 0.35 0.64 9.93
N ASP C 192 -0.02 -0.62 9.67
CA ASP C 192 0.52 -1.77 10.45
C ASP C 192 2.00 -2.04 10.20
N LYS C 193 2.38 -2.10 8.94
CA LYS C 193 3.76 -2.29 8.53
C LYS C 193 4.67 -1.22 9.12
N TRP C 194 4.15 0.01 9.24
CA TRP C 194 4.95 1.15 9.71
C TRP C 194 4.86 1.36 11.21
N GLU C 195 4.26 0.39 11.91
CA GLU C 195 4.23 0.38 13.37
C GLU C 195 3.60 1.68 13.93
N ILE C 196 2.52 2.14 13.27
CA ILE C 196 1.76 3.33 13.67
C ILE C 196 0.57 2.96 14.57
N ASP C 197 0.45 3.65 15.70
CA ASP C 197 -0.55 3.32 16.72
C ASP C 197 -1.87 4.09 16.63
N ALA C 198 -1.88 5.23 15.91
CA ALA C 198 -3.02 6.16 15.88
C ALA C 198 -2.93 7.03 14.65
N VAL C 199 -3.97 6.96 13.82
CA VAL C 199 -3.99 7.72 12.59
C VAL C 199 -5.43 8.30 12.37
N TYR C 200 -5.53 9.37 11.57
CA TYR C 200 -6.83 9.90 11.16
C TYR C 200 -6.65 10.53 9.77
N THR C 201 -7.72 10.53 8.96
CA THR C 201 -7.68 11.30 7.71
C THR C 201 -8.83 12.30 7.67
N GLY C 202 -8.88 13.02 6.54
CA GLY C 202 -9.97 13.93 6.26
C GLY C 202 -10.83 13.39 5.15
N ALA C 203 -12.13 13.49 5.37
CA ALA C 203 -13.10 13.11 4.36
C ALA C 203 -12.95 13.94 3.08
N GLN C 204 -12.81 15.26 3.23
CA GLN C 204 -12.91 16.21 2.12
C GLN C 204 -11.59 16.45 1.45
N LYS C 205 -10.56 15.72 1.85
CA LYS C 205 -9.29 15.79 1.16
C LYS C 205 -9.23 14.84 -0.07
N VAL C 206 -8.26 13.93 -0.12
CA VAL C 206 -8.07 13.04 -1.32
C VAL C 206 -9.33 12.20 -1.67
N LEU C 207 -9.89 11.55 -0.64
CA LEU C 207 -11.17 10.79 -0.65
C LEU C 207 -12.36 11.32 -1.48
N GLY C 208 -12.56 12.65 -1.53
CA GLY C 208 -13.72 13.22 -2.24
C GLY C 208 -15.05 12.92 -1.54
N ALA C 209 -15.04 13.05 -0.21
CA ALA C 209 -16.23 12.84 0.60
C ALA C 209 -16.53 14.18 1.28
N PRO C 210 -17.80 14.40 1.67
CA PRO C 210 -18.14 15.70 2.30
C PRO C 210 -17.55 15.81 3.70
N PRO C 211 -17.11 17.03 4.08
CA PRO C 211 -16.53 17.27 5.42
C PRO C 211 -17.50 17.04 6.59
N GLY C 212 -16.97 16.77 7.77
CA GLY C 212 -17.79 16.68 8.97
C GLY C 212 -17.60 15.40 9.76
N ILE C 213 -17.00 14.40 9.12
CA ILE C 213 -16.78 13.13 9.77
C ILE C 213 -15.35 12.66 9.54
N THR C 214 -14.73 12.10 10.57
CA THR C 214 -13.30 11.84 10.50
C THR C 214 -12.98 10.37 10.75
N PRO C 215 -12.49 9.67 9.70
CA PRO C 215 -12.02 8.30 9.88
C PRO C 215 -10.79 8.24 10.76
N ILE C 216 -10.78 7.27 11.68
CA ILE C 216 -9.77 7.10 12.67
C ILE C 216 -9.40 5.62 12.85
N SER C 217 -8.17 5.36 13.30
CA SER C 217 -7.75 3.99 13.68
C SER C 217 -6.70 4.00 14.76
N ILE C 218 -6.91 3.21 15.82
CA ILE C 218 -5.91 3.05 16.87
C ILE C 218 -5.50 1.57 17.03
N SER C 219 -4.23 1.35 17.37
CA SER C 219 -3.66 -0.01 17.48
C SER C 219 -4.06 -0.63 18.83
N PRO C 220 -3.95 -1.97 18.98
CA PRO C 220 -4.25 -2.60 20.28
C PRO C 220 -3.42 -1.98 21.40
N LYS C 221 -2.20 -1.58 21.06
CA LYS C 221 -1.31 -0.92 22.02
C LYS C 221 -1.93 0.41 22.51
N ALA C 222 -2.34 1.27 21.57
CA ALA C 222 -2.98 2.56 21.91
C ALA C 222 -4.26 2.29 22.68
N LEU C 223 -5.02 1.30 22.22
CA LEU C 223 -6.25 0.92 22.91
C LEU C 223 -6.00 0.57 24.38
N ASP C 224 -5.02 -0.31 24.61
CA ASP C 224 -4.66 -0.73 25.96
C ASP C 224 -4.20 0.44 26.83
N VAL C 225 -3.46 1.37 26.22
CA VAL C 225 -3.10 2.62 26.90
C VAL C 225 -4.34 3.37 27.40
N ILE C 226 -5.38 3.42 26.56
CA ILE C 226 -6.62 4.12 26.91
C ILE C 226 -7.36 3.38 28.03
N ARG C 227 -7.50 2.06 27.87
CA ARG C 227 -8.14 1.24 28.91
C ARG C 227 -7.48 1.38 30.28
N ASN C 228 -6.16 1.66 30.31
CA ASN C 228 -5.41 1.76 31.55
C ASN C 228 -5.16 3.16 32.12
N ARG C 229 -5.83 4.18 31.60
CA ARG C 229 -5.63 5.52 32.19
C ARG C 229 -6.17 5.64 33.61
N ARG C 230 -5.53 6.52 34.37
CA ARG C 230 -5.82 6.74 35.78
C ARG C 230 -7.12 7.54 35.94
N THR C 231 -7.37 8.42 34.98
CA THR C 231 -8.49 9.39 35.02
C THR C 231 -9.28 9.31 33.72
N LYS C 232 -10.55 9.67 33.79
CA LYS C 232 -11.40 9.78 32.57
C LYS C 232 -10.86 10.82 31.60
N SER C 233 -10.93 10.54 30.31
CA SER C 233 -10.54 11.51 29.32
C SER C 233 -11.52 12.70 29.36
N LYS C 234 -11.05 13.87 28.98
CA LYS C 234 -11.80 15.10 29.20
C LYS C 234 -13.11 15.25 28.42
N VAL C 235 -13.20 14.60 27.24
CA VAL C 235 -14.31 14.83 26.31
C VAL C 235 -15.13 13.57 26.08
N PHE C 236 -16.34 13.55 26.63
CA PHE C 236 -17.22 12.41 26.50
C PHE C 236 -17.50 12.08 25.03
N TYR C 237 -17.73 13.15 24.28
CA TYR C 237 -18.12 13.10 22.89
C TYR C 237 -17.17 12.30 22.01
N TRP C 238 -15.86 12.33 22.30
CA TRP C 238 -14.94 11.48 21.56
C TRP C 238 -14.07 10.59 22.46
N ASP C 239 -14.65 10.20 23.60
CA ASP C 239 -14.09 9.13 24.41
C ASP C 239 -14.13 7.86 23.55
N LEU C 240 -12.96 7.37 23.19
CA LEU C 240 -12.85 6.27 22.22
C LEU C 240 -13.28 4.92 22.77
N LEU C 241 -13.41 4.78 24.09
CA LEU C 241 -13.98 3.55 24.63
C LEU C 241 -15.47 3.49 24.34
N LEU C 242 -16.15 4.63 24.57
CA LEU C 242 -17.57 4.75 24.32
C LEU C 242 -17.87 4.84 22.82
N LEU C 243 -17.10 5.63 22.10
CA LEU C 243 -17.30 5.74 20.66
C LEU C 243 -17.04 4.42 19.85
N GLY C 244 -15.91 3.76 20.15
CA GLY C 244 -15.66 2.43 19.62
C GLY C 244 -16.69 1.39 20.02
N ASN C 245 -17.30 1.55 21.20
CA ASN C 245 -18.38 0.62 21.57
C ASN C 245 -19.57 0.74 20.63
N TYR C 246 -20.09 1.96 20.43
CA TYR C 246 -21.17 2.14 19.46
C TYR C 246 -20.79 1.70 18.05
N TRP C 247 -19.54 1.89 17.65
CA TRP C 247 -19.10 1.45 16.33
C TRP C 247 -18.85 -0.09 16.25
N GLY C 248 -19.04 -0.77 17.39
CA GLY C 248 -18.91 -2.23 17.39
C GLY C 248 -17.44 -2.64 17.20
N CYS C 249 -16.55 -2.03 17.97
CA CYS C 249 -15.12 -2.27 17.78
C CYS C 249 -14.64 -3.24 18.86
N TYR C 250 -15.50 -3.47 19.85
CA TYR C 250 -15.10 -4.22 21.03
C TYR C 250 -16.04 -5.40 21.25
N ASP C 251 -15.69 -6.25 22.23
CA ASP C 251 -16.53 -7.39 22.54
C ASP C 251 -17.51 -6.92 23.58
N GLU C 252 -18.40 -6.02 23.14
CA GLU C 252 -19.37 -5.41 24.03
C GLU C 252 -20.65 -5.16 23.25
N PRO C 253 -21.79 -5.21 23.94
CA PRO C 253 -23.03 -4.79 23.25
C PRO C 253 -23.00 -3.26 23.05
N LYS C 254 -23.46 -2.81 21.87
CA LYS C 254 -23.50 -1.40 21.48
C LYS C 254 -24.45 -0.59 22.38
N ARG C 255 -23.93 0.49 22.97
CA ARG C 255 -24.74 1.42 23.73
C ARG C 255 -24.85 2.76 22.98
N TYR C 256 -26.00 3.43 23.12
CA TYR C 256 -26.15 4.78 22.58
C TYR C 256 -25.03 5.67 23.13
N HIS C 257 -24.36 6.36 22.20
CA HIS C 257 -23.35 7.31 22.60
C HIS C 257 -23.77 8.73 22.26
N HIS C 258 -23.98 9.01 20.97
CA HIS C 258 -24.42 10.30 20.44
C HIS C 258 -24.97 9.98 19.06
N THR C 259 -25.76 10.87 18.49
CA THR C 259 -26.33 10.64 17.16
C THR C 259 -25.26 10.88 16.08
N VAL C 260 -24.97 9.86 15.28
CA VAL C 260 -23.97 10.00 14.23
C VAL C 260 -24.59 10.65 12.98
N ALA C 261 -23.75 11.24 12.13
CA ALA C 261 -24.24 11.86 10.93
C ALA C 261 -24.42 10.83 9.81
N SER C 262 -25.60 10.20 9.83
CA SER C 262 -26.04 9.19 8.89
C SER C 262 -25.68 9.53 7.48
N ASN C 263 -26.08 10.74 7.08
CA ASN C 263 -25.91 11.24 5.72
C ASN C 263 -24.47 11.35 5.34
N LEU C 264 -23.62 11.78 6.28
CA LEU C 264 -22.16 11.84 6.03
C LEU C 264 -21.53 10.42 5.99
N ILE C 265 -22.08 9.53 6.79
CA ILE C 265 -21.67 8.13 6.75
C ILE C 265 -22.00 7.50 5.39
N PHE C 266 -23.21 7.74 4.87
CA PHE C 266 -23.58 7.18 3.56
C PHE C 266 -22.58 7.66 2.52
N ALA C 267 -22.19 8.91 2.64
CA ALA C 267 -21.36 9.53 1.63
C ALA C 267 -19.93 9.00 1.76
N LEU C 268 -19.46 8.89 2.99
CA LEU C 268 -18.14 8.32 3.23
C LEU C 268 -18.07 6.91 2.65
N ARG C 269 -19.06 6.08 3.00
CA ARG C 269 -19.18 4.72 2.44
C ARG C 269 -19.01 4.68 0.91
N GLU C 270 -19.72 5.56 0.22
CA GLU C 270 -19.65 5.62 -1.22
C GLU C 270 -18.28 6.05 -1.75
N ALA C 271 -17.64 7.00 -1.06
CA ALA C 271 -16.30 7.43 -1.39
C ALA C 271 -15.33 6.29 -1.16
N LEU C 272 -15.50 5.55 -0.05
CA LEU C 272 -14.69 4.35 0.20
C LEU C 272 -14.88 3.28 -0.92
N ALA C 273 -16.14 3.02 -1.31
CA ALA C 273 -16.43 2.08 -2.36
C ALA C 273 -15.70 2.48 -3.62
N GLN C 274 -15.69 3.79 -3.94
CA GLN C 274 -15.08 4.24 -5.22
C GLN C 274 -13.60 3.91 -5.28
N ILE C 275 -12.93 4.06 -4.13
CA ILE C 275 -11.51 3.80 -4.10
C ILE C 275 -11.29 2.28 -4.09
N ALA C 276 -12.15 1.55 -3.41
CA ALA C 276 -12.10 0.09 -3.40
C ALA C 276 -12.26 -0.46 -4.84
N GLU C 277 -13.26 0.03 -5.58
CA GLU C 277 -13.44 -0.34 -6.99
C GLU C 277 -12.26 -0.09 -7.92
N GLU C 278 -11.58 1.05 -7.76
CA GLU C 278 -10.42 1.39 -8.60
C GLU C 278 -9.18 0.73 -8.06
N GLY C 279 -9.10 0.59 -6.74
CA GLY C 279 -7.89 0.10 -6.05
C GLY C 279 -6.91 1.19 -5.61
N LEU C 280 -6.41 1.05 -4.38
CA LEU C 280 -5.40 1.98 -3.86
C LEU C 280 -4.27 2.31 -4.84
N GLU C 281 -3.52 1.27 -5.24
CA GLU C 281 -2.36 1.39 -6.09
C GLU C 281 -2.62 2.28 -7.31
N ASN C 282 -3.73 2.04 -7.98
CA ASN C 282 -4.06 2.78 -9.20
C ASN C 282 -4.36 4.27 -8.92
N GLN C 283 -4.93 4.54 -7.74
CA GLN C 283 -5.29 5.91 -7.37
C GLN C 283 -4.05 6.69 -7.02
N ILE C 284 -3.24 6.13 -6.14
CA ILE C 284 -1.89 6.63 -5.87
C ILE C 284 -1.06 6.90 -7.15
N LYS C 285 -1.02 5.95 -8.10
CA LYS C 285 -0.28 6.15 -9.35
C LYS C 285 -0.87 7.27 -10.19
N ARG C 286 -2.20 7.40 -10.20
CA ARG C 286 -2.83 8.44 -11.01
C ARG C 286 -2.49 9.81 -10.41
N ARG C 287 -2.40 9.87 -9.09
CA ARG C 287 -2.13 11.15 -8.42
C ARG C 287 -0.67 11.55 -8.58
N ILE C 288 0.21 10.57 -8.45
CA ILE C 288 1.61 10.75 -8.81
C ILE C 288 1.85 11.24 -10.27
N GLU C 289 1.17 10.65 -11.27
CA GLU C 289 1.31 11.14 -12.66
C GLU C 289 0.84 12.58 -12.75
N CYS C 290 -0.34 12.85 -12.19
CA CYS C 290 -0.92 14.19 -12.19
C CYS C 290 0.04 15.23 -11.63
N ALA C 291 0.65 14.93 -10.48
CA ALA C 291 1.68 15.77 -9.88
C ALA C 291 2.82 16.11 -10.86
N GLN C 292 3.37 15.08 -11.53
CA GLN C 292 4.38 15.25 -12.60
C GLN C 292 3.91 16.20 -13.70
N ILE C 293 2.68 16.01 -14.18
CA ILE C 293 2.17 16.90 -15.21
C ILE C 293 2.13 18.33 -14.67
N LEU C 294 1.76 18.46 -13.39
CA LEU C 294 1.69 19.74 -12.73
C LEU C 294 3.07 20.40 -12.62
N TYR C 295 4.04 19.65 -12.09
CA TYR C 295 5.43 20.11 -12.00
C TYR C 295 5.96 20.58 -13.34
N GLU C 296 5.76 19.79 -14.41
CA GLU C 296 6.25 20.16 -15.73
C GLU C 296 5.65 21.48 -16.17
N GLY C 297 4.34 21.63 -16.02
CA GLY C 297 3.61 22.80 -16.51
C GLY C 297 3.95 24.08 -15.77
N LEU C 298 4.25 23.93 -14.47
CA LEU C 298 4.70 25.05 -13.63
C LEU C 298 6.12 25.46 -14.03
N GLY C 299 6.99 24.46 -14.24
CA GLY C 299 8.33 24.70 -14.79
C GLY C 299 8.27 25.56 -16.04
N LYS C 300 7.44 25.15 -17.00
CA LYS C 300 7.37 25.86 -18.29
C LYS C 300 6.91 27.31 -18.16
N MET C 301 6.24 27.62 -17.04
CA MET C 301 5.76 28.96 -16.77
C MET C 301 6.80 29.79 -16.02
N GLY C 302 7.85 29.12 -15.57
CA GLY C 302 8.89 29.81 -14.84
C GLY C 302 8.58 29.98 -13.37
N LEU C 303 7.70 29.14 -12.85
CA LEU C 303 7.23 29.19 -11.48
C LEU C 303 7.95 28.18 -10.60
N ASP C 304 8.25 28.61 -9.38
CA ASP C 304 8.93 27.78 -8.41
C ASP C 304 7.94 27.13 -7.46
N ILE C 305 8.40 26.05 -6.84
CA ILE C 305 7.60 25.24 -5.96
C ILE C 305 8.19 25.36 -4.55
N PHE C 306 7.32 25.57 -3.57
CA PHE C 306 7.74 25.78 -2.18
C PHE C 306 8.65 24.66 -1.63
N VAL C 307 8.27 23.41 -1.83
CA VAL C 307 9.16 22.30 -1.51
C VAL C 307 10.02 22.00 -2.75
N LYS C 308 11.29 22.37 -2.66
CA LYS C 308 12.16 22.48 -3.82
C LYS C 308 12.62 21.12 -4.33
N ASP C 309 13.06 20.27 -3.41
CA ASP C 309 13.51 18.93 -3.72
C ASP C 309 12.29 18.05 -3.97
N PRO C 310 12.15 17.51 -5.21
CA PRO C 310 11.05 16.62 -5.61
C PRO C 310 10.92 15.39 -4.72
N ARG C 311 12.02 14.97 -4.12
CA ARG C 311 12.06 13.80 -3.26
C ARG C 311 11.16 13.98 -2.04
N HIS C 312 10.87 15.24 -1.71
CA HIS C 312 10.22 15.58 -0.44
C HIS C 312 8.79 16.04 -0.58
N ARG C 313 8.31 16.10 -1.81
CA ARG C 313 7.01 16.64 -2.12
C ARG C 313 5.84 15.69 -1.89
N LEU C 314 4.78 16.21 -1.26
CA LEU C 314 3.45 15.59 -1.24
C LEU C 314 2.77 15.83 -2.57
N PRO C 315 2.43 14.77 -3.32
CA PRO C 315 1.78 14.90 -4.65
C PRO C 315 0.45 15.65 -4.61
N THR C 316 -0.31 15.43 -3.54
CA THR C 316 -1.67 16.00 -3.44
C THR C 316 -1.79 17.50 -3.16
N VAL C 317 -0.71 18.11 -2.64
CA VAL C 317 -0.65 19.55 -2.37
C VAL C 317 0.69 20.14 -2.79
N THR C 318 0.63 21.13 -3.69
CA THR C 318 1.81 21.79 -4.20
C THR C 318 1.75 23.31 -3.92
N GLY C 319 2.79 23.85 -3.28
CA GLY C 319 2.94 25.29 -3.13
C GLY C 319 3.58 25.96 -4.34
N ILE C 320 2.83 26.84 -5.01
CA ILE C 320 3.34 27.62 -6.10
C ILE C 320 3.76 29.02 -5.58
N MET C 321 5.05 29.30 -5.62
CA MET C 321 5.58 30.56 -5.12
C MET C 321 5.08 31.74 -5.96
N ILE C 322 4.62 32.78 -5.27
CA ILE C 322 4.19 34.00 -5.94
C ILE C 322 5.45 34.65 -6.48
N PRO C 323 5.47 34.98 -7.78
CA PRO C 323 6.59 35.77 -8.28
C PRO C 323 6.56 37.20 -7.73
N LYS C 324 7.69 37.89 -7.81
CA LYS C 324 7.89 39.21 -7.17
C LYS C 324 6.77 40.23 -7.37
N GLY C 325 6.50 40.58 -8.61
CA GLY C 325 5.56 41.68 -8.84
C GLY C 325 4.09 41.34 -8.63
N VAL C 326 3.82 40.12 -8.13
CA VAL C 326 2.50 39.50 -8.32
C VAL C 326 1.54 39.58 -7.11
N ASP C 327 0.33 39.99 -7.41
CA ASP C 327 -0.75 40.02 -6.44
C ASP C 327 -1.50 38.70 -6.55
N TRP C 328 -1.28 37.82 -5.57
CA TRP C 328 -1.80 36.46 -5.59
C TRP C 328 -3.32 36.41 -5.65
N TRP C 329 -3.97 37.32 -4.92
CA TRP C 329 -5.42 37.35 -4.82
C TRP C 329 -6.11 37.81 -6.08
N LYS C 330 -5.50 38.69 -6.86
CA LYS C 330 -6.08 39.13 -8.13
C LYS C 330 -6.08 38.02 -9.16
N VAL C 331 -5.01 37.20 -9.15
CA VAL C 331 -4.90 36.02 -9.97
C VAL C 331 -6.01 35.04 -9.58
N SER C 332 -6.06 34.69 -8.29
CA SER C 332 -7.11 33.81 -7.74
C SER C 332 -8.54 34.19 -8.08
N GLN C 333 -8.89 35.47 -7.91
CA GLN C 333 -10.25 35.90 -8.13
C GLN C 333 -10.61 35.84 -9.59
N TYR C 334 -9.68 36.25 -10.43
CA TYR C 334 -9.84 36.10 -11.89
C TYR C 334 -10.13 34.64 -12.26
N ALA C 335 -9.37 33.72 -11.66
CA ALA C 335 -9.48 32.29 -11.93
C ALA C 335 -10.91 31.80 -11.63
N MET C 336 -11.47 32.27 -10.53
CA MET C 336 -12.81 31.85 -10.10
C MET C 336 -13.86 32.53 -10.95
N ASN C 337 -13.73 33.83 -11.18
CA ASN C 337 -14.70 34.57 -11.96
C ASN C 337 -14.77 34.16 -13.43
N ASN C 338 -13.66 33.66 -13.96
CA ASN C 338 -13.57 33.35 -15.38
C ASN C 338 -13.50 31.85 -15.68
N PHE C 339 -13.07 31.04 -14.72
CA PHE C 339 -12.95 29.61 -14.99
C PHE C 339 -13.66 28.71 -13.96
N SER C 340 -14.29 29.35 -12.97
CA SER C 340 -14.84 28.65 -11.79
C SER C 340 -13.74 27.83 -11.13
N LEU C 341 -12.52 28.30 -11.30
CA LEU C 341 -11.37 27.59 -10.82
C LEU C 341 -10.95 28.10 -9.45
N GLU C 342 -10.76 27.14 -8.54
CA GLU C 342 -10.33 27.42 -7.19
C GLU C 342 -8.81 27.40 -7.16
N VAL C 343 -8.22 28.58 -7.05
CA VAL C 343 -6.79 28.72 -6.88
C VAL C 343 -6.55 29.22 -5.44
N GLN C 344 -6.26 28.30 -4.54
CA GLN C 344 -6.14 28.64 -3.14
C GLN C 344 -4.83 29.40 -2.77
N GLY C 345 -4.89 30.25 -1.74
CA GLY C 345 -3.74 30.97 -1.25
C GLY C 345 -2.98 30.09 -0.29
N GLY C 346 -2.06 30.70 0.47
CA GLY C 346 -1.20 29.98 1.42
C GLY C 346 -1.76 29.87 2.83
N LEU C 347 -1.07 29.10 3.67
CA LEU C 347 -1.44 28.83 5.03
C LEU C 347 -0.16 28.51 5.77
N GLY C 348 -0.03 28.94 7.01
CA GLY C 348 1.15 28.67 7.81
C GLY C 348 2.41 29.07 7.05
N PRO C 349 3.33 28.11 6.82
CA PRO C 349 4.58 28.33 6.12
C PRO C 349 4.43 29.04 4.76
N THR C 350 3.29 28.83 4.10
CA THR C 350 3.09 29.39 2.77
C THR C 350 2.29 30.67 2.75
N PHE C 351 1.85 31.12 3.93
CA PHE C 351 1.05 32.32 3.99
C PHE C 351 1.75 33.55 3.33
N GLY C 352 1.07 34.18 2.36
CA GLY C 352 1.61 35.28 1.59
C GLY C 352 2.76 34.95 0.63
N LYS C 353 3.23 33.71 0.65
CA LYS C 353 4.38 33.28 -0.16
C LYS C 353 4.00 32.47 -1.42
N ALA C 354 2.92 31.68 -1.33
CA ALA C 354 2.55 30.68 -2.35
C ALA C 354 1.03 30.50 -2.47
N TRP C 355 0.57 30.15 -3.66
CA TRP C 355 -0.71 29.48 -3.82
C TRP C 355 -0.60 28.01 -3.44
N ARG C 356 -1.73 27.32 -3.26
CA ARG C 356 -1.71 25.88 -2.99
C ARG C 356 -2.65 25.14 -3.94
N VAL C 357 -2.10 24.17 -4.69
CA VAL C 357 -2.89 23.35 -5.63
C VAL C 357 -3.02 22.00 -5.02
N GLY C 358 -4.26 21.50 -4.98
CA GLY C 358 -4.57 20.13 -4.53
C GLY C 358 -4.83 19.22 -5.72
N ILE C 359 -4.40 17.98 -5.59
CA ILE C 359 -4.80 16.93 -6.53
C ILE C 359 -5.58 15.88 -5.74
N MET C 360 -6.89 16.09 -5.66
CA MET C 360 -7.73 15.39 -4.68
C MET C 360 -9.12 15.17 -5.24
N GLY C 361 -9.84 14.15 -4.71
CA GLY C 361 -11.23 13.90 -5.08
C GLY C 361 -11.40 13.81 -6.58
N GLU C 362 -12.40 14.50 -7.11
CA GLU C 362 -12.75 14.33 -8.53
C GLU C 362 -11.85 15.05 -9.54
N CYS C 363 -10.91 15.85 -9.05
CA CYS C 363 -10.01 16.57 -9.96
C CYS C 363 -8.61 15.93 -10.02
N SER C 364 -8.53 14.65 -9.69
CA SER C 364 -7.27 13.91 -9.79
C SER C 364 -7.10 13.26 -11.19
N THR C 365 -7.32 14.02 -12.25
CA THR C 365 -7.15 13.48 -13.59
C THR C 365 -6.26 14.41 -14.41
N VAL C 366 -5.58 13.83 -15.39
CA VAL C 366 -4.75 14.57 -16.33
C VAL C 366 -5.46 15.75 -16.95
N GLN C 367 -6.70 15.55 -17.37
CA GLN C 367 -7.52 16.63 -17.97
C GLN C 367 -7.78 17.80 -17.01
N LYS C 368 -8.02 17.46 -15.74
CA LYS C 368 -8.25 18.45 -14.71
C LYS C 368 -6.97 19.25 -14.45
N ILE C 369 -5.84 18.53 -14.33
CA ILE C 369 -4.55 19.17 -14.13
C ILE C 369 -4.19 20.07 -15.31
N GLN C 370 -4.48 19.64 -16.53
CA GLN C 370 -4.23 20.47 -17.71
C GLN C 370 -5.11 21.70 -17.74
N PHE C 371 -6.38 21.54 -17.39
CA PHE C 371 -7.28 22.70 -17.30
C PHE C 371 -6.81 23.69 -16.23
N TYR C 372 -6.40 23.18 -15.06
CA TYR C 372 -5.85 24.03 -14.01
C TYR C 372 -4.67 24.88 -14.54
N LEU C 373 -3.69 24.23 -15.19
CA LEU C 373 -2.51 24.92 -15.76
C LEU C 373 -2.96 26.00 -16.71
N TYR C 374 -3.92 25.66 -17.57
CA TYR C 374 -4.44 26.60 -18.54
C TYR C 374 -5.12 27.77 -17.85
N GLY C 375 -6.05 27.47 -16.94
CA GLY C 375 -6.78 28.51 -16.21
C GLY C 375 -5.90 29.37 -15.36
N PHE C 376 -4.97 28.75 -14.63
CA PHE C 376 -3.97 29.48 -13.88
C PHE C 376 -3.18 30.46 -14.76
N LYS C 377 -2.61 29.94 -15.86
CA LYS C 377 -1.82 30.77 -16.77
C LYS C 377 -2.62 31.94 -17.34
N GLU C 378 -3.77 31.66 -17.91
CA GLU C 378 -4.62 32.73 -18.43
C GLU C 378 -4.97 33.77 -17.37
N SER C 379 -5.01 33.34 -16.10
CA SER C 379 -5.36 34.22 -15.00
C SER C 379 -4.19 35.09 -14.59
N LEU C 380 -2.99 34.50 -14.52
CA LEU C 380 -1.77 35.26 -14.28
C LEU C 380 -1.57 36.26 -15.42
N LYS C 381 -1.85 35.81 -16.63
CA LYS C 381 -1.60 36.58 -17.83
C LYS C 381 -2.50 37.80 -17.92
N ALA C 382 -3.79 37.59 -17.74
CA ALA C 382 -4.75 38.67 -17.89
C ALA C 382 -4.65 39.67 -16.75
N THR C 383 -3.98 39.28 -15.70
CA THR C 383 -4.04 40.01 -14.45
C THR C 383 -2.70 40.76 -14.22
N HIS C 384 -1.64 40.21 -14.81
CA HIS C 384 -0.29 40.71 -14.70
C HIS C 384 0.32 40.60 -16.11
N PRO C 385 -0.04 41.53 -17.01
CA PRO C 385 0.41 41.50 -18.41
C PRO C 385 1.93 41.64 -18.62
N ASP C 386 2.67 42.05 -17.59
CA ASP C 386 4.11 42.16 -17.71
C ASP C 386 4.83 40.93 -17.24
N TYR C 387 4.08 39.93 -16.75
CA TYR C 387 4.72 38.69 -16.33
C TYR C 387 5.25 38.01 -17.59
N ILE C 388 6.45 37.45 -17.50
CA ILE C 388 7.12 36.76 -18.61
C ILE C 388 7.22 35.28 -18.32
N PHE C 389 6.68 34.50 -19.25
CA PHE C 389 6.68 33.01 -19.18
C PHE C 389 7.89 32.31 -19.84
N LYS D 2 32.41 -18.37 18.26
CA LYS D 2 30.94 -18.67 18.35
C LYS D 2 30.08 -17.80 17.39
N PHE D 3 28.96 -18.38 16.96
CA PHE D 3 28.13 -17.75 15.95
C PHE D 3 26.73 -17.51 16.49
N THR D 4 26.14 -16.39 16.13
CA THR D 4 24.73 -16.17 16.42
C THR D 4 23.95 -17.37 15.84
N PRO D 5 23.07 -18.00 16.67
CA PRO D 5 22.47 -19.33 16.41
C PRO D 5 21.68 -19.44 15.09
N PRO D 6 21.59 -20.67 14.54
CA PRO D 6 20.80 -21.00 13.35
C PRO D 6 19.29 -20.79 13.54
N PRO D 7 18.58 -20.48 12.45
CA PRO D 7 17.12 -20.26 12.53
C PRO D 7 16.32 -21.56 12.70
N ALA D 8 15.29 -21.52 13.55
CA ALA D 8 14.45 -22.68 13.84
C ALA D 8 13.61 -23.08 12.63
N SER D 9 13.31 -22.10 11.77
CA SER D 9 12.52 -22.28 10.55
C SER D 9 13.12 -23.27 9.56
N LEU D 10 14.42 -23.52 9.69
CA LEU D 10 15.11 -24.54 8.89
C LEU D 10 15.17 -25.92 9.51
N ARG D 11 14.50 -26.09 10.65
CA ARG D 11 14.46 -27.40 11.32
C ARG D 11 13.42 -28.37 10.71
N ASN D 12 12.31 -27.82 10.25
CA ASN D 12 11.26 -28.59 9.58
C ASN D 12 11.70 -29.02 8.17
N PRO D 13 11.26 -30.23 7.75
CA PRO D 13 11.38 -30.62 6.35
C PRO D 13 10.66 -29.67 5.38
N LEU D 14 11.20 -29.60 4.17
CA LEU D 14 10.58 -28.85 3.06
C LEU D 14 9.38 -29.62 2.55
N ILE D 15 8.21 -28.98 2.49
CA ILE D 15 7.01 -29.61 1.93
C ILE D 15 6.35 -28.70 0.92
N ILE D 16 6.32 -29.15 -0.32
CA ILE D 16 5.71 -28.36 -1.37
C ILE D 16 4.59 -29.25 -1.94
N PRO D 17 3.34 -28.77 -1.84
CA PRO D 17 2.20 -29.51 -2.38
C PRO D 17 2.16 -29.56 -3.90
N GLU D 18 1.45 -30.54 -4.44
CA GLU D 18 1.17 -30.59 -5.85
C GLU D 18 0.05 -29.62 -6.12
N LYS D 19 0.10 -28.98 -7.28
CA LYS D 19 -0.93 -28.04 -7.67
C LYS D 19 -1.24 -28.21 -9.14
N ILE D 20 -2.48 -27.90 -9.53
CA ILE D 20 -2.81 -27.94 -10.94
C ILE D 20 -2.61 -26.52 -11.52
N MET D 21 -1.44 -26.35 -12.12
CA MET D 21 -0.95 -25.02 -12.46
C MET D 21 -1.53 -24.54 -13.78
N MET D 22 -2.74 -24.01 -13.69
CA MET D 22 -3.43 -23.54 -14.89
C MET D 22 -3.66 -22.03 -14.96
N GLY D 23 -2.71 -21.27 -14.38
CA GLY D 23 -2.58 -19.85 -14.67
C GLY D 23 -1.70 -19.68 -15.89
N PRO D 24 -1.35 -18.42 -16.23
CA PRO D 24 -0.56 -18.11 -17.41
C PRO D 24 0.96 -18.23 -17.13
N GLY D 25 1.33 -19.07 -16.16
CA GLY D 25 2.73 -19.29 -15.83
C GLY D 25 2.95 -19.15 -14.35
N PRO D 26 3.80 -20.01 -13.76
CA PRO D 26 4.45 -21.14 -14.40
C PRO D 26 3.50 -22.34 -14.65
N SER D 27 3.77 -23.10 -15.70
CA SER D 27 3.06 -24.35 -15.97
C SER D 27 3.59 -25.56 -15.16
N ASN D 28 2.80 -26.64 -15.12
CA ASN D 28 3.27 -27.95 -14.66
C ASN D 28 4.36 -28.59 -15.56
N CYS D 29 5.50 -28.92 -14.98
CA CYS D 29 6.53 -29.66 -15.70
C CYS D 29 6.23 -31.12 -15.56
N SER D 30 6.59 -31.91 -16.57
CA SER D 30 6.46 -33.34 -16.48
C SER D 30 7.48 -33.91 -15.52
N LYS D 31 7.13 -35.09 -15.01
CA LYS D 31 8.02 -35.86 -14.16
C LYS D 31 9.42 -35.99 -14.80
N ARG D 32 9.46 -36.29 -16.09
CA ARG D 32 10.73 -36.41 -16.84
C ARG D 32 11.62 -35.13 -16.77
N VAL D 33 10.98 -33.99 -17.00
CA VAL D 33 11.61 -32.69 -16.93
C VAL D 33 12.07 -32.36 -15.51
N LEU D 34 11.19 -32.53 -14.52
CA LEU D 34 11.53 -32.35 -13.12
C LEU D 34 12.71 -33.21 -12.64
N THR D 35 12.70 -34.51 -12.96
CA THR D 35 13.77 -35.39 -12.50
C THR D 35 15.11 -35.18 -13.21
N ALA D 36 15.08 -34.59 -14.39
CA ALA D 36 16.30 -34.17 -15.09
C ALA D 36 17.17 -33.22 -14.29
N MET D 37 16.55 -32.36 -13.47
CA MET D 37 17.27 -31.39 -12.63
C MET D 37 18.17 -32.07 -11.59
N THR D 38 17.79 -33.28 -11.32
CA THR D 38 18.38 -34.16 -10.35
C THR D 38 19.76 -34.72 -10.74
N ASN D 39 20.18 -34.57 -11.99
CA ASN D 39 21.49 -35.00 -12.41
C ASN D 39 22.61 -34.17 -11.79
N THR D 40 23.84 -34.70 -11.86
CA THR D 40 25.07 -34.04 -11.38
C THR D 40 25.25 -32.67 -12.02
N VAL D 41 25.48 -31.67 -11.18
CA VAL D 41 25.92 -30.36 -11.61
C VAL D 41 27.29 -30.54 -12.24
N LEU D 42 27.40 -30.11 -13.49
CA LEU D 42 28.62 -30.33 -14.25
C LEU D 42 29.47 -29.11 -14.29
N SER D 43 30.76 -29.32 -14.53
CA SER D 43 31.73 -28.26 -14.62
C SER D 43 31.60 -27.58 -15.97
N ASN D 44 31.99 -26.31 -16.05
CA ASN D 44 31.76 -25.52 -17.27
C ASN D 44 32.29 -26.08 -18.58
N PHE D 45 33.40 -26.80 -18.51
CA PHE D 45 33.98 -27.40 -19.71
C PHE D 45 33.83 -28.90 -19.83
N HIS D 46 32.94 -29.49 -19.01
CA HIS D 46 32.63 -30.91 -19.17
C HIS D 46 31.93 -31.16 -20.51
N ALA D 47 32.39 -32.22 -21.18
CA ALA D 47 31.90 -32.66 -22.49
C ALA D 47 30.40 -32.95 -22.53
N GLU D 48 29.87 -33.57 -21.48
CA GLU D 48 28.46 -33.81 -21.40
C GLU D 48 27.63 -32.54 -21.21
N LEU D 49 28.19 -31.50 -20.59
CA LEU D 49 27.48 -30.23 -20.52
C LEU D 49 27.40 -29.63 -21.91
N PHE D 50 28.53 -29.54 -22.60
CA PHE D 50 28.54 -29.01 -23.97
C PHE D 50 27.60 -29.77 -24.94
N ARG D 51 27.54 -31.09 -24.78
CA ARG D 51 26.71 -31.92 -25.61
C ARG D 51 25.22 -31.63 -25.36
N THR D 52 24.86 -31.45 -24.08
CA THR D 52 23.51 -31.09 -23.70
C THR D 52 23.17 -29.68 -24.20
N MET D 53 24.15 -28.79 -24.09
CA MET D 53 23.98 -27.44 -24.58
C MET D 53 23.68 -27.40 -26.08
N ASP D 54 24.38 -28.26 -26.84
CA ASP D 54 24.20 -28.34 -28.28
C ASP D 54 22.83 -28.85 -28.67
N GLU D 55 22.37 -29.86 -27.97
CA GLU D 55 21.03 -30.43 -28.15
C GLU D 55 19.98 -29.36 -27.85
N VAL D 56 20.28 -28.48 -26.90
CA VAL D 56 19.35 -27.42 -26.55
C VAL D 56 19.25 -26.43 -27.70
N LYS D 57 20.38 -25.99 -28.23
CA LYS D 57 20.43 -25.10 -29.40
C LYS D 57 19.67 -25.69 -30.60
N ASP D 58 19.87 -26.97 -30.87
CA ASP D 58 19.11 -27.66 -31.91
C ASP D 58 17.62 -27.62 -31.63
N GLY D 59 17.25 -27.93 -30.38
CA GLY D 59 15.86 -27.86 -29.92
C GLY D 59 15.27 -26.48 -30.07
N LEU D 60 16.07 -25.48 -29.74
CA LEU D 60 15.70 -24.08 -29.83
C LEU D 60 15.48 -23.62 -31.28
N ARG D 61 16.43 -23.89 -32.16
CA ARG D 61 16.22 -23.68 -33.60
C ARG D 61 14.94 -24.35 -34.10
N TYR D 62 14.63 -25.54 -33.60
CA TYR D 62 13.38 -26.19 -33.98
C TYR D 62 12.14 -25.43 -33.50
N ILE D 63 12.08 -25.05 -32.23
CA ILE D 63 10.86 -24.35 -31.77
C ILE D 63 10.77 -22.89 -32.26
N PHE D 64 11.90 -22.24 -32.50
CA PHE D 64 11.85 -20.86 -32.97
C PHE D 64 11.66 -20.89 -34.48
N GLN D 65 11.95 -22.05 -35.07
CA GLN D 65 11.97 -22.21 -36.51
C GLN D 65 12.97 -21.22 -37.13
N THR D 66 14.25 -21.43 -36.82
CA THR D 66 15.33 -20.56 -37.32
C THR D 66 16.56 -21.40 -37.63
N GLU D 67 17.49 -20.81 -38.36
CA GLU D 67 18.78 -21.50 -38.59
C GLU D 67 19.89 -20.70 -37.96
N ASN D 68 19.50 -19.71 -37.17
CA ASN D 68 20.42 -18.82 -36.47
C ASN D 68 21.45 -19.59 -35.64
N ARG D 69 22.71 -19.23 -35.85
CA ARG D 69 23.80 -19.89 -35.16
C ARG D 69 23.85 -19.33 -33.76
N ALA D 70 23.67 -18.02 -33.65
CA ALA D 70 23.54 -17.33 -32.38
C ALA D 70 22.17 -17.61 -31.76
N THR D 71 21.94 -18.90 -31.50
CA THR D 71 20.82 -19.38 -30.70
C THR D 71 21.43 -19.95 -29.40
N MET D 72 20.95 -19.49 -28.24
CA MET D 72 21.60 -19.82 -26.97
C MET D 72 20.63 -19.56 -25.82
N CYS D 73 21.11 -19.57 -24.58
CA CYS D 73 20.27 -19.15 -23.48
C CYS D 73 20.90 -18.08 -22.67
N VAL D 74 20.06 -17.20 -22.16
CA VAL D 74 20.46 -16.25 -21.10
C VAL D 74 20.19 -16.89 -19.73
N SER D 75 21.14 -16.72 -18.82
CA SER D 75 21.05 -17.31 -17.50
C SER D 75 20.23 -16.41 -16.59
N GLY D 76 18.93 -16.40 -16.82
CA GLY D 76 18.03 -15.50 -16.09
C GLY D 76 16.62 -15.90 -16.42
N SER D 77 15.62 -15.37 -15.72
CA SER D 77 14.24 -15.59 -16.14
C SER D 77 13.94 -14.73 -17.39
N ALA D 78 12.70 -14.75 -17.88
CA ALA D 78 12.43 -14.16 -19.21
C ALA D 78 12.73 -12.67 -19.30
N HIS D 79 12.58 -11.97 -18.16
CA HIS D 79 13.03 -10.57 -18.02
C HIS D 79 14.47 -10.35 -18.47
N ALA D 80 15.37 -11.26 -18.09
CA ALA D 80 16.78 -11.21 -18.50
C ALA D 80 16.98 -11.35 -20.02
N GLY D 81 16.11 -12.11 -20.68
CA GLY D 81 16.09 -12.14 -22.15
C GLY D 81 15.72 -10.79 -22.78
N MET D 82 14.71 -10.14 -22.21
CA MET D 82 14.38 -8.77 -22.57
C MET D 82 15.55 -7.87 -22.29
N GLU D 83 16.09 -7.93 -21.07
CA GLU D 83 17.26 -7.13 -20.68
C GLU D 83 18.40 -7.29 -21.67
N ALA D 84 18.66 -8.51 -22.11
CA ALA D 84 19.77 -8.82 -22.99
C ALA D 84 19.58 -8.19 -24.38
N MET D 85 18.38 -8.32 -24.94
CA MET D 85 18.10 -7.74 -26.29
C MET D 85 18.35 -6.24 -26.25
N LEU D 86 17.81 -5.60 -25.21
CA LEU D 86 17.92 -4.15 -25.11
C LEU D 86 19.34 -3.64 -24.84
N SER D 87 20.08 -4.31 -23.96
CA SER D 87 21.43 -3.82 -23.63
C SER D 87 22.45 -4.12 -24.75
N ASN D 88 22.21 -5.16 -25.54
CA ASN D 88 23.11 -5.49 -26.62
C ASN D 88 22.85 -4.71 -27.91
N LEU D 89 21.58 -4.52 -28.24
CA LEU D 89 21.17 -3.90 -29.50
C LEU D 89 21.06 -2.37 -29.50
N LEU D 90 21.01 -1.78 -28.30
CA LEU D 90 20.92 -0.33 -28.19
C LEU D 90 22.15 0.28 -27.54
N GLU D 91 22.64 1.38 -28.13
CA GLU D 91 23.64 2.22 -27.48
C GLU D 91 22.96 3.46 -26.93
N GLU D 92 23.66 4.19 -26.08
CA GLU D 92 23.15 5.42 -25.50
C GLU D 92 22.74 6.41 -26.61
N GLY D 93 21.48 6.85 -26.60
CA GLY D 93 20.97 7.73 -27.64
C GLY D 93 20.23 7.06 -28.78
N ASP D 94 20.41 5.77 -28.96
CA ASP D 94 19.68 5.05 -30.02
C ASP D 94 18.16 5.11 -29.85
N ARG D 95 17.45 5.16 -30.98
CA ARG D 95 16.01 5.23 -30.95
C ARG D 95 15.41 3.84 -30.96
N VAL D 96 14.58 3.56 -29.96
CA VAL D 96 13.85 2.31 -29.93
C VAL D 96 12.36 2.59 -29.99
N LEU D 97 11.67 1.93 -30.91
CA LEU D 97 10.24 2.05 -30.95
C LEU D 97 9.60 0.86 -30.25
N ILE D 98 8.73 1.16 -29.29
CA ILE D 98 8.00 0.13 -28.60
C ILE D 98 6.47 0.32 -28.72
N ALA D 99 5.79 -0.64 -29.34
CA ALA D 99 4.34 -0.66 -29.34
C ALA D 99 3.82 -1.12 -27.96
N VAL D 100 3.14 -0.24 -27.23
CA VAL D 100 2.74 -0.50 -25.87
C VAL D 100 1.24 -0.69 -25.74
N ASN D 101 0.81 -1.93 -25.45
CA ASN D 101 -0.57 -2.23 -25.10
C ASN D 101 -0.66 -3.43 -24.14
N GLY D 102 0.37 -3.59 -23.32
CA GLY D 102 0.40 -4.64 -22.31
C GLY D 102 1.52 -4.31 -21.35
N ILE D 103 1.66 -5.10 -20.31
CA ILE D 103 2.66 -4.86 -19.30
C ILE D 103 4.09 -5.12 -19.74
N TRP D 104 4.27 -6.06 -20.68
CA TRP D 104 5.64 -6.46 -21.04
C TRP D 104 6.34 -5.35 -21.78
N ALA D 105 5.60 -4.71 -22.69
CA ALA D 105 6.08 -3.52 -23.40
C ALA D 105 6.40 -2.37 -22.42
N GLU D 106 5.61 -2.22 -21.37
CA GLU D 106 5.95 -1.24 -20.33
C GLU D 106 7.27 -1.53 -19.63
N ARG D 107 7.52 -2.81 -19.32
CA ARG D 107 8.82 -3.27 -18.83
C ARG D 107 9.90 -2.93 -19.85
N ALA D 108 9.63 -3.18 -21.13
CA ALA D 108 10.64 -2.88 -22.18
C ALA D 108 10.99 -1.39 -22.25
N VAL D 109 9.99 -0.53 -22.02
CA VAL D 109 10.17 0.93 -21.95
C VAL D 109 11.06 1.29 -20.77
N GLU D 110 10.70 0.75 -19.60
CA GLU D 110 11.49 0.92 -18.39
C GLU D 110 12.97 0.53 -18.58
N MET D 111 13.20 -0.60 -19.28
CA MET D 111 14.54 -1.09 -19.46
C MET D 111 15.32 -0.23 -20.45
N SER D 112 14.71 0.07 -21.59
CA SER D 112 15.36 0.92 -22.58
C SER D 112 15.74 2.28 -21.96
N GLU D 113 14.83 2.88 -21.19
CA GLU D 113 15.19 4.09 -20.48
C GLU D 113 16.44 3.96 -19.63
N ARG D 114 16.49 2.92 -18.79
CA ARG D 114 17.63 2.69 -17.90
C ARG D 114 18.93 2.50 -18.69
N TYR D 115 18.82 1.86 -19.86
CA TYR D 115 19.98 1.71 -20.73
C TYR D 115 20.33 2.96 -21.53
N GLY D 116 19.53 4.03 -21.36
CA GLY D 116 19.80 5.33 -22.00
C GLY D 116 19.44 5.43 -23.47
N ALA D 117 18.50 4.59 -23.89
CA ALA D 117 17.94 4.72 -25.24
C ALA D 117 16.97 5.90 -25.31
N ASP D 118 16.69 6.34 -26.53
CA ASP D 118 15.69 7.38 -26.77
C ASP D 118 14.39 6.65 -27.11
N VAL D 119 13.49 6.62 -26.13
CA VAL D 119 12.35 5.71 -26.22
C VAL D 119 11.15 6.31 -26.93
N ARG D 120 10.77 5.69 -28.04
CA ARG D 120 9.63 6.15 -28.78
C ARG D 120 8.52 5.12 -28.55
N THR D 121 7.37 5.57 -28.07
CA THR D 121 6.25 4.65 -27.89
C THR D 121 5.06 4.97 -28.76
N ILE D 122 4.24 3.95 -28.98
CA ILE D 122 2.98 4.09 -29.70
C ILE D 122 1.98 3.24 -28.91
N GLU D 123 0.97 3.91 -28.35
CA GLU D 123 -0.08 3.23 -27.58
C GLU D 123 -1.14 2.55 -28.41
N GLY D 124 -1.85 1.62 -27.79
CA GLY D 124 -2.93 0.86 -28.46
C GLY D 124 -3.80 0.26 -27.39
N PRO D 125 -5.05 -0.16 -27.76
CA PRO D 125 -5.90 -0.75 -26.73
C PRO D 125 -5.34 -2.15 -26.32
N PRO D 126 -5.50 -2.52 -25.05
CA PRO D 126 -4.94 -3.79 -24.61
C PRO D 126 -5.59 -5.01 -25.27
N ASP D 127 -6.73 -4.80 -25.93
CA ASP D 127 -7.54 -5.92 -26.41
C ASP D 127 -7.65 -6.01 -27.93
N ARG D 128 -6.85 -5.19 -28.61
CA ARG D 128 -6.77 -5.18 -30.06
C ARG D 128 -5.31 -5.01 -30.49
N PRO D 129 -4.86 -5.80 -31.50
CA PRO D 129 -3.50 -5.71 -31.96
C PRO D 129 -3.19 -4.42 -32.68
N PHE D 130 -1.92 -4.23 -33.05
CA PHE D 130 -1.50 -3.13 -33.88
C PHE D 130 -1.54 -3.63 -35.30
N SER D 131 -1.96 -2.74 -36.21
CA SER D 131 -2.13 -3.07 -37.62
C SER D 131 -0.79 -2.88 -38.27
N LEU D 132 -0.58 -3.48 -39.43
CA LEU D 132 0.62 -3.22 -40.18
C LEU D 132 0.79 -1.71 -40.48
N GLU D 133 -0.34 -1.04 -40.69
CA GLU D 133 -0.36 0.37 -41.10
C GLU D 133 0.14 1.20 -39.95
N THR D 134 -0.49 1.00 -38.80
CA THR D 134 -0.08 1.67 -37.55
C THR D 134 1.41 1.52 -37.30
N LEU D 135 1.94 0.30 -37.47
CA LEU D 135 3.34 0.04 -37.20
C LEU D 135 4.24 0.69 -38.27
N ALA D 136 3.88 0.46 -39.54
CA ALA D 136 4.63 1.05 -40.66
C ALA D 136 4.77 2.56 -40.50
N ARG D 137 3.66 3.17 -40.07
CA ARG D 137 3.56 4.60 -39.91
C ARG D 137 4.54 5.04 -38.85
N ALA D 138 4.41 4.43 -37.67
CA ALA D 138 5.27 4.67 -36.50
C ALA D 138 6.77 4.48 -36.77
N ILE D 139 7.11 3.48 -37.59
CA ILE D 139 8.50 3.20 -37.99
C ILE D 139 9.02 4.34 -38.87
N GLU D 140 8.27 4.64 -39.94
CA GLU D 140 8.56 5.78 -40.83
C GLU D 140 8.83 7.03 -40.01
N LEU D 141 7.87 7.37 -39.14
CA LEU D 141 7.98 8.57 -38.34
C LEU D 141 9.30 8.60 -37.56
N HIS D 142 9.47 7.60 -36.67
CA HIS D 142 10.56 7.60 -35.67
C HIS D 142 11.91 7.07 -36.13
N GLN D 143 11.96 6.40 -37.30
CA GLN D 143 13.24 5.86 -37.82
C GLN D 143 14.07 5.12 -36.72
N PRO D 144 13.46 4.12 -36.03
CA PRO D 144 14.13 3.51 -34.88
C PRO D 144 15.16 2.47 -35.29
N LYS D 145 16.17 2.30 -34.45
CA LYS D 145 17.16 1.23 -34.60
C LYS D 145 16.46 -0.11 -34.40
N CYS D 146 15.57 -0.17 -33.41
CA CYS D 146 14.82 -1.38 -33.10
C CYS D 146 13.33 -1.12 -32.89
N LEU D 147 12.53 -2.11 -33.31
CA LEU D 147 11.14 -2.21 -32.92
C LEU D 147 10.94 -3.40 -31.97
N PHE D 148 10.34 -3.14 -30.82
CA PHE D 148 9.95 -4.22 -29.92
C PHE D 148 8.44 -4.51 -29.99
N LEU D 149 8.11 -5.78 -30.29
CA LEU D 149 6.74 -6.27 -30.18
C LEU D 149 6.56 -7.47 -29.21
N THR D 150 5.51 -7.43 -28.38
CA THR D 150 5.00 -8.60 -27.66
C THR D 150 4.20 -9.48 -28.62
N HIS D 151 4.57 -10.76 -28.73
CA HIS D 151 3.81 -11.66 -29.60
C HIS D 151 2.51 -12.07 -28.91
N GLY D 152 2.59 -12.92 -27.89
CA GLY D 152 1.40 -13.30 -27.11
C GLY D 152 1.49 -12.58 -25.79
N ASP D 153 0.41 -11.89 -25.39
CA ASP D 153 0.46 -11.09 -24.16
C ASP D 153 -0.28 -11.78 -23.04
N SER D 154 0.45 -12.15 -22.01
CA SER D 154 -0.11 -12.97 -20.95
C SER D 154 -0.81 -12.10 -19.91
N SER D 155 -0.74 -10.77 -20.07
CA SER D 155 -1.52 -9.89 -19.19
C SER D 155 -2.93 -9.66 -19.72
N SER D 156 -3.16 -9.98 -20.99
CA SER D 156 -4.44 -9.70 -21.66
C SER D 156 -5.05 -10.91 -22.39
N GLY D 157 -4.21 -11.78 -22.95
CA GLY D 157 -4.71 -12.90 -23.76
C GLY D 157 -4.71 -12.52 -25.23
N LEU D 158 -3.97 -11.46 -25.55
CA LEU D 158 -3.94 -10.91 -26.90
C LEU D 158 -2.78 -11.46 -27.72
N LEU D 159 -3.07 -11.80 -28.97
CA LEU D 159 -2.06 -12.30 -29.88
C LEU D 159 -1.83 -11.28 -31.01
N GLN D 160 -0.56 -10.92 -31.22
CA GLN D 160 -0.17 -9.92 -32.18
C GLN D 160 0.29 -10.57 -33.48
N PRO D 161 -0.44 -10.32 -34.60
CA PRO D 161 0.04 -10.81 -35.90
C PRO D 161 1.41 -10.21 -36.23
N LEU D 162 2.27 -11.03 -36.82
CA LEU D 162 3.66 -10.64 -37.02
C LEU D 162 4.08 -10.70 -38.50
N GLU D 163 3.33 -11.47 -39.32
CA GLU D 163 3.55 -11.44 -40.78
C GLU D 163 3.71 -9.99 -41.34
N GLY D 164 4.79 -9.78 -42.09
CA GLY D 164 5.00 -8.50 -42.78
C GLY D 164 5.76 -7.47 -41.99
N VAL D 165 5.74 -7.57 -40.66
CA VAL D 165 6.39 -6.56 -39.79
C VAL D 165 7.91 -6.46 -40.02
N GLY D 166 8.56 -7.62 -40.17
CA GLY D 166 10.01 -7.68 -40.31
C GLY D 166 10.44 -7.01 -41.59
N GLN D 167 9.73 -7.37 -42.65
CA GLN D 167 9.92 -6.78 -43.98
C GLN D 167 9.95 -5.26 -43.89
N ILE D 168 8.96 -4.68 -43.21
CA ILE D 168 8.86 -3.24 -43.10
C ILE D 168 10.08 -2.75 -42.34
N CYS D 169 10.35 -3.38 -41.20
CA CYS D 169 11.49 -2.98 -40.35
C CYS D 169 12.75 -2.94 -41.17
N HIS D 170 12.94 -3.94 -42.03
CA HIS D 170 14.18 -4.09 -42.79
C HIS D 170 14.30 -3.04 -43.88
N GLN D 171 13.14 -2.68 -44.47
CA GLN D 171 13.05 -1.58 -45.42
C GLN D 171 13.61 -0.29 -44.82
N HIS D 172 13.55 -0.19 -43.50
CA HIS D 172 13.95 1.04 -42.79
C HIS D 172 15.16 0.95 -41.88
N ASP D 173 16.03 -0.03 -42.15
CA ASP D 173 17.23 -0.26 -41.29
C ASP D 173 16.89 -0.52 -39.82
N CYS D 174 15.77 -1.18 -39.59
CA CYS D 174 15.29 -1.43 -38.22
C CYS D 174 15.32 -2.93 -37.88
N LEU D 175 15.78 -3.23 -36.67
CA LEU D 175 15.75 -4.61 -36.18
C LEU D 175 14.38 -4.90 -35.57
N LEU D 176 13.83 -6.06 -35.89
CA LEU D 176 12.61 -6.51 -35.23
C LEU D 176 12.92 -7.44 -34.02
N ILE D 177 12.63 -6.95 -32.82
CA ILE D 177 12.76 -7.81 -31.65
C ILE D 177 11.38 -8.19 -31.10
N VAL D 178 11.18 -9.50 -30.90
CA VAL D 178 9.90 -10.11 -30.52
C VAL D 178 9.95 -10.89 -29.17
N ASP D 179 8.95 -10.67 -28.34
CA ASP D 179 8.79 -11.37 -27.07
C ASP D 179 7.81 -12.48 -27.31
N ALA D 180 8.33 -13.69 -27.50
CA ALA D 180 7.51 -14.87 -27.74
C ALA D 180 7.35 -15.76 -26.48
N VAL D 181 7.43 -15.16 -25.30
CA VAL D 181 7.45 -15.94 -24.05
C VAL D 181 6.17 -16.73 -23.84
N ALA D 182 5.01 -16.10 -24.08
CA ALA D 182 3.70 -16.78 -23.84
C ALA D 182 3.12 -17.43 -25.08
N SER D 183 3.68 -17.14 -26.25
CA SER D 183 3.13 -17.68 -27.48
C SER D 183 3.84 -18.94 -27.96
N LEU D 184 5.16 -18.99 -27.87
CA LEU D 184 5.89 -20.07 -28.51
C LEU D 184 5.36 -21.48 -28.17
N CYS D 185 5.24 -22.34 -29.19
CA CYS D 185 4.74 -23.72 -29.03
C CYS D 185 3.23 -23.78 -28.77
N GLY D 186 2.60 -22.60 -28.73
CA GLY D 186 1.17 -22.48 -28.53
C GLY D 186 0.46 -22.09 -29.84
N VAL D 187 1.15 -21.37 -30.71
CA VAL D 187 0.63 -20.97 -32.01
C VAL D 187 1.80 -21.09 -32.94
N PRO D 188 1.54 -21.17 -34.28
CA PRO D 188 2.67 -21.13 -35.25
C PRO D 188 3.61 -19.95 -35.01
N PHE D 189 4.90 -20.20 -35.21
CA PHE D 189 5.89 -19.13 -35.11
C PHE D 189 7.01 -19.50 -36.08
N TYR D 190 7.49 -18.52 -36.84
CA TYR D 190 8.55 -18.78 -37.84
C TYR D 190 9.49 -17.60 -37.81
N MET D 191 10.53 -17.71 -36.99
CA MET D 191 11.44 -16.59 -36.85
C MET D 191 11.97 -16.12 -38.19
N ASP D 192 12.51 -17.03 -38.99
CA ASP D 192 13.21 -16.68 -40.23
C ASP D 192 12.27 -16.21 -41.36
N LYS D 193 11.22 -17.01 -41.63
CA LYS D 193 10.14 -16.63 -42.54
C LYS D 193 9.58 -15.24 -42.25
N TRP D 194 9.43 -14.89 -40.96
CA TRP D 194 8.85 -13.58 -40.58
C TRP D 194 9.88 -12.45 -40.44
N GLU D 195 11.11 -12.70 -40.87
CA GLU D 195 12.15 -11.68 -40.81
C GLU D 195 12.42 -11.14 -39.40
N ILE D 196 12.32 -12.01 -38.39
CA ILE D 196 12.55 -11.56 -37.00
C ILE D 196 14.04 -11.65 -36.64
N ASP D 197 14.57 -10.56 -36.05
CA ASP D 197 16.00 -10.49 -35.76
C ASP D 197 16.40 -10.99 -34.34
N ALA D 198 15.46 -11.00 -33.40
CA ALA D 198 15.78 -11.21 -31.99
C ALA D 198 14.53 -11.67 -31.29
N VAL D 199 14.58 -12.83 -30.65
CA VAL D 199 13.41 -13.39 -30.01
C VAL D 199 13.85 -14.07 -28.69
N TYR D 200 12.94 -14.22 -27.73
CA TYR D 200 13.22 -15.01 -26.56
C TYR D 200 11.90 -15.67 -26.12
N THR D 201 11.96 -16.84 -25.48
CA THR D 201 10.78 -17.41 -24.79
C THR D 201 11.02 -17.56 -23.30
N GLY D 202 10.00 -18.05 -22.62
CA GLY D 202 10.07 -18.43 -21.22
C GLY D 202 10.06 -19.93 -21.11
N ALA D 203 10.92 -20.45 -20.23
CA ALA D 203 10.96 -21.87 -19.92
C ALA D 203 9.64 -22.33 -19.31
N GLN D 204 9.11 -21.56 -18.36
CA GLN D 204 8.01 -22.02 -17.48
C GLN D 204 6.62 -21.72 -18.05
N LYS D 205 6.59 -21.28 -19.31
CA LYS D 205 5.32 -21.06 -19.95
C LYS D 205 4.91 -22.32 -20.73
N VAL D 206 4.70 -22.23 -22.05
CA VAL D 206 4.13 -23.36 -22.79
C VAL D 206 4.99 -24.64 -22.67
N LEU D 207 6.31 -24.48 -22.82
CA LEU D 207 7.31 -25.54 -22.71
C LEU D 207 7.19 -26.52 -21.53
N GLY D 208 6.69 -26.05 -20.39
CA GLY D 208 6.69 -26.86 -19.17
C GLY D 208 8.08 -27.23 -18.67
N ALA D 209 9.00 -26.26 -18.72
CA ALA D 209 10.31 -26.33 -18.13
C ALA D 209 10.40 -25.42 -16.86
N PRO D 210 11.33 -25.74 -15.94
CA PRO D 210 11.45 -24.89 -14.74
C PRO D 210 12.03 -23.52 -15.06
N PRO D 211 11.54 -22.48 -14.37
CA PRO D 211 12.00 -21.10 -14.64
C PRO D 211 13.47 -20.87 -14.25
N GLY D 212 14.09 -19.90 -14.93
CA GLY D 212 15.39 -19.41 -14.48
C GLY D 212 16.37 -19.36 -15.61
N ILE D 213 15.97 -19.87 -16.77
CA ILE D 213 16.87 -19.87 -17.93
C ILE D 213 16.07 -19.49 -19.14
N THR D 214 16.63 -18.68 -20.01
CA THR D 214 15.79 -18.09 -21.07
C THR D 214 16.37 -18.34 -22.47
N PRO D 215 15.68 -19.17 -23.25
CA PRO D 215 16.08 -19.40 -24.65
C PRO D 215 15.97 -18.12 -25.46
N ILE D 216 16.96 -17.93 -26.32
CA ILE D 216 17.17 -16.72 -27.10
C ILE D 216 17.72 -17.05 -28.51
N SER D 217 17.45 -16.17 -29.48
CA SER D 217 18.02 -16.28 -30.85
C SER D 217 18.11 -14.91 -31.52
N ILE D 218 19.29 -14.57 -32.02
CA ILE D 218 19.48 -13.37 -32.80
C ILE D 218 19.93 -13.70 -34.25
N SER D 219 19.53 -12.85 -35.19
CA SER D 219 19.83 -13.06 -36.61
C SER D 219 21.24 -12.56 -36.92
N PRO D 220 21.81 -13.01 -38.05
CA PRO D 220 23.14 -12.48 -38.43
C PRO D 220 23.18 -10.95 -38.49
N LYS D 221 22.05 -10.36 -38.90
CA LYS D 221 21.89 -8.90 -38.92
C LYS D 221 21.99 -8.29 -37.52
N ALA D 222 21.21 -8.83 -36.58
CA ALA D 222 21.32 -8.38 -35.18
C ALA D 222 22.73 -8.61 -34.66
N LEU D 223 23.30 -9.77 -34.99
CA LEU D 223 24.67 -10.11 -34.55
C LEU D 223 25.69 -9.08 -35.05
N ASP D 224 25.60 -8.73 -36.33
CA ASP D 224 26.50 -7.76 -36.93
C ASP D 224 26.31 -6.39 -36.31
N VAL D 225 25.07 -6.03 -35.99
CA VAL D 225 24.84 -4.79 -35.21
C VAL D 225 25.58 -4.78 -33.86
N ILE D 226 25.55 -5.90 -33.14
CA ILE D 226 26.31 -6.02 -31.89
C ILE D 226 27.82 -5.92 -32.13
N ARG D 227 28.33 -6.64 -33.12
CA ARG D 227 29.78 -6.61 -33.38
C ARG D 227 30.27 -5.19 -33.67
N ASN D 228 29.39 -4.35 -34.20
CA ASN D 228 29.76 -3.01 -34.67
C ASN D 228 29.44 -1.86 -33.75
N ARG D 229 28.93 -2.13 -32.55
CA ARG D 229 28.72 -1.03 -31.61
C ARG D 229 29.99 -0.26 -31.24
N ARG D 230 29.80 1.02 -30.94
CA ARG D 230 30.85 1.99 -30.63
C ARG D 230 31.40 1.77 -29.22
N THR D 231 30.52 1.34 -28.32
CA THR D 231 30.81 1.16 -26.90
C THR D 231 30.41 -0.24 -26.47
N LYS D 232 31.06 -0.73 -25.42
CA LYS D 232 30.68 -2.00 -24.78
C LYS D 232 29.25 -1.92 -24.26
N SER D 233 28.51 -3.02 -24.39
CA SER D 233 27.19 -3.08 -23.75
C SER D 233 27.37 -3.04 -22.23
N LYS D 234 26.34 -2.58 -21.53
CA LYS D 234 26.43 -2.29 -20.09
C LYS D 234 26.61 -3.50 -19.17
N VAL D 235 26.10 -4.66 -19.59
CA VAL D 235 26.06 -5.85 -18.73
C VAL D 235 26.90 -6.99 -19.29
N PHE D 236 28.08 -7.17 -18.72
CA PHE D 236 28.96 -8.30 -19.02
C PHE D 236 28.25 -9.68 -19.00
N TYR D 237 27.43 -9.91 -17.96
CA TYR D 237 26.69 -11.13 -17.72
C TYR D 237 25.83 -11.62 -18.88
N TRP D 238 25.26 -10.69 -19.66
CA TRP D 238 24.53 -11.11 -20.86
C TRP D 238 25.00 -10.37 -22.13
N ASP D 239 26.25 -9.93 -22.13
CA ASP D 239 26.93 -9.58 -23.37
C ASP D 239 26.90 -10.80 -24.29
N LEU D 240 26.26 -10.64 -25.45
CA LEU D 240 25.93 -11.79 -26.31
C LEU D 240 27.10 -12.27 -27.14
N LEU D 241 28.12 -11.43 -27.28
CA LEU D 241 29.36 -11.87 -27.87
C LEU D 241 30.09 -12.83 -26.95
N LEU D 242 30.07 -12.52 -25.66
CA LEU D 242 30.73 -13.37 -24.68
C LEU D 242 29.91 -14.63 -24.37
N LEU D 243 28.61 -14.44 -24.26
CA LEU D 243 27.74 -15.55 -23.96
C LEU D 243 27.62 -16.50 -25.16
N GLY D 244 27.40 -15.97 -26.35
CA GLY D 244 27.43 -16.77 -27.55
C GLY D 244 28.73 -17.54 -27.75
N ASN D 245 29.86 -16.96 -27.36
CA ASN D 245 31.15 -17.67 -27.42
C ASN D 245 31.16 -18.94 -26.58
N TYR D 246 30.75 -18.84 -25.30
CA TYR D 246 30.70 -20.01 -24.43
C TYR D 246 29.65 -21.04 -24.92
N TRP D 247 28.58 -20.56 -25.56
CA TRP D 247 27.57 -21.44 -26.15
C TRP D 247 27.98 -22.03 -27.50
N GLY D 248 29.17 -21.65 -27.98
CA GLY D 248 29.72 -22.21 -29.20
C GLY D 248 28.92 -21.77 -30.40
N CYS D 249 28.58 -20.48 -30.44
CA CYS D 249 27.76 -19.94 -31.50
C CYS D 249 28.64 -19.39 -32.61
N TYR D 250 29.92 -19.16 -32.29
CA TYR D 250 30.82 -18.46 -33.18
C TYR D 250 32.03 -19.31 -33.57
N ASP D 251 32.79 -18.84 -34.56
CA ASP D 251 34.00 -19.54 -34.98
C ASP D 251 35.14 -19.16 -34.04
N GLU D 252 34.96 -19.45 -32.77
CA GLU D 252 35.91 -19.08 -31.73
C GLU D 252 35.97 -20.23 -30.74
N PRO D 253 37.13 -20.41 -30.09
CA PRO D 253 37.22 -21.37 -28.97
C PRO D 253 36.41 -20.84 -27.74
N LYS D 254 35.68 -21.74 -27.07
CA LYS D 254 34.88 -21.40 -25.89
C LYS D 254 35.74 -20.91 -24.70
N ARG D 255 35.37 -19.77 -24.14
CA ARG D 255 36.03 -19.22 -22.97
C ARG D 255 35.04 -19.18 -21.83
N TYR D 256 35.52 -19.46 -20.62
CA TYR D 256 34.70 -19.30 -19.43
C TYR D 256 34.07 -17.90 -19.40
N HIS D 257 32.77 -17.86 -19.19
CA HIS D 257 32.06 -16.60 -19.10
C HIS D 257 31.46 -16.52 -17.70
N HIS D 258 30.53 -17.43 -17.37
CA HIS D 258 29.89 -17.50 -16.06
C HIS D 258 29.41 -18.94 -15.92
N THR D 259 29.14 -19.38 -14.70
CA THR D 259 28.66 -20.73 -14.50
C THR D 259 27.18 -20.80 -14.89
N VAL D 260 26.88 -21.69 -15.84
CA VAL D 260 25.51 -21.90 -16.30
C VAL D 260 24.80 -22.85 -15.37
N ALA D 261 23.47 -22.74 -15.35
CA ALA D 261 22.64 -23.57 -14.48
C ALA D 261 22.41 -24.94 -15.11
N SER D 262 23.39 -25.83 -14.91
CA SER D 262 23.38 -27.20 -15.41
C SER D 262 22.01 -27.85 -15.31
N ASN D 263 21.45 -27.79 -14.11
CA ASN D 263 20.26 -28.52 -13.80
C ASN D 263 19.09 -28.00 -14.61
N LEU D 264 19.07 -26.69 -14.78
CA LEU D 264 18.02 -26.04 -15.55
C LEU D 264 18.18 -26.36 -17.04
N ILE D 265 19.42 -26.42 -17.50
CA ILE D 265 19.73 -26.89 -18.84
C ILE D 265 19.29 -28.32 -19.12
N PHE D 266 19.55 -29.26 -18.20
CA PHE D 266 19.09 -30.64 -18.36
C PHE D 266 17.57 -30.65 -18.53
N ALA D 267 16.89 -29.83 -17.73
CA ALA D 267 15.43 -29.85 -17.71
C ALA D 267 14.89 -29.23 -19.00
N LEU D 268 15.48 -28.12 -19.44
CA LEU D 268 15.12 -27.47 -20.70
C LEU D 268 15.31 -28.44 -21.86
N ARG D 269 16.46 -29.12 -21.89
CA ARG D 269 16.72 -30.12 -22.92
C ARG D 269 15.58 -31.17 -23.02
N GLU D 270 15.18 -31.72 -21.88
CA GLU D 270 14.13 -32.71 -21.81
C GLU D 270 12.76 -32.16 -22.26
N ALA D 271 12.48 -30.90 -21.88
CA ALA D 271 11.28 -30.21 -22.36
C ALA D 271 11.36 -30.04 -23.86
N LEU D 272 12.50 -29.66 -24.38
CA LEU D 272 12.64 -29.59 -25.85
C LEU D 272 12.45 -30.96 -26.55
N ALA D 273 12.98 -32.03 -25.96
CA ALA D 273 12.82 -33.37 -26.52
C ALA D 273 11.33 -33.78 -26.57
N GLN D 274 10.59 -33.44 -25.52
CA GLN D 274 9.20 -33.76 -25.43
C GLN D 274 8.40 -33.16 -26.59
N ILE D 275 8.67 -31.89 -26.90
CA ILE D 275 7.99 -31.23 -28.00
C ILE D 275 8.51 -31.70 -29.37
N ALA D 276 9.79 -32.06 -29.44
CA ALA D 276 10.34 -32.62 -30.65
C ALA D 276 9.71 -33.96 -30.94
N GLU D 277 9.48 -34.78 -29.91
CA GLU D 277 8.89 -36.11 -30.05
C GLU D 277 7.44 -36.10 -30.50
N GLU D 278 6.66 -35.14 -29.99
CA GLU D 278 5.28 -34.97 -30.39
C GLU D 278 5.18 -34.17 -31.70
N GLY D 279 6.06 -33.18 -31.88
CA GLY D 279 6.03 -32.34 -33.07
C GLY D 279 5.30 -31.04 -32.80
N LEU D 280 5.86 -29.95 -33.33
CA LEU D 280 5.27 -28.60 -33.16
C LEU D 280 3.79 -28.54 -33.55
N GLU D 281 3.50 -28.92 -34.79
CA GLU D 281 2.15 -28.85 -35.35
C GLU D 281 1.12 -29.49 -34.43
N ASN D 282 1.38 -30.72 -34.00
CA ASN D 282 0.47 -31.42 -33.07
C ASN D 282 0.24 -30.75 -31.72
N GLN D 283 1.29 -30.14 -31.17
CA GLN D 283 1.19 -29.43 -29.90
C GLN D 283 0.33 -28.18 -30.05
N ILE D 284 0.65 -27.37 -31.06
CA ILE D 284 -0.15 -26.21 -31.44
C ILE D 284 -1.63 -26.57 -31.68
N LYS D 285 -1.88 -27.64 -32.43
CA LYS D 285 -3.25 -28.09 -32.66
C LYS D 285 -3.95 -28.55 -31.40
N ARG D 286 -3.22 -29.22 -30.51
CA ARG D 286 -3.79 -29.65 -29.21
C ARG D 286 -4.18 -28.45 -28.32
N ARG D 287 -3.36 -27.39 -28.38
CA ARG D 287 -3.57 -26.22 -27.59
C ARG D 287 -4.72 -25.39 -28.13
N ILE D 288 -4.81 -25.32 -29.46
CA ILE D 288 -5.94 -24.66 -30.14
C ILE D 288 -7.26 -25.38 -29.81
N GLU D 289 -7.30 -26.71 -29.89
CA GLU D 289 -8.53 -27.42 -29.47
C GLU D 289 -8.93 -27.13 -28.06
N CYS D 290 -7.97 -27.22 -27.14
CA CYS D 290 -8.17 -26.94 -25.71
C CYS D 290 -8.76 -25.55 -25.49
N ALA D 291 -8.23 -24.56 -26.21
CA ALA D 291 -8.79 -23.21 -26.15
C ALA D 291 -10.29 -23.26 -26.48
N GLN D 292 -10.61 -23.84 -27.64
CA GLN D 292 -12.02 -23.98 -28.07
C GLN D 292 -12.87 -24.55 -26.98
N ILE D 293 -12.47 -25.70 -26.41
CA ILE D 293 -13.25 -26.30 -25.31
C ILE D 293 -13.43 -25.29 -24.18
N LEU D 294 -12.37 -24.50 -23.91
CA LEU D 294 -12.42 -23.51 -22.84
C LEU D 294 -13.43 -22.40 -23.17
N TYR D 295 -13.35 -21.88 -24.39
CA TYR D 295 -14.27 -20.82 -24.84
C TYR D 295 -15.74 -21.28 -24.73
N GLU D 296 -16.02 -22.49 -25.23
CA GLU D 296 -17.38 -23.04 -25.17
C GLU D 296 -17.88 -23.10 -23.72
N GLY D 297 -17.03 -23.63 -22.84
CA GLY D 297 -17.42 -23.87 -21.45
C GLY D 297 -17.65 -22.58 -20.72
N LEU D 298 -16.87 -21.54 -21.06
CA LEU D 298 -17.02 -20.23 -20.47
C LEU D 298 -18.33 -19.59 -20.95
N GLY D 299 -18.60 -19.74 -22.25
CA GLY D 299 -19.86 -19.28 -22.87
C GLY D 299 -21.06 -19.83 -22.10
N LYS D 300 -21.10 -21.15 -21.94
CA LYS D 300 -22.20 -21.78 -21.22
C LYS D 300 -22.41 -21.25 -19.80
N MET D 301 -21.36 -20.70 -19.21
CA MET D 301 -21.45 -20.19 -17.83
C MET D 301 -21.88 -18.71 -17.85
N GLY D 302 -21.87 -18.13 -19.05
CA GLY D 302 -22.28 -16.75 -19.25
C GLY D 302 -21.15 -15.79 -18.95
N LEU D 303 -19.92 -16.30 -19.07
CA LEU D 303 -18.73 -15.51 -18.74
C LEU D 303 -18.12 -14.87 -19.97
N ASP D 304 -17.68 -13.63 -19.81
CA ASP D 304 -17.03 -12.92 -20.92
C ASP D 304 -15.49 -13.03 -20.90
N ILE D 305 -14.91 -12.85 -22.09
CA ILE D 305 -13.49 -13.03 -22.32
C ILE D 305 -12.90 -11.68 -22.70
N PHE D 306 -11.87 -11.27 -21.96
CA PHE D 306 -11.23 -9.96 -22.09
C PHE D 306 -10.95 -9.56 -23.54
N VAL D 307 -10.37 -10.47 -24.32
CA VAL D 307 -10.17 -10.22 -25.76
C VAL D 307 -11.38 -10.82 -26.42
N LYS D 308 -12.24 -9.93 -26.89
CA LYS D 308 -13.60 -10.26 -27.34
C LYS D 308 -13.63 -10.96 -28.69
N ASP D 309 -12.91 -10.42 -29.66
CA ASP D 309 -12.84 -11.01 -30.98
C ASP D 309 -11.92 -12.23 -30.98
N PRO D 310 -12.49 -13.43 -31.27
CA PRO D 310 -11.75 -14.71 -31.29
C PRO D 310 -10.53 -14.69 -32.21
N ARG D 311 -10.61 -13.84 -33.24
CA ARG D 311 -9.53 -13.68 -34.23
C ARG D 311 -8.24 -13.17 -33.58
N HIS D 312 -8.37 -12.56 -32.41
CA HIS D 312 -7.28 -11.84 -31.78
C HIS D 312 -6.64 -12.54 -30.56
N ARG D 313 -7.19 -13.70 -30.23
CA ARG D 313 -6.93 -14.39 -28.96
C ARG D 313 -5.70 -15.28 -28.97
N LEU D 314 -4.88 -15.14 -27.91
CA LEU D 314 -3.79 -16.09 -27.67
C LEU D 314 -4.39 -17.31 -26.99
N PRO D 315 -4.31 -18.48 -27.64
CA PRO D 315 -4.88 -19.72 -27.11
C PRO D 315 -4.39 -20.12 -25.72
N THR D 316 -3.14 -19.79 -25.39
CA THR D 316 -2.47 -20.24 -24.16
C THR D 316 -2.82 -19.40 -22.92
N VAL D 317 -3.32 -18.17 -23.12
CA VAL D 317 -3.77 -17.30 -22.00
C VAL D 317 -5.11 -16.65 -22.30
N THR D 318 -6.08 -16.83 -21.41
CA THR D 318 -7.45 -16.31 -21.61
C THR D 318 -7.87 -15.51 -20.40
N GLY D 319 -8.33 -14.28 -20.59
CA GLY D 319 -8.81 -13.47 -19.48
C GLY D 319 -10.29 -13.72 -19.33
N ILE D 320 -10.69 -14.15 -18.15
CA ILE D 320 -12.09 -14.36 -17.83
C ILE D 320 -12.54 -13.16 -17.00
N MET D 321 -13.48 -12.39 -17.54
CA MET D 321 -13.94 -11.16 -16.87
C MET D 321 -14.71 -11.51 -15.61
N ILE D 322 -14.36 -10.84 -14.50
CA ILE D 322 -15.10 -10.99 -13.26
C ILE D 322 -16.51 -10.41 -13.52
N PRO D 323 -17.54 -11.18 -13.20
CA PRO D 323 -18.88 -10.57 -13.23
C PRO D 323 -19.04 -9.54 -12.09
N LYS D 324 -20.03 -8.67 -12.22
CA LYS D 324 -20.27 -7.57 -11.27
C LYS D 324 -20.22 -7.92 -9.79
N GLY D 325 -21.06 -8.84 -9.34
CA GLY D 325 -21.16 -9.08 -7.89
C GLY D 325 -19.95 -9.77 -7.28
N VAL D 326 -18.94 -10.08 -8.10
CA VAL D 326 -18.01 -11.16 -7.77
C VAL D 326 -16.65 -10.74 -7.17
N ASP D 327 -16.33 -11.35 -6.04
CA ASP D 327 -15.01 -11.28 -5.45
C ASP D 327 -14.12 -12.38 -6.09
N TRP D 328 -13.19 -11.94 -6.97
CA TRP D 328 -12.32 -12.84 -7.70
C TRP D 328 -11.43 -13.67 -6.80
N TRP D 329 -10.90 -13.05 -5.75
CA TRP D 329 -10.00 -13.77 -4.85
C TRP D 329 -10.71 -14.82 -4.00
N LYS D 330 -12.02 -14.62 -3.83
CA LYS D 330 -12.84 -15.55 -3.03
C LYS D 330 -13.03 -16.85 -3.82
N VAL D 331 -13.23 -16.70 -5.13
CA VAL D 331 -13.31 -17.81 -6.07
C VAL D 331 -11.97 -18.57 -6.14
N SER D 332 -10.89 -17.87 -6.52
CA SER D 332 -9.53 -18.43 -6.56
C SER D 332 -9.06 -19.19 -5.35
N GLN D 333 -9.38 -18.71 -4.14
CA GLN D 333 -8.88 -19.41 -2.95
C GLN D 333 -9.66 -20.67 -2.70
N TYR D 334 -10.95 -20.61 -2.96
CA TYR D 334 -11.76 -21.80 -2.89
C TYR D 334 -11.19 -22.86 -3.87
N ALA D 335 -10.88 -22.42 -5.10
CA ALA D 335 -10.38 -23.29 -6.14
C ALA D 335 -9.13 -24.04 -5.67
N MET D 336 -8.23 -23.35 -4.98
CA MET D 336 -6.98 -23.91 -4.55
C MET D 336 -7.21 -24.81 -3.35
N ASN D 337 -8.07 -24.37 -2.45
CA ASN D 337 -8.28 -25.12 -1.20
C ASN D 337 -9.05 -26.40 -1.41
N ASN D 338 -9.87 -26.40 -2.45
CA ASN D 338 -10.78 -27.50 -2.72
C ASN D 338 -10.39 -28.41 -3.89
N PHE D 339 -9.67 -27.84 -4.86
CA PHE D 339 -9.29 -28.59 -6.03
C PHE D 339 -7.76 -28.58 -6.31
N SER D 340 -7.00 -27.86 -5.46
CA SER D 340 -5.59 -27.56 -5.69
C SER D 340 -5.43 -26.92 -7.04
N LEU D 341 -6.50 -26.22 -7.45
CA LEU D 341 -6.54 -25.61 -8.75
C LEU D 341 -6.04 -24.16 -8.68
N GLU D 342 -5.14 -23.83 -9.59
CA GLU D 342 -4.60 -22.49 -9.68
C GLU D 342 -5.47 -21.66 -10.62
N VAL D 343 -6.20 -20.72 -10.03
CA VAL D 343 -7.02 -19.80 -10.79
C VAL D 343 -6.39 -18.42 -10.55
N GLN D 344 -5.58 -18.00 -11.50
CA GLN D 344 -4.76 -16.80 -11.37
C GLN D 344 -5.59 -15.55 -11.63
N GLY D 345 -5.24 -14.46 -10.95
CA GLY D 345 -5.91 -13.18 -11.13
C GLY D 345 -5.40 -12.44 -12.35
N GLY D 346 -5.64 -11.12 -12.40
CA GLY D 346 -5.23 -10.28 -13.53
C GLY D 346 -3.86 -9.63 -13.35
N LEU D 347 -3.39 -8.99 -14.42
CA LEU D 347 -2.11 -8.32 -14.45
C LEU D 347 -2.21 -7.22 -15.49
N GLY D 348 -1.62 -6.06 -15.22
CA GLY D 348 -1.66 -4.97 -16.18
C GLY D 348 -3.09 -4.74 -16.61
N PRO D 349 -3.37 -4.80 -17.93
CA PRO D 349 -4.70 -4.56 -18.49
C PRO D 349 -5.84 -5.27 -17.77
N THR D 350 -5.54 -6.41 -17.13
CA THR D 350 -6.60 -7.26 -16.58
C THR D 350 -6.60 -7.21 -15.08
N PHE D 351 -5.75 -6.35 -14.52
CA PHE D 351 -5.69 -6.23 -13.06
C PHE D 351 -7.03 -5.79 -12.47
N GLY D 352 -7.59 -6.61 -11.58
CA GLY D 352 -8.93 -6.38 -10.98
C GLY D 352 -10.12 -6.58 -11.92
N LYS D 353 -9.86 -6.82 -13.21
CA LYS D 353 -10.94 -7.04 -14.20
C LYS D 353 -11.21 -8.52 -14.61
N ALA D 354 -10.16 -9.35 -14.59
CA ALA D 354 -10.29 -10.74 -15.06
C ALA D 354 -9.43 -11.73 -14.27
N TRP D 355 -9.80 -13.01 -14.31
CA TRP D 355 -8.86 -14.07 -13.99
C TRP D 355 -8.11 -14.44 -15.25
N ARG D 356 -7.00 -15.17 -15.10
CA ARG D 356 -6.23 -15.59 -16.29
C ARG D 356 -6.00 -17.11 -16.29
N VAL D 357 -6.45 -17.75 -17.38
CA VAL D 357 -6.26 -19.19 -17.56
C VAL D 357 -5.18 -19.42 -18.59
N GLY D 358 -4.20 -20.23 -18.20
CA GLY D 358 -3.17 -20.63 -19.13
C GLY D 358 -3.41 -22.06 -19.57
N ILE D 359 -3.08 -22.32 -20.83
CA ILE D 359 -3.06 -23.66 -21.40
C ILE D 359 -1.60 -23.90 -21.80
N MET D 360 -0.86 -24.54 -20.89
CA MET D 360 0.60 -24.57 -20.97
C MET D 360 1.16 -25.78 -20.25
N GLY D 361 2.31 -26.28 -20.74
CA GLY D 361 2.99 -27.39 -20.08
C GLY D 361 2.09 -28.59 -19.97
N GLU D 362 2.02 -29.20 -18.79
CA GLU D 362 1.35 -30.50 -18.66
C GLU D 362 -0.17 -30.46 -18.54
N CYS D 363 -0.75 -29.26 -18.55
CA CYS D 363 -2.20 -29.11 -18.45
C CYS D 363 -2.81 -28.75 -19.80
N SER D 364 -2.11 -29.06 -20.88
CA SER D 364 -2.58 -28.73 -22.23
C SER D 364 -3.33 -29.93 -22.80
N THR D 365 -4.23 -30.48 -21.99
CA THR D 365 -5.07 -31.59 -22.44
C THR D 365 -6.54 -31.26 -22.23
N VAL D 366 -7.38 -31.88 -23.05
CA VAL D 366 -8.83 -31.79 -22.98
C VAL D 366 -9.33 -32.10 -21.59
N GLN D 367 -8.75 -33.10 -20.95
CA GLN D 367 -9.15 -33.51 -19.61
C GLN D 367 -8.84 -32.48 -18.58
N LYS D 368 -7.72 -31.80 -18.77
CA LYS D 368 -7.29 -30.77 -17.85
C LYS D 368 -8.20 -29.55 -17.96
N ILE D 369 -8.49 -29.17 -19.20
CA ILE D 369 -9.41 -28.05 -19.48
C ILE D 369 -10.83 -28.32 -18.94
N GLN D 370 -11.29 -29.56 -19.08
CA GLN D 370 -12.57 -29.95 -18.50
C GLN D 370 -12.57 -29.82 -17.01
N PHE D 371 -11.53 -30.35 -16.36
CA PHE D 371 -11.42 -30.21 -14.93
C PHE D 371 -11.37 -28.74 -14.47
N TYR D 372 -10.64 -27.90 -15.22
CA TYR D 372 -10.57 -26.48 -14.91
C TYR D 372 -11.98 -25.88 -14.90
N LEU D 373 -12.74 -26.09 -15.98
CA LEU D 373 -14.12 -25.62 -16.12
C LEU D 373 -14.97 -26.10 -14.97
N TYR D 374 -14.87 -27.39 -14.65
CA TYR D 374 -15.57 -27.95 -13.51
C TYR D 374 -15.20 -27.28 -12.19
N GLY D 375 -13.91 -27.21 -11.87
CA GLY D 375 -13.44 -26.65 -10.60
C GLY D 375 -13.67 -25.14 -10.52
N PHE D 376 -13.42 -24.43 -11.62
CA PHE D 376 -13.81 -23.04 -11.67
C PHE D 376 -15.32 -22.84 -11.35
N LYS D 377 -16.18 -23.53 -12.09
CA LYS D 377 -17.62 -23.39 -11.86
C LYS D 377 -18.01 -23.70 -10.43
N GLU D 378 -17.61 -24.87 -9.92
CA GLU D 378 -17.92 -25.24 -8.56
C GLU D 378 -17.45 -24.18 -7.59
N SER D 379 -16.38 -23.49 -7.99
CA SER D 379 -15.74 -22.54 -7.10
C SER D 379 -16.46 -21.19 -7.03
N LEU D 380 -16.85 -20.68 -8.20
CA LEU D 380 -17.76 -19.57 -8.34
C LEU D 380 -19.12 -19.83 -7.65
N LYS D 381 -19.64 -21.05 -7.83
CA LYS D 381 -20.94 -21.47 -7.32
C LYS D 381 -20.98 -21.50 -5.80
N ALA D 382 -20.01 -22.16 -5.17
CA ALA D 382 -20.00 -22.32 -3.71
C ALA D 382 -19.69 -21.00 -3.00
N THR D 383 -19.27 -20.02 -3.79
CA THR D 383 -18.61 -18.87 -3.24
C THR D 383 -19.51 -17.66 -3.44
N HIS D 384 -20.32 -17.73 -4.48
CA HIS D 384 -21.26 -16.68 -4.84
C HIS D 384 -22.55 -17.38 -5.27
N PRO D 385 -23.34 -17.88 -4.28
CA PRO D 385 -24.55 -18.68 -4.53
C PRO D 385 -25.65 -17.97 -5.35
N ASP D 386 -25.56 -16.64 -5.48
CA ASP D 386 -26.54 -15.91 -6.27
C ASP D 386 -26.10 -15.69 -7.71
N TYR D 387 -24.89 -16.12 -8.05
CA TYR D 387 -24.50 -16.05 -9.45
C TYR D 387 -25.39 -16.98 -10.31
N ILE D 388 -25.79 -16.49 -11.48
CA ILE D 388 -26.64 -17.29 -12.37
C ILE D 388 -25.93 -17.71 -13.67
N PHE D 389 -25.98 -19.00 -13.94
CA PHE D 389 -25.28 -19.59 -15.09
C PHE D 389 -26.22 -19.71 -16.31
N1 PLP E . 33.75 -15.22 -7.57
C2 PLP E . 34.48 -16.23 -6.95
C2A PLP E . 35.32 -15.90 -5.76
C3 PLP E . 34.42 -17.55 -7.43
O3 PLP E . 35.06 -18.48 -6.89
C4 PLP E . 33.62 -17.84 -8.55
C4A PLP E . 33.59 -19.26 -9.06
C5 PLP E . 32.89 -16.79 -9.16
C6 PLP E . 32.95 -15.49 -8.67
C5A PLP E . 32.06 -17.08 -10.36
O4P PLP E . 30.67 -17.40 -10.17
P PLP E . 29.78 -18.02 -11.31
O1P PLP E . 30.73 -18.85 -12.08
O2P PLP E . 28.80 -18.84 -10.55
O3P PLP E . 29.17 -16.89 -12.06
C1 GOL F . 35.46 -20.79 -10.64
O1 GOL F . 36.86 -20.89 -10.51
C2 GOL F . 34.91 -21.46 -11.90
O2 GOL F . 33.62 -21.97 -11.67
C3 GOL F . 35.77 -22.65 -12.29
O3 GOL F . 36.83 -22.16 -13.06
N1 PLP G . -30.71 16.69 24.39
C2 PLP G . -32.06 16.45 24.13
C2A PLP G . -33.13 17.21 24.86
C3 PLP G . -32.42 15.48 23.17
O3 PLP G . -33.62 15.25 22.93
C4 PLP G . -31.43 14.76 22.48
C4A PLP G . -31.88 13.73 21.47
C5 PLP G . -30.07 15.01 22.77
C6 PLP G . -29.71 15.99 23.72
C5A PLP G . -28.98 14.27 22.06
O4P PLP G . -28.45 14.82 20.84
P PLP G . -27.59 13.95 19.78
O1P PLP G . -28.19 12.60 19.87
O2P PLP G . -27.83 14.65 18.51
O3P PLP G . -26.15 14.02 20.21
C1 GOL H . -33.05 10.79 21.84
O1 GOL H . -34.07 10.11 22.53
C2 GOL H . -32.22 9.84 21.00
O2 GOL H . -32.03 10.46 19.74
C3 GOL H . -32.88 8.44 20.87
O3 GOL H . -31.91 7.41 20.78
N1 PLP I . -4.50 18.07 9.00
C2 PLP I . -4.08 18.13 7.67
C2A PLP I . -2.82 17.41 7.26
C3 PLP I . -4.84 18.83 6.70
O3 PLP I . -4.49 18.88 5.52
C4 PLP I . -6.02 19.49 7.08
C4A PLP I . -6.80 20.27 6.03
C5 PLP I . -6.43 19.45 8.42
C6 PLP I . -5.69 18.73 9.38
C5A PLP I . -7.67 20.16 8.81
O4P PLP I . -8.92 19.44 8.82
P PLP I . -10.39 20.11 8.95
O1P PLP I . -10.23 21.40 8.23
O2P PLP I . -11.17 19.10 8.20
O3P PLP I . -10.71 20.16 10.41
C1 GOL J . -6.17 22.89 4.45
O1 GOL J . -5.40 23.91 3.86
C2 GOL J . -7.29 23.42 5.34
O2 GOL J . -8.58 23.08 4.82
C3 GOL J . -7.22 24.92 5.50
O3 GOL J . -7.19 25.49 4.20
N1 PLP K . 6.96 -11.79 -21.34
C2 PLP K . 5.77 -12.51 -21.49
C2A PLP K . 5.04 -12.48 -22.81
C3 PLP K . 5.27 -13.28 -20.42
O3 PLP K . 4.24 -13.93 -20.53
C4 PLP K . 5.95 -13.35 -19.21
C4A PLP K . 5.37 -14.18 -18.05
C5 PLP K . 7.12 -12.59 -19.05
C6 PLP K . 7.64 -11.82 -20.11
C5A PLP K . 7.84 -12.63 -17.74
O4P PLP K . 8.85 -13.66 -17.59
P PLP K . 9.57 -14.02 -16.20
O1P PLP K . 8.50 -13.90 -15.18
O2P PLP K . 9.91 -15.42 -16.59
O3P PLP K . 10.74 -13.08 -15.98
C1 GOL L . 3.19 -13.95 -16.23
O1 GOL L . 1.81 -13.69 -16.09
C2 GOL L . 3.96 -14.01 -14.90
O2 GOL L . 4.68 -15.24 -14.70
C3 GOL L . 3.13 -13.60 -13.68
O3 GOL L . 1.77 -14.01 -13.79
#